data_3HVW
# 
_entry.id   3HVW 
# 
_audit_conform.dict_name       mmcif_pdbx.dic 
_audit_conform.dict_version    5.398 
_audit_conform.dict_location   http://mmcif.pdb.org/dictionaries/ascii/mmcif_pdbx.dic 
# 
loop_
_database_2.database_id 
_database_2.database_code 
_database_2.pdbx_database_accession 
_database_2.pdbx_DOI 
PDB   3HVW         pdb_00003hvw 10.2210/pdb3hvw/pdb 
RCSB  RCSB053645   ?            ?                   
WWPDB D_1000053645 ?            ?                   
# 
loop_
_pdbx_audit_revision_history.ordinal 
_pdbx_audit_revision_history.data_content_type 
_pdbx_audit_revision_history.major_revision 
_pdbx_audit_revision_history.minor_revision 
_pdbx_audit_revision_history.revision_date 
1 'Structure model' 1 0 2009-06-23 
2 'Structure model' 1 1 2011-07-13 
3 'Structure model' 1 2 2017-11-01 
4 'Structure model' 1 3 2019-07-24 
5 'Structure model' 1 4 2024-11-06 
# 
_pdbx_audit_revision_details.ordinal             1 
_pdbx_audit_revision_details.revision_ordinal    1 
_pdbx_audit_revision_details.data_content_type   'Structure model' 
_pdbx_audit_revision_details.provider            repository 
_pdbx_audit_revision_details.type                'Initial release' 
_pdbx_audit_revision_details.description         ? 
_pdbx_audit_revision_details.details             ? 
# 
loop_
_pdbx_audit_revision_group.ordinal 
_pdbx_audit_revision_group.revision_ordinal 
_pdbx_audit_revision_group.data_content_type 
_pdbx_audit_revision_group.group 
1 2 'Structure model' 'Version format compliance' 
2 3 'Structure model' 'Refinement description'    
3 4 'Structure model' 'Data collection'           
4 4 'Structure model' 'Derived calculations'      
5 4 'Structure model' 'Refinement description'    
6 5 'Structure model' 'Data collection'           
7 5 'Structure model' 'Database references'       
8 5 'Structure model' 'Structure summary'         
# 
loop_
_pdbx_audit_revision_category.ordinal 
_pdbx_audit_revision_category.revision_ordinal 
_pdbx_audit_revision_category.data_content_type 
_pdbx_audit_revision_category.category 
1 3 'Structure model' software                  
2 4 'Structure model' software                  
3 4 'Structure model' struct_conn               
4 5 'Structure model' chem_comp_atom            
5 5 'Structure model' chem_comp_bond            
6 5 'Structure model' database_2                
7 5 'Structure model' pdbx_entry_details        
8 5 'Structure model' pdbx_modification_feature 
9 5 'Structure model' struct_ref_seq_dif        
# 
loop_
_pdbx_audit_revision_item.ordinal 
_pdbx_audit_revision_item.revision_ordinal 
_pdbx_audit_revision_item.data_content_type 
_pdbx_audit_revision_item.item 
1  3 'Structure model' '_software.name'                      
2  4 'Structure model' '_software.contact_author'            
3  4 'Structure model' '_software.contact_author_email'      
4  4 'Structure model' '_software.language'                  
5  4 'Structure model' '_software.location'                  
6  4 'Structure model' '_software.name'                      
7  4 'Structure model' '_software.type'                      
8  4 'Structure model' '_software.version'                   
9  4 'Structure model' '_struct_conn.pdbx_leaving_atom_flag' 
10 5 'Structure model' '_database_2.pdbx_DOI'                
11 5 'Structure model' '_database_2.pdbx_database_accession' 
12 5 'Structure model' '_struct_ref_seq_dif.details'         
# 
_pdbx_database_status.entry_id                        3HVW 
_pdbx_database_status.deposit_site                    RCSB 
_pdbx_database_status.process_site                    RCSB 
_pdbx_database_status.recvd_initial_deposition_date   2009-06-16 
_pdbx_database_status.status_code                     REL 
_pdbx_database_status.status_code_sf                  REL 
_pdbx_database_status.status_code_mr                  ? 
_pdbx_database_status.SG_entry                        Y 
_pdbx_database_status.pdb_format_compatible           Y 
_pdbx_database_status.status_code_cs                  ? 
_pdbx_database_status.methods_development_category    ? 
_pdbx_database_status.status_code_nmr_data            ? 
# 
_pdbx_database_related.db_name        TargetDB 
_pdbx_database_related.db_id          PaR365C 
_pdbx_database_related.details        . 
_pdbx_database_related.content_type   unspecified 
# 
loop_
_audit_author.name 
_audit_author.pdbx_ordinal 
'Forouhar, F.'                                    1  
'Lew, S.'                                         2  
'Seetharaman, J.'                                 3  
'Sahdev, S.'                                      4  
'Xiao, R.'                                        5  
'Ciccosanti, C.'                                  6  
'Foote, E.L.'                                     7  
'Wang, H.'                                        8  
'Everett, J.K.'                                   9  
'Nair, R.'                                        10 
'Acton, T.B.'                                     11 
'Rost, B.'                                        12 
'Montelione, G.T.'                                13 
'Hunt, J.F.'                                      14 
'Tong, L.'                                        15 
'Northeast Structural Genomics Consortium (NESG)' 16 
# 
_citation.id                        primary 
_citation.title                     'Northeast Structural Genomics Consortium Target PaR365C' 
_citation.journal_abbrev            'To be published' 
_citation.journal_volume            ? 
_citation.page_first                ? 
_citation.page_last                 ? 
_citation.year                      ? 
_citation.journal_id_ASTM           ? 
_citation.country                   ? 
_citation.journal_id_ISSN           ? 
_citation.journal_id_CSD            0353 
_citation.book_publisher            ? 
_citation.pdbx_database_id_PubMed   ? 
_citation.pdbx_database_id_DOI      ? 
# 
loop_
_citation_author.citation_id 
_citation_author.name 
_citation_author.ordinal 
_citation_author.identifier_ORCID 
primary 'Forouhar, F.'     1  ? 
primary 'Lew, S.'          2  ? 
primary 'Seetharaman, J.'  3  ? 
primary 'Sahdev, S.'       4  ? 
primary 'Xiao, R.'         5  ? 
primary 'Ciccosanti, C.'   6  ? 
primary 'Foote, E.L.'      7  ? 
primary 'Wang, H.'         8  ? 
primary 'Everett, J.K.'    9  ? 
primary 'Nair, R.'         10 ? 
primary 'Acton, T.B.'      11 ? 
primary 'Rost, B.'         12 ? 
primary 'Montelione, G.T.' 13 ? 
primary 'Hunt, J.F.'       14 ? 
primary 'Tong, L.'         15 ? 
# 
loop_
_entity.id 
_entity.type 
_entity.src_method 
_entity.pdbx_description 
_entity.formula_weight 
_entity.pdbx_number_of_molecules 
_entity.pdbx_ec 
_entity.pdbx_mutation 
_entity.pdbx_fragment 
_entity.details 
1 polymer man 'Diguanylate-cyclase (DGC)' 20094.611 1   ? ? 'GGDEF domain' ? 
2 water   nat water                       18.015    235 ? ? ?              ? 
# 
_entity_poly.entity_id                      1 
_entity_poly.type                           'polypeptide(L)' 
_entity_poly.nstd_linkage                   no 
_entity_poly.nstd_monomer                   yes 
_entity_poly.pdbx_seq_one_letter_code       
;(MSE)IDEPTGLYNRLRLQEDVSLRLQRDGALTVIAADLLPLALLNTIIRTLGYPFSNDL(MSE)LEARDRIRAELPDFT
LYKISPTRFGLLLPRQQQEETESVCLRLLRAFESPVVCRGIPIKANVGLGVLPLADDTLDGDQDWLRLVVSAADDARDRG
VGWARYNPPLDQAQQRLEHHHHHH
;
_entity_poly.pdbx_seq_one_letter_code_can   
;MIDEPTGLYNRLRLQEDVSLRLQRDGALTVIAADLLPLALLNTIIRTLGYPFSNDLMLEARDRIRAELPDFTLYKISPTR
FGLLLPRQQQEETESVCLRLLRAFESPVVCRGIPIKANVGLGVLPLADDTLDGDQDWLRLVVSAADDARDRGVGWARYNP
PLDQAQQRLEHHHHHH
;
_entity_poly.pdbx_strand_id                 A 
_entity_poly.pdbx_target_identifier         PaR365C 
# 
_pdbx_entity_nonpoly.entity_id   2 
_pdbx_entity_nonpoly.name        water 
_pdbx_entity_nonpoly.comp_id     HOH 
# 
loop_
_entity_poly_seq.entity_id 
_entity_poly_seq.num 
_entity_poly_seq.mon_id 
_entity_poly_seq.hetero 
1 1   MSE n 
1 2   ILE n 
1 3   ASP n 
1 4   GLU n 
1 5   PRO n 
1 6   THR n 
1 7   GLY n 
1 8   LEU n 
1 9   TYR n 
1 10  ASN n 
1 11  ARG n 
1 12  LEU n 
1 13  ARG n 
1 14  LEU n 
1 15  GLN n 
1 16  GLU n 
1 17  ASP n 
1 18  VAL n 
1 19  SER n 
1 20  LEU n 
1 21  ARG n 
1 22  LEU n 
1 23  GLN n 
1 24  ARG n 
1 25  ASP n 
1 26  GLY n 
1 27  ALA n 
1 28  LEU n 
1 29  THR n 
1 30  VAL n 
1 31  ILE n 
1 32  ALA n 
1 33  ALA n 
1 34  ASP n 
1 35  LEU n 
1 36  LEU n 
1 37  PRO n 
1 38  LEU n 
1 39  ALA n 
1 40  LEU n 
1 41  LEU n 
1 42  ASN n 
1 43  THR n 
1 44  ILE n 
1 45  ILE n 
1 46  ARG n 
1 47  THR n 
1 48  LEU n 
1 49  GLY n 
1 50  TYR n 
1 51  PRO n 
1 52  PHE n 
1 53  SER n 
1 54  ASN n 
1 55  ASP n 
1 56  LEU n 
1 57  MSE n 
1 58  LEU n 
1 59  GLU n 
1 60  ALA n 
1 61  ARG n 
1 62  ASP n 
1 63  ARG n 
1 64  ILE n 
1 65  ARG n 
1 66  ALA n 
1 67  GLU n 
1 68  LEU n 
1 69  PRO n 
1 70  ASP n 
1 71  PHE n 
1 72  THR n 
1 73  LEU n 
1 74  TYR n 
1 75  LYS n 
1 76  ILE n 
1 77  SER n 
1 78  PRO n 
1 79  THR n 
1 80  ARG n 
1 81  PHE n 
1 82  GLY n 
1 83  LEU n 
1 84  LEU n 
1 85  LEU n 
1 86  PRO n 
1 87  ARG n 
1 88  GLN n 
1 89  GLN n 
1 90  GLN n 
1 91  GLU n 
1 92  GLU n 
1 93  THR n 
1 94  GLU n 
1 95  SER n 
1 96  VAL n 
1 97  CYS n 
1 98  LEU n 
1 99  ARG n 
1 100 LEU n 
1 101 LEU n 
1 102 ARG n 
1 103 ALA n 
1 104 PHE n 
1 105 GLU n 
1 106 SER n 
1 107 PRO n 
1 108 VAL n 
1 109 VAL n 
1 110 CYS n 
1 111 ARG n 
1 112 GLY n 
1 113 ILE n 
1 114 PRO n 
1 115 ILE n 
1 116 LYS n 
1 117 ALA n 
1 118 ASN n 
1 119 VAL n 
1 120 GLY n 
1 121 LEU n 
1 122 GLY n 
1 123 VAL n 
1 124 LEU n 
1 125 PRO n 
1 126 LEU n 
1 127 ALA n 
1 128 ASP n 
1 129 ASP n 
1 130 THR n 
1 131 LEU n 
1 132 ASP n 
1 133 GLY n 
1 134 ASP n 
1 135 GLN n 
1 136 ASP n 
1 137 TRP n 
1 138 LEU n 
1 139 ARG n 
1 140 LEU n 
1 141 VAL n 
1 142 VAL n 
1 143 SER n 
1 144 ALA n 
1 145 ALA n 
1 146 ASP n 
1 147 ASP n 
1 148 ALA n 
1 149 ARG n 
1 150 ASP n 
1 151 ARG n 
1 152 GLY n 
1 153 VAL n 
1 154 GLY n 
1 155 TRP n 
1 156 ALA n 
1 157 ARG n 
1 158 TYR n 
1 159 ASN n 
1 160 PRO n 
1 161 PRO n 
1 162 LEU n 
1 163 ASP n 
1 164 GLN n 
1 165 ALA n 
1 166 GLN n 
1 167 GLN n 
1 168 ARG n 
1 169 LEU n 
1 170 GLU n 
1 171 HIS n 
1 172 HIS n 
1 173 HIS n 
1 174 HIS n 
1 175 HIS n 
1 176 HIS n 
# 
_entity_src_gen.entity_id                          1 
_entity_src_gen.pdbx_src_id                        1 
_entity_src_gen.pdbx_alt_source_flag               sample 
_entity_src_gen.pdbx_seq_type                      ? 
_entity_src_gen.pdbx_beg_seq_num                   ? 
_entity_src_gen.pdbx_end_seq_num                   ? 
_entity_src_gen.gene_src_common_name               ? 
_entity_src_gen.gene_src_genus                     ? 
_entity_src_gen.pdbx_gene_src_gene                 PA2567 
_entity_src_gen.gene_src_species                   ? 
_entity_src_gen.gene_src_strain                    PAO1 
_entity_src_gen.gene_src_tissue                    ? 
_entity_src_gen.gene_src_tissue_fraction           ? 
_entity_src_gen.gene_src_details                   ? 
_entity_src_gen.pdbx_gene_src_fragment             ? 
_entity_src_gen.pdbx_gene_src_scientific_name      'Pseudomonas aeruginosa' 
_entity_src_gen.pdbx_gene_src_ncbi_taxonomy_id     287 
_entity_src_gen.pdbx_gene_src_variant              ? 
_entity_src_gen.pdbx_gene_src_cell_line            ? 
_entity_src_gen.pdbx_gene_src_atcc                 ? 
_entity_src_gen.pdbx_gene_src_organ                ? 
_entity_src_gen.pdbx_gene_src_organelle            ? 
_entity_src_gen.pdbx_gene_src_cell                 ? 
_entity_src_gen.pdbx_gene_src_cellular_location    ? 
_entity_src_gen.host_org_common_name               ? 
_entity_src_gen.pdbx_host_org_scientific_name      'Escherichia coli' 
_entity_src_gen.pdbx_host_org_ncbi_taxonomy_id     562 
_entity_src_gen.host_org_genus                     ? 
_entity_src_gen.pdbx_host_org_gene                 ? 
_entity_src_gen.pdbx_host_org_organ                ? 
_entity_src_gen.host_org_species                   ? 
_entity_src_gen.pdbx_host_org_tissue               ? 
_entity_src_gen.pdbx_host_org_tissue_fraction      ? 
_entity_src_gen.pdbx_host_org_strain               'BL21(DE3)+ Magic' 
_entity_src_gen.pdbx_host_org_variant              ? 
_entity_src_gen.pdbx_host_org_cell_line            ? 
_entity_src_gen.pdbx_host_org_atcc                 ? 
_entity_src_gen.pdbx_host_org_culture_collection   ? 
_entity_src_gen.pdbx_host_org_cell                 ? 
_entity_src_gen.pdbx_host_org_organelle            ? 
_entity_src_gen.pdbx_host_org_cellular_location    ? 
_entity_src_gen.pdbx_host_org_vector_type          ? 
_entity_src_gen.pdbx_host_org_vector               'pET 21-23C' 
_entity_src_gen.host_org_details                   ? 
_entity_src_gen.expression_system_id               ? 
_entity_src_gen.plasmid_name                       BL21 
_entity_src_gen.plasmid_details                    ? 
_entity_src_gen.pdbx_description                   ? 
# 
loop_
_chem_comp.id 
_chem_comp.type 
_chem_comp.mon_nstd_flag 
_chem_comp.name 
_chem_comp.pdbx_synonyms 
_chem_comp.formula 
_chem_comp.formula_weight 
ALA 'L-peptide linking' y ALANINE          ? 'C3 H7 N O2'     89.093  
ARG 'L-peptide linking' y ARGININE         ? 'C6 H15 N4 O2 1' 175.209 
ASN 'L-peptide linking' y ASPARAGINE       ? 'C4 H8 N2 O3'    132.118 
ASP 'L-peptide linking' y 'ASPARTIC ACID'  ? 'C4 H7 N O4'     133.103 
CYS 'L-peptide linking' y CYSTEINE         ? 'C3 H7 N O2 S'   121.158 
GLN 'L-peptide linking' y GLUTAMINE        ? 'C5 H10 N2 O3'   146.144 
GLU 'L-peptide linking' y 'GLUTAMIC ACID'  ? 'C5 H9 N O4'     147.129 
GLY 'peptide linking'   y GLYCINE          ? 'C2 H5 N O2'     75.067  
HIS 'L-peptide linking' y HISTIDINE        ? 'C6 H10 N3 O2 1' 156.162 
HOH non-polymer         . WATER            ? 'H2 O'           18.015  
ILE 'L-peptide linking' y ISOLEUCINE       ? 'C6 H13 N O2'    131.173 
LEU 'L-peptide linking' y LEUCINE          ? 'C6 H13 N O2'    131.173 
LYS 'L-peptide linking' y LYSINE           ? 'C6 H15 N2 O2 1' 147.195 
MSE 'L-peptide linking' n SELENOMETHIONINE ? 'C5 H11 N O2 Se' 196.106 
PHE 'L-peptide linking' y PHENYLALANINE    ? 'C9 H11 N O2'    165.189 
PRO 'L-peptide linking' y PROLINE          ? 'C5 H9 N O2'     115.130 
SER 'L-peptide linking' y SERINE           ? 'C3 H7 N O3'     105.093 
THR 'L-peptide linking' y THREONINE        ? 'C4 H9 N O3'     119.119 
TRP 'L-peptide linking' y TRYPTOPHAN       ? 'C11 H12 N2 O2'  204.225 
TYR 'L-peptide linking' y TYROSINE         ? 'C9 H11 N O3'    181.189 
VAL 'L-peptide linking' y VALINE           ? 'C5 H11 N O2'    117.146 
# 
loop_
_pdbx_poly_seq_scheme.asym_id 
_pdbx_poly_seq_scheme.entity_id 
_pdbx_poly_seq_scheme.seq_id 
_pdbx_poly_seq_scheme.mon_id 
_pdbx_poly_seq_scheme.ndb_seq_num 
_pdbx_poly_seq_scheme.pdb_seq_num 
_pdbx_poly_seq_scheme.auth_seq_num 
_pdbx_poly_seq_scheme.pdb_mon_id 
_pdbx_poly_seq_scheme.auth_mon_id 
_pdbx_poly_seq_scheme.pdb_strand_id 
_pdbx_poly_seq_scheme.pdb_ins_code 
_pdbx_poly_seq_scheme.hetero 
A 1 1   MSE 1   167 ?   ?   ?   A . n 
A 1 2   ILE 2   168 ?   ?   ?   A . n 
A 1 3   ASP 3   169 ?   ?   ?   A . n 
A 1 4   GLU 4   170 ?   ?   ?   A . n 
A 1 5   PRO 5   171 ?   ?   ?   A . n 
A 1 6   THR 6   172 ?   ?   ?   A . n 
A 1 7   GLY 7   173 ?   ?   ?   A . n 
A 1 8   LEU 8   174 ?   ?   ?   A . n 
A 1 9   TYR 9   175 175 TYR TYR A . n 
A 1 10  ASN 10  176 176 ASN ASN A . n 
A 1 11  ARG 11  177 177 ARG ARG A . n 
A 1 12  LEU 12  178 178 LEU LEU A . n 
A 1 13  ARG 13  179 179 ARG ARG A . n 
A 1 14  LEU 14  180 180 LEU LEU A . n 
A 1 15  GLN 15  181 181 GLN GLN A . n 
A 1 16  GLU 16  182 182 GLU GLU A . n 
A 1 17  ASP 17  183 183 ASP ASP A . n 
A 1 18  VAL 18  184 184 VAL VAL A . n 
A 1 19  SER 19  185 185 SER SER A . n 
A 1 20  LEU 20  186 186 LEU LEU A . n 
A 1 21  ARG 21  187 187 ARG ARG A . n 
A 1 22  LEU 22  188 188 LEU LEU A . n 
A 1 23  GLN 23  189 189 GLN GLN A . n 
A 1 24  ARG 24  190 190 ARG ARG A . n 
A 1 25  ASP 25  191 191 ASP ASP A . n 
A 1 26  GLY 26  192 192 GLY GLY A . n 
A 1 27  ALA 27  193 193 ALA ALA A . n 
A 1 28  LEU 28  194 194 LEU LEU A . n 
A 1 29  THR 29  195 195 THR THR A . n 
A 1 30  VAL 30  196 196 VAL VAL A . n 
A 1 31  ILE 31  197 197 ILE ILE A . n 
A 1 32  ALA 32  198 198 ALA ALA A . n 
A 1 33  ALA 33  199 199 ALA ALA A . n 
A 1 34  ASP 34  200 200 ASP ASP A . n 
A 1 35  LEU 35  201 201 LEU LEU A . n 
A 1 36  LEU 36  202 202 LEU LEU A . n 
A 1 37  PRO 37  203 203 PRO PRO A . n 
A 1 38  LEU 38  204 204 LEU LEU A . n 
A 1 39  ALA 39  205 205 ALA ALA A . n 
A 1 40  LEU 40  206 206 LEU LEU A . n 
A 1 41  LEU 41  207 207 LEU LEU A . n 
A 1 42  ASN 42  208 208 ASN ASN A . n 
A 1 43  THR 43  209 209 THR THR A . n 
A 1 44  ILE 44  210 210 ILE ILE A . n 
A 1 45  ILE 45  211 211 ILE ILE A . n 
A 1 46  ARG 46  212 212 ARG ARG A . n 
A 1 47  THR 47  213 213 THR THR A . n 
A 1 48  LEU 48  214 214 LEU LEU A . n 
A 1 49  GLY 49  215 215 GLY GLY A . n 
A 1 50  TYR 50  216 216 TYR TYR A . n 
A 1 51  PRO 51  217 217 PRO PRO A . n 
A 1 52  PHE 52  218 218 PHE PHE A . n 
A 1 53  SER 53  219 219 SER SER A . n 
A 1 54  ASN 54  220 220 ASN ASN A . n 
A 1 55  ASP 55  221 221 ASP ASP A . n 
A 1 56  LEU 56  222 222 LEU LEU A . n 
A 1 57  MSE 57  223 223 MSE MSE A . n 
A 1 58  LEU 58  224 224 LEU LEU A . n 
A 1 59  GLU 59  225 225 GLU GLU A . n 
A 1 60  ALA 60  226 226 ALA ALA A . n 
A 1 61  ARG 61  227 227 ARG ARG A . n 
A 1 62  ASP 62  228 228 ASP ASP A . n 
A 1 63  ARG 63  229 229 ARG ARG A . n 
A 1 64  ILE 64  230 230 ILE ILE A . n 
A 1 65  ARG 65  231 231 ARG ARG A . n 
A 1 66  ALA 66  232 232 ALA ALA A . n 
A 1 67  GLU 67  233 233 GLU GLU A . n 
A 1 68  LEU 68  234 234 LEU LEU A . n 
A 1 69  PRO 69  235 235 PRO PRO A . n 
A 1 70  ASP 70  236 236 ASP ASP A . n 
A 1 71  PHE 71  237 237 PHE PHE A . n 
A 1 72  THR 72  238 238 THR THR A . n 
A 1 73  LEU 73  239 239 LEU LEU A . n 
A 1 74  TYR 74  240 240 TYR TYR A . n 
A 1 75  LYS 75  241 241 LYS LYS A . n 
A 1 76  ILE 76  242 242 ILE ILE A . n 
A 1 77  SER 77  243 243 SER SER A . n 
A 1 78  PRO 78  244 244 PRO PRO A . n 
A 1 79  THR 79  245 245 THR THR A . n 
A 1 80  ARG 80  246 246 ARG ARG A . n 
A 1 81  PHE 81  247 247 PHE PHE A . n 
A 1 82  GLY 82  248 248 GLY GLY A . n 
A 1 83  LEU 83  249 249 LEU LEU A . n 
A 1 84  LEU 84  250 250 LEU LEU A . n 
A 1 85  LEU 85  251 251 LEU LEU A . n 
A 1 86  PRO 86  252 252 PRO PRO A . n 
A 1 87  ARG 87  253 253 ARG ARG A . n 
A 1 88  GLN 88  254 254 GLN GLN A . n 
A 1 89  GLN 89  255 255 GLN GLN A . n 
A 1 90  GLN 90  256 256 GLN GLN A . n 
A 1 91  GLU 91  257 257 GLU GLU A . n 
A 1 92  GLU 92  258 258 GLU GLU A . n 
A 1 93  THR 93  259 259 THR THR A . n 
A 1 94  GLU 94  260 260 GLU GLU A . n 
A 1 95  SER 95  261 261 SER SER A . n 
A 1 96  VAL 96  262 262 VAL VAL A . n 
A 1 97  CYS 97  263 263 CYS CYS A . n 
A 1 98  LEU 98  264 264 LEU LEU A . n 
A 1 99  ARG 99  265 265 ARG ARG A . n 
A 1 100 LEU 100 266 266 LEU LEU A . n 
A 1 101 LEU 101 267 267 LEU LEU A . n 
A 1 102 ARG 102 268 268 ARG ARG A . n 
A 1 103 ALA 103 269 269 ALA ALA A . n 
A 1 104 PHE 104 270 270 PHE PHE A . n 
A 1 105 GLU 105 271 271 GLU GLU A . n 
A 1 106 SER 106 272 272 SER SER A . n 
A 1 107 PRO 107 273 273 PRO PRO A . n 
A 1 108 VAL 108 274 274 VAL VAL A . n 
A 1 109 VAL 109 275 275 VAL VAL A . n 
A 1 110 CYS 110 276 276 CYS CYS A . n 
A 1 111 ARG 111 277 277 ARG ARG A . n 
A 1 112 GLY 112 278 278 GLY GLY A . n 
A 1 113 ILE 113 279 279 ILE ILE A . n 
A 1 114 PRO 114 280 280 PRO PRO A . n 
A 1 115 ILE 115 281 281 ILE ILE A . n 
A 1 116 LYS 116 282 282 LYS LYS A . n 
A 1 117 ALA 117 283 283 ALA ALA A . n 
A 1 118 ASN 118 284 284 ASN ASN A . n 
A 1 119 VAL 119 285 285 VAL VAL A . n 
A 1 120 GLY 120 286 286 GLY GLY A . n 
A 1 121 LEU 121 287 287 LEU LEU A . n 
A 1 122 GLY 122 288 288 GLY GLY A . n 
A 1 123 VAL 123 289 289 VAL VAL A . n 
A 1 124 LEU 124 290 290 LEU LEU A . n 
A 1 125 PRO 125 291 291 PRO PRO A . n 
A 1 126 LEU 126 292 292 LEU LEU A . n 
A 1 127 ALA 127 293 293 ALA ALA A . n 
A 1 128 ASP 128 294 294 ASP ASP A . n 
A 1 129 ASP 129 295 295 ASP ASP A . n 
A 1 130 THR 130 296 296 THR THR A . n 
A 1 131 LEU 131 297 297 LEU LEU A . n 
A 1 132 ASP 132 298 298 ASP ASP A . n 
A 1 133 GLY 133 299 299 GLY GLY A . n 
A 1 134 ASP 134 300 300 ASP ASP A . n 
A 1 135 GLN 135 301 301 GLN GLN A . n 
A 1 136 ASP 136 302 302 ASP ASP A . n 
A 1 137 TRP 137 303 303 TRP TRP A . n 
A 1 138 LEU 138 304 304 LEU LEU A . n 
A 1 139 ARG 139 305 305 ARG ARG A . n 
A 1 140 LEU 140 306 306 LEU LEU A . n 
A 1 141 VAL 141 307 307 VAL VAL A . n 
A 1 142 VAL 142 308 308 VAL VAL A . n 
A 1 143 SER 143 309 309 SER SER A . n 
A 1 144 ALA 144 310 310 ALA ALA A . n 
A 1 145 ALA 145 311 311 ALA ALA A . n 
A 1 146 ASP 146 312 312 ASP ASP A . n 
A 1 147 ASP 147 313 313 ASP ASP A . n 
A 1 148 ALA 148 314 314 ALA ALA A . n 
A 1 149 ARG 149 315 315 ARG ARG A . n 
A 1 150 ASP 150 316 316 ASP ASP A . n 
A 1 151 ARG 151 317 317 ARG ARG A . n 
A 1 152 GLY 152 318 318 GLY GLY A . n 
A 1 153 VAL 153 319 319 VAL VAL A . n 
A 1 154 GLY 154 320 320 GLY GLY A . n 
A 1 155 TRP 155 321 321 TRP TRP A . n 
A 1 156 ALA 156 322 322 ALA ALA A . n 
A 1 157 ARG 157 323 323 ARG ARG A . n 
A 1 158 TYR 158 324 324 TYR TYR A . n 
A 1 159 ASN 159 325 325 ASN ASN A . n 
A 1 160 PRO 160 326 326 PRO PRO A . n 
A 1 161 PRO 161 327 327 PRO PRO A . n 
A 1 162 LEU 162 328 328 LEU LEU A . n 
A 1 163 ASP 163 329 329 ASP ASP A . n 
A 1 164 GLN 164 330 330 GLN GLN A . n 
A 1 165 ALA 165 331 331 ALA ALA A . n 
A 1 166 GLN 166 332 332 GLN GLN A . n 
A 1 167 GLN 167 333 333 GLN GLN A . n 
A 1 168 ARG 168 334 ?   ?   ?   A . n 
A 1 169 LEU 169 335 ?   ?   ?   A . n 
A 1 170 GLU 170 336 ?   ?   ?   A . n 
A 1 171 HIS 171 337 ?   ?   ?   A . n 
A 1 172 HIS 172 338 ?   ?   ?   A . n 
A 1 173 HIS 173 339 ?   ?   ?   A . n 
A 1 174 HIS 174 340 ?   ?   ?   A . n 
A 1 175 HIS 175 341 ?   ?   ?   A . n 
A 1 176 HIS 176 342 ?   ?   ?   A . n 
# 
loop_
_pdbx_nonpoly_scheme.asym_id 
_pdbx_nonpoly_scheme.entity_id 
_pdbx_nonpoly_scheme.mon_id 
_pdbx_nonpoly_scheme.ndb_seq_num 
_pdbx_nonpoly_scheme.pdb_seq_num 
_pdbx_nonpoly_scheme.auth_seq_num 
_pdbx_nonpoly_scheme.pdb_mon_id 
_pdbx_nonpoly_scheme.auth_mon_id 
_pdbx_nonpoly_scheme.pdb_strand_id 
_pdbx_nonpoly_scheme.pdb_ins_code 
B 2 HOH 1   343 343 HOH HOH A . 
B 2 HOH 2   344 344 HOH HOH A . 
B 2 HOH 3   345 345 HOH HOH A . 
B 2 HOH 4   346 346 HOH HOH A . 
B 2 HOH 5   347 347 HOH HOH A . 
B 2 HOH 6   348 348 HOH HOH A . 
B 2 HOH 7   349 349 HOH HOH A . 
B 2 HOH 8   350 350 HOH HOH A . 
B 2 HOH 9   351 351 HOH HOH A . 
B 2 HOH 10  352 352 HOH HOH A . 
B 2 HOH 11  353 353 HOH HOH A . 
B 2 HOH 12  354 354 HOH HOH A . 
B 2 HOH 13  355 355 HOH HOH A . 
B 2 HOH 14  356 356 HOH HOH A . 
B 2 HOH 15  357 357 HOH HOH A . 
B 2 HOH 16  358 358 HOH HOH A . 
B 2 HOH 17  359 359 HOH HOH A . 
B 2 HOH 18  360 360 HOH HOH A . 
B 2 HOH 19  361 361 HOH HOH A . 
B 2 HOH 20  362 362 HOH HOH A . 
B 2 HOH 21  363 363 HOH HOH A . 
B 2 HOH 22  364 364 HOH HOH A . 
B 2 HOH 23  365 365 HOH HOH A . 
B 2 HOH 24  366 366 HOH HOH A . 
B 2 HOH 25  367 367 HOH HOH A . 
B 2 HOH 26  368 368 HOH HOH A . 
B 2 HOH 27  369 369 HOH HOH A . 
B 2 HOH 28  370 370 HOH HOH A . 
B 2 HOH 29  371 371 HOH HOH A . 
B 2 HOH 30  372 372 HOH HOH A . 
B 2 HOH 31  373 373 HOH HOH A . 
B 2 HOH 32  374 374 HOH HOH A . 
B 2 HOH 33  375 375 HOH HOH A . 
B 2 HOH 34  376 376 HOH HOH A . 
B 2 HOH 35  377 377 HOH HOH A . 
B 2 HOH 36  378 378 HOH HOH A . 
B 2 HOH 37  379 379 HOH HOH A . 
B 2 HOH 38  380 380 HOH HOH A . 
B 2 HOH 39  381 381 HOH HOH A . 
B 2 HOH 40  382 382 HOH HOH A . 
B 2 HOH 41  383 383 HOH HOH A . 
B 2 HOH 42  384 384 HOH HOH A . 
B 2 HOH 43  385 385 HOH HOH A . 
B 2 HOH 44  386 386 HOH HOH A . 
B 2 HOH 45  387 387 HOH HOH A . 
B 2 HOH 46  388 388 HOH HOH A . 
B 2 HOH 47  389 389 HOH HOH A . 
B 2 HOH 48  390 390 HOH HOH A . 
B 2 HOH 49  391 391 HOH HOH A . 
B 2 HOH 50  392 392 HOH HOH A . 
B 2 HOH 51  393 393 HOH HOH A . 
B 2 HOH 52  394 394 HOH HOH A . 
B 2 HOH 53  395 395 HOH HOH A . 
B 2 HOH 54  396 396 HOH HOH A . 
B 2 HOH 55  397 397 HOH HOH A . 
B 2 HOH 56  398 398 HOH HOH A . 
B 2 HOH 57  399 399 HOH HOH A . 
B 2 HOH 58  400 400 HOH HOH A . 
B 2 HOH 59  401 401 HOH HOH A . 
B 2 HOH 60  402 402 HOH HOH A . 
B 2 HOH 61  403 403 HOH HOH A . 
B 2 HOH 62  404 404 HOH HOH A . 
B 2 HOH 63  405 405 HOH HOH A . 
B 2 HOH 64  406 406 HOH HOH A . 
B 2 HOH 65  407 407 HOH HOH A . 
B 2 HOH 66  408 408 HOH HOH A . 
B 2 HOH 67  409 409 HOH HOH A . 
B 2 HOH 68  410 410 HOH HOH A . 
B 2 HOH 69  411 411 HOH HOH A . 
B 2 HOH 70  412 412 HOH HOH A . 
B 2 HOH 71  413 413 HOH HOH A . 
B 2 HOH 72  414 414 HOH HOH A . 
B 2 HOH 73  415 415 HOH HOH A . 
B 2 HOH 74  416 416 HOH HOH A . 
B 2 HOH 75  417 417 HOH HOH A . 
B 2 HOH 76  418 418 HOH HOH A . 
B 2 HOH 77  419 419 HOH HOH A . 
B 2 HOH 78  420 420 HOH HOH A . 
B 2 HOH 79  421 421 HOH HOH A . 
B 2 HOH 80  422 422 HOH HOH A . 
B 2 HOH 81  423 423 HOH HOH A . 
B 2 HOH 82  424 424 HOH HOH A . 
B 2 HOH 83  425 425 HOH HOH A . 
B 2 HOH 84  426 426 HOH HOH A . 
B 2 HOH 85  427 427 HOH HOH A . 
B 2 HOH 86  428 428 HOH HOH A . 
B 2 HOH 87  429 429 HOH HOH A . 
B 2 HOH 88  430 430 HOH HOH A . 
B 2 HOH 89  431 431 HOH HOH A . 
B 2 HOH 90  432 432 HOH HOH A . 
B 2 HOH 91  433 433 HOH HOH A . 
B 2 HOH 92  434 434 HOH HOH A . 
B 2 HOH 93  435 435 HOH HOH A . 
B 2 HOH 94  436 201 HOH HOH A . 
B 2 HOH 95  437 202 HOH HOH A . 
B 2 HOH 96  438 203 HOH HOH A . 
B 2 HOH 97  439 204 HOH HOH A . 
B 2 HOH 98  440 205 HOH HOH A . 
B 2 HOH 99  441 206 HOH HOH A . 
B 2 HOH 100 442 207 HOH HOH A . 
B 2 HOH 101 443 208 HOH HOH A . 
B 2 HOH 102 444 209 HOH HOH A . 
B 2 HOH 103 445 210 HOH HOH A . 
B 2 HOH 104 446 211 HOH HOH A . 
B 2 HOH 105 447 212 HOH HOH A . 
B 2 HOH 106 448 213 HOH HOH A . 
B 2 HOH 107 449 214 HOH HOH A . 
B 2 HOH 108 450 215 HOH HOH A . 
B 2 HOH 109 451 216 HOH HOH A . 
B 2 HOH 110 452 217 HOH HOH A . 
B 2 HOH 111 453 218 HOH HOH A . 
B 2 HOH 112 454 219 HOH HOH A . 
B 2 HOH 113 455 220 HOH HOH A . 
B 2 HOH 114 456 221 HOH HOH A . 
B 2 HOH 115 457 222 HOH HOH A . 
B 2 HOH 116 458 223 HOH HOH A . 
B 2 HOH 117 459 224 HOH HOH A . 
B 2 HOH 118 460 225 HOH HOH A . 
B 2 HOH 119 461 226 HOH HOH A . 
B 2 HOH 120 462 227 HOH HOH A . 
B 2 HOH 121 463 228 HOH HOH A . 
B 2 HOH 122 464 229 HOH HOH A . 
B 2 HOH 123 465 230 HOH HOH A . 
B 2 HOH 124 466 231 HOH HOH A . 
B 2 HOH 125 467 232 HOH HOH A . 
B 2 HOH 126 468 233 HOH HOH A . 
B 2 HOH 127 469 234 HOH HOH A . 
B 2 HOH 128 470 235 HOH HOH A . 
B 2 HOH 129 471 236 HOH HOH A . 
B 2 HOH 130 472 237 HOH HOH A . 
B 2 HOH 131 473 238 HOH HOH A . 
B 2 HOH 132 474 239 HOH HOH A . 
B 2 HOH 133 475 240 HOH HOH A . 
B 2 HOH 134 476 241 HOH HOH A . 
B 2 HOH 135 477 242 HOH HOH A . 
B 2 HOH 136 478 243 HOH HOH A . 
B 2 HOH 137 479 244 HOH HOH A . 
B 2 HOH 138 480 245 HOH HOH A . 
B 2 HOH 139 481 246 HOH HOH A . 
B 2 HOH 140 482 247 HOH HOH A . 
B 2 HOH 141 483 248 HOH HOH A . 
B 2 HOH 142 484 249 HOH HOH A . 
B 2 HOH 143 485 250 HOH HOH A . 
B 2 HOH 144 486 251 HOH HOH A . 
B 2 HOH 145 487 252 HOH HOH A . 
B 2 HOH 146 488 253 HOH HOH A . 
B 2 HOH 147 489 254 HOH HOH A . 
B 2 HOH 148 490 255 HOH HOH A . 
B 2 HOH 149 491 256 HOH HOH A . 
B 2 HOH 150 492 257 HOH HOH A . 
B 2 HOH 151 493 258 HOH HOH A . 
B 2 HOH 152 494 259 HOH HOH A . 
B 2 HOH 153 495 260 HOH HOH A . 
B 2 HOH 154 496 261 HOH HOH A . 
B 2 HOH 155 497 262 HOH HOH A . 
B 2 HOH 156 498 263 HOH HOH A . 
B 2 HOH 157 499 264 HOH HOH A . 
B 2 HOH 158 500 265 HOH HOH A . 
B 2 HOH 159 501 266 HOH HOH A . 
B 2 HOH 160 502 267 HOH HOH A . 
B 2 HOH 161 503 268 HOH HOH A . 
B 2 HOH 162 504 269 HOH HOH A . 
B 2 HOH 163 505 270 HOH HOH A . 
B 2 HOH 164 506 271 HOH HOH A . 
B 2 HOH 165 507 272 HOH HOH A . 
B 2 HOH 166 508 273 HOH HOH A . 
B 2 HOH 167 509 274 HOH HOH A . 
B 2 HOH 168 510 275 HOH HOH A . 
B 2 HOH 169 511 276 HOH HOH A . 
B 2 HOH 170 512 277 HOH HOH A . 
B 2 HOH 171 513 278 HOH HOH A . 
B 2 HOH 172 514 279 HOH HOH A . 
B 2 HOH 173 515 280 HOH HOH A . 
B 2 HOH 174 516 281 HOH HOH A . 
B 2 HOH 175 517 282 HOH HOH A . 
B 2 HOH 176 518 283 HOH HOH A . 
B 2 HOH 177 519 284 HOH HOH A . 
B 2 HOH 178 520 285 HOH HOH A . 
B 2 HOH 179 521 286 HOH HOH A . 
B 2 HOH 180 522 287 HOH HOH A . 
B 2 HOH 181 523 288 HOH HOH A . 
B 2 HOH 182 524 289 HOH HOH A . 
B 2 HOH 183 525 290 HOH HOH A . 
B 2 HOH 184 526 291 HOH HOH A . 
B 2 HOH 185 527 292 HOH HOH A . 
B 2 HOH 186 528 293 HOH HOH A . 
B 2 HOH 187 529 294 HOH HOH A . 
B 2 HOH 188 530 295 HOH HOH A . 
B 2 HOH 189 531 296 HOH HOH A . 
B 2 HOH 190 532 297 HOH HOH A . 
B 2 HOH 191 533 298 HOH HOH A . 
B 2 HOH 192 534 299 HOH HOH A . 
B 2 HOH 193 535 300 HOH HOH A . 
B 2 HOH 194 536 301 HOH HOH A . 
B 2 HOH 195 537 302 HOH HOH A . 
B 2 HOH 196 538 303 HOH HOH A . 
B 2 HOH 197 539 304 HOH HOH A . 
B 2 HOH 198 540 305 HOH HOH A . 
B 2 HOH 199 541 306 HOH HOH A . 
B 2 HOH 200 542 307 HOH HOH A . 
B 2 HOH 201 543 308 HOH HOH A . 
B 2 HOH 202 544 309 HOH HOH A . 
B 2 HOH 203 545 310 HOH HOH A . 
B 2 HOH 204 546 311 HOH HOH A . 
B 2 HOH 205 547 312 HOH HOH A . 
B 2 HOH 206 548 313 HOH HOH A . 
B 2 HOH 207 549 314 HOH HOH A . 
B 2 HOH 208 550 315 HOH HOH A . 
B 2 HOH 209 551 316 HOH HOH A . 
B 2 HOH 210 552 317 HOH HOH A . 
B 2 HOH 211 553 318 HOH HOH A . 
B 2 HOH 212 554 319 HOH HOH A . 
B 2 HOH 213 555 320 HOH HOH A . 
B 2 HOH 214 556 321 HOH HOH A . 
B 2 HOH 215 557 322 HOH HOH A . 
B 2 HOH 216 558 323 HOH HOH A . 
B 2 HOH 217 559 324 HOH HOH A . 
B 2 HOH 218 560 325 HOH HOH A . 
B 2 HOH 219 561 326 HOH HOH A . 
B 2 HOH 220 562 327 HOH HOH A . 
B 2 HOH 221 563 328 HOH HOH A . 
B 2 HOH 222 564 329 HOH HOH A . 
B 2 HOH 223 565 330 HOH HOH A . 
B 2 HOH 224 566 331 HOH HOH A . 
B 2 HOH 225 567 332 HOH HOH A . 
B 2 HOH 226 568 333 HOH HOH A . 
B 2 HOH 227 569 334 HOH HOH A . 
B 2 HOH 228 570 335 HOH HOH A . 
B 2 HOH 229 571 336 HOH HOH A . 
B 2 HOH 230 572 337 HOH HOH A . 
B 2 HOH 231 573 338 HOH HOH A . 
B 2 HOH 232 574 339 HOH HOH A . 
B 2 HOH 233 575 340 HOH HOH A . 
B 2 HOH 234 576 341 HOH HOH A . 
B 2 HOH 235 577 342 HOH HOH A . 
# 
loop_
_software.name 
_software.version 
_software.date 
_software.type 
_software.contact_author 
_software.contact_author_email 
_software.classification 
_software.location 
_software.language 
_software.citation_id 
_software.pdbx_ordinal 
CNS         '1.2 & XtalView'     ?                 ?       ?                 ?                        refinement        ? ? ? 1 
PDB_EXTRACT 3.00                 'March. 27, 2007' package PDB               sw-help@rcsb.rutgers.edu 'data extraction' 
http://pdb.rutgers.edu/software/ C++        ? 2 
MAR345dtb   .                    ?                 ?       ?                 ?                        'data collection' ? ? ? 3 
DENZO       .                    ?                 ?       ?                 ?                        'data reduction'  ? ? ? 4 
SCALEPACK   .                    ?                 ?       ?                 ?                        'data scaling'    ? ? ? 5 
SnB         'then SOLVE/RESOLVE' ?                 ?       ?                 ?                        phasing           ? ? ? 6 
REFMAC      .                    ?                 program 'Murshudov, G.N.' ccp4@dl.ac.uk            refinement        
http://www.ccp4.ac.uk/main.html  Fortran_77 ? 7 
# 
_cell.entry_id           3HVW 
_cell.length_a           49.374 
_cell.length_b           53.757 
_cell.length_c           76.792 
_cell.angle_alpha        90.000 
_cell.angle_beta         90.000 
_cell.angle_gamma        90.000 
_cell.pdbx_unique_axis   ? 
_cell.Z_PDB              4 
_cell.length_a_esd       ? 
_cell.length_b_esd       ? 
_cell.length_c_esd       ? 
_cell.angle_alpha_esd    ? 
_cell.angle_beta_esd     ? 
_cell.angle_gamma_esd    ? 
# 
_symmetry.entry_id                         3HVW 
_symmetry.space_group_name_H-M             'P 21 21 21' 
_symmetry.Int_Tables_number                19 
_symmetry.pdbx_full_space_group_name_H-M   ? 
_symmetry.cell_setting                     ? 
_symmetry.space_group_name_Hall            ? 
# 
_exptl.crystals_number   1 
_exptl.entry_id          3HVW 
_exptl.method            'X-RAY DIFFRACTION' 
# 
_exptl_crystal.id                    1 
_exptl_crystal.density_Matthews      2.54 
_exptl_crystal.density_meas          ? 
_exptl_crystal.density_percent_sol   51.49 
_exptl_crystal.description           ? 
_exptl_crystal.F_000                 ? 
_exptl_crystal.preparation           ? 
# 
_exptl_crystal_grow.crystal_id      1 
_exptl_crystal_grow.method          'microbatch, under oil' 
_exptl_crystal_grow.pH              8 
_exptl_crystal_grow.temp            277 
_exptl_crystal_grow.pdbx_details    
;Protein solution: 100mM NaCl, 5mM DTT, 0.02% NaN3, 10mM Tris-HCl (pH 7.5), Reservoir solution: 100mM TRIS (pH 8) and 800mM Ammonium Sulfate, microbatch, under oil, temperature 277K
;
_exptl_crystal_grow.temp_details    ? 
_exptl_crystal_grow.pdbx_pH_range   ? 
# 
_diffrn.id                     1 
_diffrn.ambient_temp           100 
_diffrn.ambient_temp_details   ? 
_diffrn.crystal_id             1 
# 
_diffrn_detector.diffrn_id              1 
_diffrn_detector.detector               CCD 
_diffrn_detector.type                   'MARMOSAIC 325 mm CCD' 
_diffrn_detector.pdbx_collection_date   2009-06-01 
_diffrn_detector.details                mirrors 
# 
_diffrn_radiation.diffrn_id                        1 
_diffrn_radiation.pdbx_diffrn_protocol             'SINGLE WAVELENGTH' 
_diffrn_radiation.monochromator                    'Si 111 CHANNEL' 
_diffrn_radiation.wavelength_id                    1 
_diffrn_radiation.pdbx_monochromatic_or_laue_m_l   M 
_diffrn_radiation.pdbx_scattering_type             x-ray 
# 
_diffrn_radiation_wavelength.id           1 
_diffrn_radiation_wavelength.wavelength   0.97903 
_diffrn_radiation_wavelength.wt           1.0 
# 
_diffrn_source.diffrn_id                   1 
_diffrn_source.source                      SYNCHROTRON 
_diffrn_source.type                        'SSRL BEAMLINE BL9-2' 
_diffrn_source.pdbx_wavelength_list        0.97903 
_diffrn_source.pdbx_wavelength             ? 
_diffrn_source.pdbx_synchrotron_site       SSRL 
_diffrn_source.pdbx_synchrotron_beamline   BL9-2 
# 
_reflns.entry_id                     3HVW 
_reflns.B_iso_Wilson_estimate        16.600 
_reflns.observed_criterion_sigma_F   0 
_reflns.observed_criterion_sigma_I   0 
_reflns.d_resolution_high            1.7 
_reflns.d_resolution_low             30 
_reflns.number_all                   43513 
_reflns.number_obs                   43035 
_reflns.percent_possible_obs         98.9 
_reflns.pdbx_Rmerge_I_obs            0.028 
_reflns.pdbx_Rsym_value              0.027 
_reflns.pdbx_netI_over_sigmaI        49.2 
_reflns.pdbx_redundancy              7.4 
_reflns.R_free_details               ? 
_reflns.limit_h_max                  ? 
_reflns.limit_h_min                  ? 
_reflns.limit_k_max                  ? 
_reflns.limit_k_min                  ? 
_reflns.limit_l_max                  ? 
_reflns.limit_l_min                  ? 
_reflns.observed_criterion_F_max     ? 
_reflns.observed_criterion_F_min     ? 
_reflns.pdbx_chi_squared             ? 
_reflns.pdbx_scaling_rejects         ? 
_reflns.pdbx_diffrn_id               1 
_reflns.pdbx_ordinal                 1 
# 
_reflns_shell.d_res_high             1.7 
_reflns_shell.d_res_low              1.76 
_reflns_shell.percent_possible_obs   ? 
_reflns_shell.percent_possible_all   100 
_reflns_shell.Rmerge_I_obs           0.078 
_reflns_shell.meanI_over_sigI_obs    23.7 
_reflns_shell.pdbx_Rsym_value        0.073 
_reflns_shell.pdbx_redundancy        7.4 
_reflns_shell.number_unique_all      4349 
_reflns_shell.number_measured_all    ? 
_reflns_shell.number_measured_obs    ? 
_reflns_shell.number_unique_obs      ? 
_reflns_shell.pdbx_chi_squared       ? 
_reflns_shell.pdbx_diffrn_id         ? 
_reflns_shell.pdbx_ordinal           1 
# 
_refine.entry_id                                 3HVW 
_refine.ls_d_res_high                            1.700 
_refine.ls_d_res_low                             18.180 
_refine.pdbx_ls_sigma_F                          2.00 
_refine.pdbx_data_cutoff_high_absF               1081506.375 
_refine.pdbx_data_cutoff_low_absF                0.000 
_refine.ls_percent_reflns_obs                    97.800 
_refine.ls_number_reflns_obs                     42442 
_refine.pdbx_ls_cross_valid_method               THROUGHOUT 
_refine.pdbx_R_Free_selection_details            RANDOM 
_refine.ls_R_factor_R_work                       0.201 
_refine.ls_R_factor_R_free                       0.219 
_refine.ls_percent_reflns_R_free                 5.000 
_refine.ls_number_reflns_R_free                  2143 
_refine.ls_R_factor_R_free_error                 0.005 
_refine.B_iso_mean                               21.300 
_refine.solvent_model_param_bsol                 69.181 
_refine.solvent_model_param_ksol                 0.400 
_refine.pdbx_isotropic_thermal_model             RESTRAINED 
_refine.aniso_B[1][1]                            1.970 
_refine.aniso_B[2][2]                            0.440 
_refine.aniso_B[3][3]                            -2.410 
_refine.aniso_B[1][2]                            0.000 
_refine.aniso_B[1][3]                            0.000 
_refine.aniso_B[2][3]                            0.000 
_refine.solvent_model_details                    'FLAT MODEL' 
_refine.pdbx_ls_sigma_I                          2.00 
_refine.ls_number_reflns_all                     43396 
_refine.ls_R_factor_all                          0.203 
_refine.ls_R_factor_obs                          0.202 
_refine.ls_redundancy_reflns_obs                 ? 
_refine.ls_number_parameters                     ? 
_refine.ls_number_restraints                     ? 
_refine.ls_R_factor_R_free_error_details         ? 
_refine.pdbx_method_to_determine_struct          SAD 
_refine.pdbx_starting_model                      ? 
_refine.pdbx_stereochem_target_val_spec_case     ? 
_refine.pdbx_stereochemistry_target_values       'Engh & Huber' 
_refine.occupancy_max                            ? 
_refine.occupancy_min                            ? 
_refine.details                                  ? 
_refine.B_iso_min                                ? 
_refine.B_iso_max                                ? 
_refine.correlation_coeff_Fo_to_Fc               ? 
_refine.correlation_coeff_Fo_to_Fc_free          ? 
_refine.pdbx_solvent_vdw_probe_radii             ? 
_refine.pdbx_solvent_ion_probe_radii             ? 
_refine.pdbx_solvent_shrinkage_radii             ? 
_refine.overall_SU_R_Cruickshank_DPI             ? 
_refine.overall_SU_R_free                        ? 
_refine.overall_SU_ML                            ? 
_refine.overall_SU_B                             ? 
_refine.pdbx_overall_ESU_R_Free                  ? 
_refine.pdbx_data_cutoff_high_rms_absF           ? 
_refine.pdbx_overall_ESU_R                       ? 
_refine.ls_wR_factor_R_free                      ? 
_refine.ls_wR_factor_R_work                      ? 
_refine.overall_FOM_free_R_set                   ? 
_refine.overall_FOM_work_R_set                   ? 
_refine.pdbx_overall_phase_error                 ? 
_refine.pdbx_refine_id                           'X-RAY DIFFRACTION' 
_refine.pdbx_diffrn_id                           1 
_refine.pdbx_TLS_residual_ADP_flag               ? 
_refine.pdbx_overall_SU_R_free_Cruickshank_DPI   ? 
_refine.pdbx_overall_SU_R_Blow_DPI               ? 
_refine.pdbx_overall_SU_R_free_Blow_DPI          ? 
# 
_refine_analyze.entry_id                        3HVW 
_refine_analyze.Luzzati_coordinate_error_obs    0.190 
_refine_analyze.Luzzati_sigma_a_obs             0.030 
_refine_analyze.Luzzati_d_res_low_obs           5.000 
_refine_analyze.Luzzati_coordinate_error_free   0.210 
_refine_analyze.Luzzati_sigma_a_free            0.090 
_refine_analyze.Luzzati_d_res_low_free          ? 
_refine_analyze.number_disordered_residues      ? 
_refine_analyze.occupancy_sum_non_hydrogen      ? 
_refine_analyze.occupancy_sum_hydrogen          ? 
_refine_analyze.pdbx_Luzzati_d_res_high_obs     ? 
_refine_analyze.pdbx_refine_id                  'X-RAY DIFFRACTION' 
# 
_refine_hist.pdbx_refine_id                   'X-RAY DIFFRACTION' 
_refine_hist.cycle_id                         LAST 
_refine_hist.pdbx_number_atoms_protein        1260 
_refine_hist.pdbx_number_atoms_nucleic_acid   0 
_refine_hist.pdbx_number_atoms_ligand         0 
_refine_hist.number_atoms_solvent             235 
_refine_hist.number_atoms_total               1495 
_refine_hist.d_res_high                       1.700 
_refine_hist.d_res_low                        18.180 
# 
loop_
_refine_ls_restr.type 
_refine_ls_restr.number 
_refine_ls_restr.dev_ideal 
_refine_ls_restr.dev_ideal_target 
_refine_ls_restr.weight 
_refine_ls_restr.pdbx_refine_id 
_refine_ls_restr.pdbx_restraint_function 
c_bond_d           ? 0.005  ? ? 'X-RAY DIFFRACTION' ? 
c_angle_deg        ? 1.200  ? ? 'X-RAY DIFFRACTION' ? 
c_dihedral_angle_d ? 22.300 ? ? 'X-RAY DIFFRACTION' ? 
c_improper_angle_d ? 0.870  ? ? 'X-RAY DIFFRACTION' ? 
# 
_refine_ls_shell.d_res_high                       1.700 
_refine_ls_shell.d_res_low                        1.760 
_refine_ls_shell.pdbx_total_number_of_bins_used   10 
_refine_ls_shell.percent_reflns_obs               96.700 
_refine_ls_shell.number_reflns_R_work             3974 
_refine_ls_shell.R_factor_all                     ? 
_refine_ls_shell.R_factor_R_work                  0.205 
_refine_ls_shell.R_factor_R_free                  0.251 
_refine_ls_shell.percent_reflns_R_free            5.000 
_refine_ls_shell.number_reflns_R_free             208 
_refine_ls_shell.R_factor_R_free_error            0.017 
_refine_ls_shell.number_reflns_all                ? 
_refine_ls_shell.number_reflns_obs                4182 
_refine_ls_shell.redundancy_reflns_obs            ? 
_refine_ls_shell.pdbx_refine_id                   'X-RAY DIFFRACTION' 
# 
_struct.entry_id                  3HVW 
_struct.title                     
;Crystal Structure of the GGDEF domain of the PA2567 protein from Pseudomonas aeruginosa, Northeast Structural Genomics Consortium Target PaR365C
;
_struct.pdbx_model_details        ? 
_struct.pdbx_CASP_flag            ? 
_struct.pdbx_model_type_details   ? 
# 
_struct_keywords.entry_id        3HVW 
_struct_keywords.text            
;alpha-beta protein., Structural Genomics, PSI-2, Protein Structure Initiative, Northeast Structural Genomics Consortium, NESG, LYASE
;
_struct_keywords.pdbx_keywords   LYASE 
# 
loop_
_struct_asym.id 
_struct_asym.pdbx_blank_PDB_chainid_flag 
_struct_asym.pdbx_modified 
_struct_asym.entity_id 
_struct_asym.details 
A N N 1 ? 
B N N 2 ? 
# 
_struct_ref.id                         1 
_struct_ref.db_name                    UNP 
_struct_ref.db_code                    Q9I0R8_PSEAE 
_struct_ref.pdbx_db_accession          Q9I0R8 
_struct_ref.entity_id                  1 
_struct_ref.pdbx_seq_one_letter_code   
;IDEPTGLYNRLRLQEDVSLRLQRDGALTVIAADLLPLALLNTIIRTLGYPFSNDLMLEARDRIRAELPDFTLYKISPTRF
GLLLPRQQQEETESVCLRLLRAFESPVVCRGIPIKANVGLGVLPLADDTLDGDQDWLRLVVSAADDARDRGVGWARYNPP
LDQAQQR
;
_struct_ref.pdbx_align_begin           168 
_struct_ref.pdbx_db_isoform            ? 
# 
_struct_ref_seq.align_id                      1 
_struct_ref_seq.ref_id                        1 
_struct_ref_seq.pdbx_PDB_id_code              3HVW 
_struct_ref_seq.pdbx_strand_id                A 
_struct_ref_seq.seq_align_beg                 2 
_struct_ref_seq.pdbx_seq_align_beg_ins_code   ? 
_struct_ref_seq.seq_align_end                 168 
_struct_ref_seq.pdbx_seq_align_end_ins_code   ? 
_struct_ref_seq.pdbx_db_accession             Q9I0R8 
_struct_ref_seq.db_align_beg                  168 
_struct_ref_seq.pdbx_db_align_beg_ins_code    ? 
_struct_ref_seq.db_align_end                  334 
_struct_ref_seq.pdbx_db_align_end_ins_code    ? 
_struct_ref_seq.pdbx_auth_seq_align_beg       168 
_struct_ref_seq.pdbx_auth_seq_align_end       334 
# 
loop_
_struct_ref_seq_dif.align_id 
_struct_ref_seq_dif.pdbx_pdb_id_code 
_struct_ref_seq_dif.mon_id 
_struct_ref_seq_dif.pdbx_pdb_strand_id 
_struct_ref_seq_dif.seq_num 
_struct_ref_seq_dif.pdbx_pdb_ins_code 
_struct_ref_seq_dif.pdbx_seq_db_name 
_struct_ref_seq_dif.pdbx_seq_db_accession_code 
_struct_ref_seq_dif.db_mon_id 
_struct_ref_seq_dif.pdbx_seq_db_seq_num 
_struct_ref_seq_dif.details 
_struct_ref_seq_dif.pdbx_auth_seq_num 
_struct_ref_seq_dif.pdbx_ordinal 
1 3HVW MSE A 1   ? UNP Q9I0R8 ? ? 'initiating methionine' 167 1 
1 3HVW LEU A 169 ? UNP Q9I0R8 ? ? 'expression tag'        335 2 
1 3HVW GLU A 170 ? UNP Q9I0R8 ? ? 'expression tag'        336 3 
1 3HVW HIS A 171 ? UNP Q9I0R8 ? ? 'expression tag'        337 4 
1 3HVW HIS A 172 ? UNP Q9I0R8 ? ? 'expression tag'        338 5 
1 3HVW HIS A 173 ? UNP Q9I0R8 ? ? 'expression tag'        339 6 
1 3HVW HIS A 174 ? UNP Q9I0R8 ? ? 'expression tag'        340 7 
1 3HVW HIS A 175 ? UNP Q9I0R8 ? ? 'expression tag'        341 8 
1 3HVW HIS A 176 ? UNP Q9I0R8 ? ? 'expression tag'        342 9 
# 
_pdbx_struct_assembly.id                   1 
_pdbx_struct_assembly.details              author_and_software_defined_assembly 
_pdbx_struct_assembly.method_details       PISA 
_pdbx_struct_assembly.oligomeric_details   monomeric 
_pdbx_struct_assembly.oligomeric_count     1 
# 
_pdbx_struct_assembly_gen.assembly_id       1 
_pdbx_struct_assembly_gen.oper_expression   1 
_pdbx_struct_assembly_gen.asym_id_list      A,B 
# 
_pdbx_struct_oper_list.id                   1 
_pdbx_struct_oper_list.type                 'identity operation' 
_pdbx_struct_oper_list.name                 1_555 
_pdbx_struct_oper_list.symmetry_operation   x,y,z 
_pdbx_struct_oper_list.matrix[1][1]         1.0000000000 
_pdbx_struct_oper_list.matrix[1][2]         0.0000000000 
_pdbx_struct_oper_list.matrix[1][3]         0.0000000000 
_pdbx_struct_oper_list.vector[1]            0.0000000000 
_pdbx_struct_oper_list.matrix[2][1]         0.0000000000 
_pdbx_struct_oper_list.matrix[2][2]         1.0000000000 
_pdbx_struct_oper_list.matrix[2][3]         0.0000000000 
_pdbx_struct_oper_list.vector[2]            0.0000000000 
_pdbx_struct_oper_list.matrix[3][1]         0.0000000000 
_pdbx_struct_oper_list.matrix[3][2]         0.0000000000 
_pdbx_struct_oper_list.matrix[3][3]         1.0000000000 
_pdbx_struct_oper_list.vector[3]            0.0000000000 
# 
_struct_biol.id        1 
_struct_biol.details   ? 
# 
loop_
_struct_conf.conf_type_id 
_struct_conf.id 
_struct_conf.pdbx_PDB_helix_id 
_struct_conf.beg_label_comp_id 
_struct_conf.beg_label_asym_id 
_struct_conf.beg_label_seq_id 
_struct_conf.pdbx_beg_PDB_ins_code 
_struct_conf.end_label_comp_id 
_struct_conf.end_label_asym_id 
_struct_conf.end_label_seq_id 
_struct_conf.pdbx_end_PDB_ins_code 
_struct_conf.beg_auth_comp_id 
_struct_conf.beg_auth_asym_id 
_struct_conf.beg_auth_seq_id 
_struct_conf.end_auth_comp_id 
_struct_conf.end_auth_asym_id 
_struct_conf.end_auth_seq_id 
_struct_conf.pdbx_PDB_helix_class 
_struct_conf.details 
_struct_conf.pdbx_PDB_helix_length 
HELX_P HELX_P1 1 ASN A 10  ? GLY A 26  ? ASN A 176 GLY A 192 1 ? 17 
HELX_P HELX_P2 2 PRO A 37  ? GLY A 49  ? PRO A 203 GLY A 215 1 ? 13 
HELX_P HELX_P3 3 GLY A 49  ? LEU A 68  ? GLY A 215 LEU A 234 1 ? 20 
HELX_P HELX_P4 4 GLN A 88  ? GLU A 91  ? GLN A 254 GLU A 257 5 ? 4  
HELX_P HELX_P5 5 GLU A 92  ? PHE A 104 ? GLU A 258 PHE A 270 1 ? 13 
HELX_P HELX_P6 6 ASP A 129 ? GLN A 135 ? ASP A 295 GLN A 301 5 ? 7  
HELX_P HELX_P7 7 TRP A 137 ? GLY A 152 ? TRP A 303 GLY A 318 1 ? 16 
# 
_struct_conf_type.id          HELX_P 
_struct_conf_type.criteria    ? 
_struct_conf_type.reference   ? 
# 
loop_
_struct_conn.id 
_struct_conn.conn_type_id 
_struct_conn.pdbx_leaving_atom_flag 
_struct_conn.pdbx_PDB_id 
_struct_conn.ptnr1_label_asym_id 
_struct_conn.ptnr1_label_comp_id 
_struct_conn.ptnr1_label_seq_id 
_struct_conn.ptnr1_label_atom_id 
_struct_conn.pdbx_ptnr1_label_alt_id 
_struct_conn.pdbx_ptnr1_PDB_ins_code 
_struct_conn.pdbx_ptnr1_standard_comp_id 
_struct_conn.ptnr1_symmetry 
_struct_conn.ptnr2_label_asym_id 
_struct_conn.ptnr2_label_comp_id 
_struct_conn.ptnr2_label_seq_id 
_struct_conn.ptnr2_label_atom_id 
_struct_conn.pdbx_ptnr2_label_alt_id 
_struct_conn.pdbx_ptnr2_PDB_ins_code 
_struct_conn.ptnr1_auth_asym_id 
_struct_conn.ptnr1_auth_comp_id 
_struct_conn.ptnr1_auth_seq_id 
_struct_conn.ptnr2_auth_asym_id 
_struct_conn.ptnr2_auth_comp_id 
_struct_conn.ptnr2_auth_seq_id 
_struct_conn.ptnr2_symmetry 
_struct_conn.pdbx_ptnr3_label_atom_id 
_struct_conn.pdbx_ptnr3_label_seq_id 
_struct_conn.pdbx_ptnr3_label_comp_id 
_struct_conn.pdbx_ptnr3_label_asym_id 
_struct_conn.pdbx_ptnr3_label_alt_id 
_struct_conn.pdbx_ptnr3_PDB_ins_code 
_struct_conn.details 
_struct_conn.pdbx_dist_value 
_struct_conn.pdbx_value_order 
_struct_conn.pdbx_role 
covale1 covale both ? A LEU 56 C ? ? ? 1_555 A MSE 57 N ? ? A LEU 222 A MSE 223 1_555 ? ? ? ? ? ? ? 1.327 ? ? 
covale2 covale both ? A MSE 57 C ? ? ? 1_555 A LEU 58 N ? ? A MSE 223 A LEU 224 1_555 ? ? ? ? ? ? ? 1.332 ? ? 
# 
_struct_conn_type.id          covale 
_struct_conn_type.criteria    ? 
_struct_conn_type.reference   ? 
# 
_pdbx_modification_feature.ordinal                            1 
_pdbx_modification_feature.label_comp_id                      MSE 
_pdbx_modification_feature.label_asym_id                      A 
_pdbx_modification_feature.label_seq_id                       57 
_pdbx_modification_feature.label_alt_id                       ? 
_pdbx_modification_feature.modified_residue_label_comp_id     . 
_pdbx_modification_feature.modified_residue_label_asym_id     . 
_pdbx_modification_feature.modified_residue_label_seq_id      . 
_pdbx_modification_feature.modified_residue_label_alt_id      . 
_pdbx_modification_feature.auth_comp_id                       MSE 
_pdbx_modification_feature.auth_asym_id                       A 
_pdbx_modification_feature.auth_seq_id                        223 
_pdbx_modification_feature.PDB_ins_code                       ? 
_pdbx_modification_feature.symmetry                           1_555 
_pdbx_modification_feature.modified_residue_auth_comp_id      . 
_pdbx_modification_feature.modified_residue_auth_asym_id      . 
_pdbx_modification_feature.modified_residue_auth_seq_id       . 
_pdbx_modification_feature.modified_residue_PDB_ins_code      . 
_pdbx_modification_feature.modified_residue_symmetry          . 
_pdbx_modification_feature.comp_id_linking_atom               . 
_pdbx_modification_feature.modified_residue_id_linking_atom   . 
_pdbx_modification_feature.modified_residue_id                MET 
_pdbx_modification_feature.ref_pcm_id                         1 
_pdbx_modification_feature.ref_comp_id                        MSE 
_pdbx_modification_feature.type                               Selenomethionine 
_pdbx_modification_feature.category                           'Named protein modification' 
# 
loop_
_struct_sheet.id 
_struct_sheet.type 
_struct_sheet.number_strands 
_struct_sheet.details 
A ? 5 ? 
B ? 2 ? 
# 
loop_
_struct_sheet_order.sheet_id 
_struct_sheet_order.range_id_1 
_struct_sheet_order.range_id_2 
_struct_sheet_order.offset 
_struct_sheet_order.sense 
A 1 2 ? anti-parallel 
A 2 3 ? anti-parallel 
A 3 4 ? anti-parallel 
A 4 5 ? parallel      
B 1 2 ? anti-parallel 
# 
loop_
_struct_sheet_range.sheet_id 
_struct_sheet_range.id 
_struct_sheet_range.beg_label_comp_id 
_struct_sheet_range.beg_label_asym_id 
_struct_sheet_range.beg_label_seq_id 
_struct_sheet_range.pdbx_beg_PDB_ins_code 
_struct_sheet_range.end_label_comp_id 
_struct_sheet_range.end_label_asym_id 
_struct_sheet_range.end_label_seq_id 
_struct_sheet_range.pdbx_end_PDB_ins_code 
_struct_sheet_range.beg_auth_comp_id 
_struct_sheet_range.beg_auth_asym_id 
_struct_sheet_range.beg_auth_seq_id 
_struct_sheet_range.end_auth_comp_id 
_struct_sheet_range.end_auth_asym_id 
_struct_sheet_range.end_auth_seq_id 
A 1 LEU A 73  ? SER A 77  ? LEU A 239 SER A 243 
A 2 ARG A 80  ? PRO A 86  ? ARG A 246 PRO A 252 
A 3 ALA A 27  ? ASP A 34  ? ALA A 193 ASP A 200 
A 4 GLY A 120 ? ALA A 127 ? GLY A 286 ALA A 293 
A 5 ALA A 156 ? ARG A 157 ? ALA A 322 ARG A 323 
B 1 VAL A 108 ? CYS A 110 ? VAL A 274 CYS A 276 
B 2 ILE A 113 ? ILE A 115 ? ILE A 279 ILE A 281 
# 
loop_
_pdbx_struct_sheet_hbond.sheet_id 
_pdbx_struct_sheet_hbond.range_id_1 
_pdbx_struct_sheet_hbond.range_id_2 
_pdbx_struct_sheet_hbond.range_1_label_atom_id 
_pdbx_struct_sheet_hbond.range_1_label_comp_id 
_pdbx_struct_sheet_hbond.range_1_label_asym_id 
_pdbx_struct_sheet_hbond.range_1_label_seq_id 
_pdbx_struct_sheet_hbond.range_1_PDB_ins_code 
_pdbx_struct_sheet_hbond.range_1_auth_atom_id 
_pdbx_struct_sheet_hbond.range_1_auth_comp_id 
_pdbx_struct_sheet_hbond.range_1_auth_asym_id 
_pdbx_struct_sheet_hbond.range_1_auth_seq_id 
_pdbx_struct_sheet_hbond.range_2_label_atom_id 
_pdbx_struct_sheet_hbond.range_2_label_comp_id 
_pdbx_struct_sheet_hbond.range_2_label_asym_id 
_pdbx_struct_sheet_hbond.range_2_label_seq_id 
_pdbx_struct_sheet_hbond.range_2_PDB_ins_code 
_pdbx_struct_sheet_hbond.range_2_auth_atom_id 
_pdbx_struct_sheet_hbond.range_2_auth_comp_id 
_pdbx_struct_sheet_hbond.range_2_auth_asym_id 
_pdbx_struct_sheet_hbond.range_2_auth_seq_id 
A 1 2 N TYR A 74  ? N TYR A 240 O GLY A 82  ? O GLY A 248 
A 2 3 O LEU A 85  ? O LEU A 251 N THR A 29  ? N THR A 195 
A 3 4 N ASP A 34  ? N ASP A 200 O GLY A 120 ? O GLY A 286 
A 4 5 N VAL A 123 ? N VAL A 289 O ALA A 156 ? O ALA A 322 
B 1 2 N VAL A 108 ? N VAL A 274 O ILE A 115 ? O ILE A 281 
# 
_pdbx_entry_details.entry_id                   3HVW 
_pdbx_entry_details.compound_details           ? 
_pdbx_entry_details.source_details             ? 
_pdbx_entry_details.nonpolymer_details         ? 
_pdbx_entry_details.sequence_details           ? 
_pdbx_entry_details.has_ligand_of_interest     ? 
_pdbx_entry_details.has_protein_modification   Y 
# 
_pdbx_SG_project.id                    1 
_pdbx_SG_project.project_name          'PSI, Protein Structure Initiative' 
_pdbx_SG_project.full_name_of_center   'Northeast Structural Genomics Consortium' 
_pdbx_SG_project.initial_of_center     NESG 
# 
_pdbx_struct_mod_residue.id               1 
_pdbx_struct_mod_residue.label_asym_id    A 
_pdbx_struct_mod_residue.label_comp_id    MSE 
_pdbx_struct_mod_residue.label_seq_id     57 
_pdbx_struct_mod_residue.auth_asym_id     A 
_pdbx_struct_mod_residue.auth_comp_id     MSE 
_pdbx_struct_mod_residue.auth_seq_id      223 
_pdbx_struct_mod_residue.PDB_ins_code     ? 
_pdbx_struct_mod_residue.parent_comp_id   MET 
_pdbx_struct_mod_residue.details          SELENOMETHIONINE 
# 
loop_
_pdbx_unobs_or_zero_occ_residues.id 
_pdbx_unobs_or_zero_occ_residues.PDB_model_num 
_pdbx_unobs_or_zero_occ_residues.polymer_flag 
_pdbx_unobs_or_zero_occ_residues.occupancy_flag 
_pdbx_unobs_or_zero_occ_residues.auth_asym_id 
_pdbx_unobs_or_zero_occ_residues.auth_comp_id 
_pdbx_unobs_or_zero_occ_residues.auth_seq_id 
_pdbx_unobs_or_zero_occ_residues.PDB_ins_code 
_pdbx_unobs_or_zero_occ_residues.label_asym_id 
_pdbx_unobs_or_zero_occ_residues.label_comp_id 
_pdbx_unobs_or_zero_occ_residues.label_seq_id 
1  1 Y 1 A MSE 167 ? A MSE 1   
2  1 Y 1 A ILE 168 ? A ILE 2   
3  1 Y 1 A ASP 169 ? A ASP 3   
4  1 Y 1 A GLU 170 ? A GLU 4   
5  1 Y 1 A PRO 171 ? A PRO 5   
6  1 Y 1 A THR 172 ? A THR 6   
7  1 Y 1 A GLY 173 ? A GLY 7   
8  1 Y 1 A LEU 174 ? A LEU 8   
9  1 Y 1 A ARG 334 ? A ARG 168 
10 1 Y 1 A LEU 335 ? A LEU 169 
11 1 Y 1 A GLU 336 ? A GLU 170 
12 1 Y 1 A HIS 337 ? A HIS 171 
13 1 Y 1 A HIS 338 ? A HIS 172 
14 1 Y 1 A HIS 339 ? A HIS 173 
15 1 Y 1 A HIS 340 ? A HIS 174 
16 1 Y 1 A HIS 341 ? A HIS 175 
17 1 Y 1 A HIS 342 ? A HIS 176 
# 
loop_
_chem_comp_atom.comp_id 
_chem_comp_atom.atom_id 
_chem_comp_atom.type_symbol 
_chem_comp_atom.pdbx_aromatic_flag 
_chem_comp_atom.pdbx_stereo_config 
_chem_comp_atom.pdbx_ordinal 
ALA N    N  N N 1   
ALA CA   C  N S 2   
ALA C    C  N N 3   
ALA O    O  N N 4   
ALA CB   C  N N 5   
ALA OXT  O  N N 6   
ALA H    H  N N 7   
ALA H2   H  N N 8   
ALA HA   H  N N 9   
ALA HB1  H  N N 10  
ALA HB2  H  N N 11  
ALA HB3  H  N N 12  
ALA HXT  H  N N 13  
ARG N    N  N N 14  
ARG CA   C  N S 15  
ARG C    C  N N 16  
ARG O    O  N N 17  
ARG CB   C  N N 18  
ARG CG   C  N N 19  
ARG CD   C  N N 20  
ARG NE   N  N N 21  
ARG CZ   C  N N 22  
ARG NH1  N  N N 23  
ARG NH2  N  N N 24  
ARG OXT  O  N N 25  
ARG H    H  N N 26  
ARG H2   H  N N 27  
ARG HA   H  N N 28  
ARG HB2  H  N N 29  
ARG HB3  H  N N 30  
ARG HG2  H  N N 31  
ARG HG3  H  N N 32  
ARG HD2  H  N N 33  
ARG HD3  H  N N 34  
ARG HE   H  N N 35  
ARG HH11 H  N N 36  
ARG HH12 H  N N 37  
ARG HH21 H  N N 38  
ARG HH22 H  N N 39  
ARG HXT  H  N N 40  
ASN N    N  N N 41  
ASN CA   C  N S 42  
ASN C    C  N N 43  
ASN O    O  N N 44  
ASN CB   C  N N 45  
ASN CG   C  N N 46  
ASN OD1  O  N N 47  
ASN ND2  N  N N 48  
ASN OXT  O  N N 49  
ASN H    H  N N 50  
ASN H2   H  N N 51  
ASN HA   H  N N 52  
ASN HB2  H  N N 53  
ASN HB3  H  N N 54  
ASN HD21 H  N N 55  
ASN HD22 H  N N 56  
ASN HXT  H  N N 57  
ASP N    N  N N 58  
ASP CA   C  N S 59  
ASP C    C  N N 60  
ASP O    O  N N 61  
ASP CB   C  N N 62  
ASP CG   C  N N 63  
ASP OD1  O  N N 64  
ASP OD2  O  N N 65  
ASP OXT  O  N N 66  
ASP H    H  N N 67  
ASP H2   H  N N 68  
ASP HA   H  N N 69  
ASP HB2  H  N N 70  
ASP HB3  H  N N 71  
ASP HD2  H  N N 72  
ASP HXT  H  N N 73  
CYS N    N  N N 74  
CYS CA   C  N R 75  
CYS C    C  N N 76  
CYS O    O  N N 77  
CYS CB   C  N N 78  
CYS SG   S  N N 79  
CYS OXT  O  N N 80  
CYS H    H  N N 81  
CYS H2   H  N N 82  
CYS HA   H  N N 83  
CYS HB2  H  N N 84  
CYS HB3  H  N N 85  
CYS HG   H  N N 86  
CYS HXT  H  N N 87  
GLN N    N  N N 88  
GLN CA   C  N S 89  
GLN C    C  N N 90  
GLN O    O  N N 91  
GLN CB   C  N N 92  
GLN CG   C  N N 93  
GLN CD   C  N N 94  
GLN OE1  O  N N 95  
GLN NE2  N  N N 96  
GLN OXT  O  N N 97  
GLN H    H  N N 98  
GLN H2   H  N N 99  
GLN HA   H  N N 100 
GLN HB2  H  N N 101 
GLN HB3  H  N N 102 
GLN HG2  H  N N 103 
GLN HG3  H  N N 104 
GLN HE21 H  N N 105 
GLN HE22 H  N N 106 
GLN HXT  H  N N 107 
GLU N    N  N N 108 
GLU CA   C  N S 109 
GLU C    C  N N 110 
GLU O    O  N N 111 
GLU CB   C  N N 112 
GLU CG   C  N N 113 
GLU CD   C  N N 114 
GLU OE1  O  N N 115 
GLU OE2  O  N N 116 
GLU OXT  O  N N 117 
GLU H    H  N N 118 
GLU H2   H  N N 119 
GLU HA   H  N N 120 
GLU HB2  H  N N 121 
GLU HB3  H  N N 122 
GLU HG2  H  N N 123 
GLU HG3  H  N N 124 
GLU HE2  H  N N 125 
GLU HXT  H  N N 126 
GLY N    N  N N 127 
GLY CA   C  N N 128 
GLY C    C  N N 129 
GLY O    O  N N 130 
GLY OXT  O  N N 131 
GLY H    H  N N 132 
GLY H2   H  N N 133 
GLY HA2  H  N N 134 
GLY HA3  H  N N 135 
GLY HXT  H  N N 136 
HIS N    N  N N 137 
HIS CA   C  N S 138 
HIS C    C  N N 139 
HIS O    O  N N 140 
HIS CB   C  N N 141 
HIS CG   C  Y N 142 
HIS ND1  N  Y N 143 
HIS CD2  C  Y N 144 
HIS CE1  C  Y N 145 
HIS NE2  N  Y N 146 
HIS OXT  O  N N 147 
HIS H    H  N N 148 
HIS H2   H  N N 149 
HIS HA   H  N N 150 
HIS HB2  H  N N 151 
HIS HB3  H  N N 152 
HIS HD1  H  N N 153 
HIS HD2  H  N N 154 
HIS HE1  H  N N 155 
HIS HE2  H  N N 156 
HIS HXT  H  N N 157 
HOH O    O  N N 158 
HOH H1   H  N N 159 
HOH H2   H  N N 160 
ILE N    N  N N 161 
ILE CA   C  N S 162 
ILE C    C  N N 163 
ILE O    O  N N 164 
ILE CB   C  N S 165 
ILE CG1  C  N N 166 
ILE CG2  C  N N 167 
ILE CD1  C  N N 168 
ILE OXT  O  N N 169 
ILE H    H  N N 170 
ILE H2   H  N N 171 
ILE HA   H  N N 172 
ILE HB   H  N N 173 
ILE HG12 H  N N 174 
ILE HG13 H  N N 175 
ILE HG21 H  N N 176 
ILE HG22 H  N N 177 
ILE HG23 H  N N 178 
ILE HD11 H  N N 179 
ILE HD12 H  N N 180 
ILE HD13 H  N N 181 
ILE HXT  H  N N 182 
LEU N    N  N N 183 
LEU CA   C  N S 184 
LEU C    C  N N 185 
LEU O    O  N N 186 
LEU CB   C  N N 187 
LEU CG   C  N N 188 
LEU CD1  C  N N 189 
LEU CD2  C  N N 190 
LEU OXT  O  N N 191 
LEU H    H  N N 192 
LEU H2   H  N N 193 
LEU HA   H  N N 194 
LEU HB2  H  N N 195 
LEU HB3  H  N N 196 
LEU HG   H  N N 197 
LEU HD11 H  N N 198 
LEU HD12 H  N N 199 
LEU HD13 H  N N 200 
LEU HD21 H  N N 201 
LEU HD22 H  N N 202 
LEU HD23 H  N N 203 
LEU HXT  H  N N 204 
LYS N    N  N N 205 
LYS CA   C  N S 206 
LYS C    C  N N 207 
LYS O    O  N N 208 
LYS CB   C  N N 209 
LYS CG   C  N N 210 
LYS CD   C  N N 211 
LYS CE   C  N N 212 
LYS NZ   N  N N 213 
LYS OXT  O  N N 214 
LYS H    H  N N 215 
LYS H2   H  N N 216 
LYS HA   H  N N 217 
LYS HB2  H  N N 218 
LYS HB3  H  N N 219 
LYS HG2  H  N N 220 
LYS HG3  H  N N 221 
LYS HD2  H  N N 222 
LYS HD3  H  N N 223 
LYS HE2  H  N N 224 
LYS HE3  H  N N 225 
LYS HZ1  H  N N 226 
LYS HZ2  H  N N 227 
LYS HZ3  H  N N 228 
LYS HXT  H  N N 229 
MSE N    N  N N 230 
MSE CA   C  N S 231 
MSE C    C  N N 232 
MSE O    O  N N 233 
MSE OXT  O  N N 234 
MSE CB   C  N N 235 
MSE CG   C  N N 236 
MSE SE   SE N N 237 
MSE CE   C  N N 238 
MSE H    H  N N 239 
MSE H2   H  N N 240 
MSE HA   H  N N 241 
MSE HXT  H  N N 242 
MSE HB2  H  N N 243 
MSE HB3  H  N N 244 
MSE HG2  H  N N 245 
MSE HG3  H  N N 246 
MSE HE1  H  N N 247 
MSE HE2  H  N N 248 
MSE HE3  H  N N 249 
PHE N    N  N N 250 
PHE CA   C  N S 251 
PHE C    C  N N 252 
PHE O    O  N N 253 
PHE CB   C  N N 254 
PHE CG   C  Y N 255 
PHE CD1  C  Y N 256 
PHE CD2  C  Y N 257 
PHE CE1  C  Y N 258 
PHE CE2  C  Y N 259 
PHE CZ   C  Y N 260 
PHE OXT  O  N N 261 
PHE H    H  N N 262 
PHE H2   H  N N 263 
PHE HA   H  N N 264 
PHE HB2  H  N N 265 
PHE HB3  H  N N 266 
PHE HD1  H  N N 267 
PHE HD2  H  N N 268 
PHE HE1  H  N N 269 
PHE HE2  H  N N 270 
PHE HZ   H  N N 271 
PHE HXT  H  N N 272 
PRO N    N  N N 273 
PRO CA   C  N S 274 
PRO C    C  N N 275 
PRO O    O  N N 276 
PRO CB   C  N N 277 
PRO CG   C  N N 278 
PRO CD   C  N N 279 
PRO OXT  O  N N 280 
PRO H    H  N N 281 
PRO HA   H  N N 282 
PRO HB2  H  N N 283 
PRO HB3  H  N N 284 
PRO HG2  H  N N 285 
PRO HG3  H  N N 286 
PRO HD2  H  N N 287 
PRO HD3  H  N N 288 
PRO HXT  H  N N 289 
SER N    N  N N 290 
SER CA   C  N S 291 
SER C    C  N N 292 
SER O    O  N N 293 
SER CB   C  N N 294 
SER OG   O  N N 295 
SER OXT  O  N N 296 
SER H    H  N N 297 
SER H2   H  N N 298 
SER HA   H  N N 299 
SER HB2  H  N N 300 
SER HB3  H  N N 301 
SER HG   H  N N 302 
SER HXT  H  N N 303 
THR N    N  N N 304 
THR CA   C  N S 305 
THR C    C  N N 306 
THR O    O  N N 307 
THR CB   C  N R 308 
THR OG1  O  N N 309 
THR CG2  C  N N 310 
THR OXT  O  N N 311 
THR H    H  N N 312 
THR H2   H  N N 313 
THR HA   H  N N 314 
THR HB   H  N N 315 
THR HG1  H  N N 316 
THR HG21 H  N N 317 
THR HG22 H  N N 318 
THR HG23 H  N N 319 
THR HXT  H  N N 320 
TRP N    N  N N 321 
TRP CA   C  N S 322 
TRP C    C  N N 323 
TRP O    O  N N 324 
TRP CB   C  N N 325 
TRP CG   C  Y N 326 
TRP CD1  C  Y N 327 
TRP CD2  C  Y N 328 
TRP NE1  N  Y N 329 
TRP CE2  C  Y N 330 
TRP CE3  C  Y N 331 
TRP CZ2  C  Y N 332 
TRP CZ3  C  Y N 333 
TRP CH2  C  Y N 334 
TRP OXT  O  N N 335 
TRP H    H  N N 336 
TRP H2   H  N N 337 
TRP HA   H  N N 338 
TRP HB2  H  N N 339 
TRP HB3  H  N N 340 
TRP HD1  H  N N 341 
TRP HE1  H  N N 342 
TRP HE3  H  N N 343 
TRP HZ2  H  N N 344 
TRP HZ3  H  N N 345 
TRP HH2  H  N N 346 
TRP HXT  H  N N 347 
TYR N    N  N N 348 
TYR CA   C  N S 349 
TYR C    C  N N 350 
TYR O    O  N N 351 
TYR CB   C  N N 352 
TYR CG   C  Y N 353 
TYR CD1  C  Y N 354 
TYR CD2  C  Y N 355 
TYR CE1  C  Y N 356 
TYR CE2  C  Y N 357 
TYR CZ   C  Y N 358 
TYR OH   O  N N 359 
TYR OXT  O  N N 360 
TYR H    H  N N 361 
TYR H2   H  N N 362 
TYR HA   H  N N 363 
TYR HB2  H  N N 364 
TYR HB3  H  N N 365 
TYR HD1  H  N N 366 
TYR HD2  H  N N 367 
TYR HE1  H  N N 368 
TYR HE2  H  N N 369 
TYR HH   H  N N 370 
TYR HXT  H  N N 371 
VAL N    N  N N 372 
VAL CA   C  N S 373 
VAL C    C  N N 374 
VAL O    O  N N 375 
VAL CB   C  N N 376 
VAL CG1  C  N N 377 
VAL CG2  C  N N 378 
VAL OXT  O  N N 379 
VAL H    H  N N 380 
VAL H2   H  N N 381 
VAL HA   H  N N 382 
VAL HB   H  N N 383 
VAL HG11 H  N N 384 
VAL HG12 H  N N 385 
VAL HG13 H  N N 386 
VAL HG21 H  N N 387 
VAL HG22 H  N N 388 
VAL HG23 H  N N 389 
VAL HXT  H  N N 390 
# 
loop_
_chem_comp_bond.comp_id 
_chem_comp_bond.atom_id_1 
_chem_comp_bond.atom_id_2 
_chem_comp_bond.value_order 
_chem_comp_bond.pdbx_aromatic_flag 
_chem_comp_bond.pdbx_stereo_config 
_chem_comp_bond.pdbx_ordinal 
ALA N   CA   sing N N 1   
ALA N   H    sing N N 2   
ALA N   H2   sing N N 3   
ALA CA  C    sing N N 4   
ALA CA  CB   sing N N 5   
ALA CA  HA   sing N N 6   
ALA C   O    doub N N 7   
ALA C   OXT  sing N N 8   
ALA CB  HB1  sing N N 9   
ALA CB  HB2  sing N N 10  
ALA CB  HB3  sing N N 11  
ALA OXT HXT  sing N N 12  
ARG N   CA   sing N N 13  
ARG N   H    sing N N 14  
ARG N   H2   sing N N 15  
ARG CA  C    sing N N 16  
ARG CA  CB   sing N N 17  
ARG CA  HA   sing N N 18  
ARG C   O    doub N N 19  
ARG C   OXT  sing N N 20  
ARG CB  CG   sing N N 21  
ARG CB  HB2  sing N N 22  
ARG CB  HB3  sing N N 23  
ARG CG  CD   sing N N 24  
ARG CG  HG2  sing N N 25  
ARG CG  HG3  sing N N 26  
ARG CD  NE   sing N N 27  
ARG CD  HD2  sing N N 28  
ARG CD  HD3  sing N N 29  
ARG NE  CZ   sing N N 30  
ARG NE  HE   sing N N 31  
ARG CZ  NH1  sing N N 32  
ARG CZ  NH2  doub N N 33  
ARG NH1 HH11 sing N N 34  
ARG NH1 HH12 sing N N 35  
ARG NH2 HH21 sing N N 36  
ARG NH2 HH22 sing N N 37  
ARG OXT HXT  sing N N 38  
ASN N   CA   sing N N 39  
ASN N   H    sing N N 40  
ASN N   H2   sing N N 41  
ASN CA  C    sing N N 42  
ASN CA  CB   sing N N 43  
ASN CA  HA   sing N N 44  
ASN C   O    doub N N 45  
ASN C   OXT  sing N N 46  
ASN CB  CG   sing N N 47  
ASN CB  HB2  sing N N 48  
ASN CB  HB3  sing N N 49  
ASN CG  OD1  doub N N 50  
ASN CG  ND2  sing N N 51  
ASN ND2 HD21 sing N N 52  
ASN ND2 HD22 sing N N 53  
ASN OXT HXT  sing N N 54  
ASP N   CA   sing N N 55  
ASP N   H    sing N N 56  
ASP N   H2   sing N N 57  
ASP CA  C    sing N N 58  
ASP CA  CB   sing N N 59  
ASP CA  HA   sing N N 60  
ASP C   O    doub N N 61  
ASP C   OXT  sing N N 62  
ASP CB  CG   sing N N 63  
ASP CB  HB2  sing N N 64  
ASP CB  HB3  sing N N 65  
ASP CG  OD1  doub N N 66  
ASP CG  OD2  sing N N 67  
ASP OD2 HD2  sing N N 68  
ASP OXT HXT  sing N N 69  
CYS N   CA   sing N N 70  
CYS N   H    sing N N 71  
CYS N   H2   sing N N 72  
CYS CA  C    sing N N 73  
CYS CA  CB   sing N N 74  
CYS CA  HA   sing N N 75  
CYS C   O    doub N N 76  
CYS C   OXT  sing N N 77  
CYS CB  SG   sing N N 78  
CYS CB  HB2  sing N N 79  
CYS CB  HB3  sing N N 80  
CYS SG  HG   sing N N 81  
CYS OXT HXT  sing N N 82  
GLN N   CA   sing N N 83  
GLN N   H    sing N N 84  
GLN N   H2   sing N N 85  
GLN CA  C    sing N N 86  
GLN CA  CB   sing N N 87  
GLN CA  HA   sing N N 88  
GLN C   O    doub N N 89  
GLN C   OXT  sing N N 90  
GLN CB  CG   sing N N 91  
GLN CB  HB2  sing N N 92  
GLN CB  HB3  sing N N 93  
GLN CG  CD   sing N N 94  
GLN CG  HG2  sing N N 95  
GLN CG  HG3  sing N N 96  
GLN CD  OE1  doub N N 97  
GLN CD  NE2  sing N N 98  
GLN NE2 HE21 sing N N 99  
GLN NE2 HE22 sing N N 100 
GLN OXT HXT  sing N N 101 
GLU N   CA   sing N N 102 
GLU N   H    sing N N 103 
GLU N   H2   sing N N 104 
GLU CA  C    sing N N 105 
GLU CA  CB   sing N N 106 
GLU CA  HA   sing N N 107 
GLU C   O    doub N N 108 
GLU C   OXT  sing N N 109 
GLU CB  CG   sing N N 110 
GLU CB  HB2  sing N N 111 
GLU CB  HB3  sing N N 112 
GLU CG  CD   sing N N 113 
GLU CG  HG2  sing N N 114 
GLU CG  HG3  sing N N 115 
GLU CD  OE1  doub N N 116 
GLU CD  OE2  sing N N 117 
GLU OE2 HE2  sing N N 118 
GLU OXT HXT  sing N N 119 
GLY N   CA   sing N N 120 
GLY N   H    sing N N 121 
GLY N   H2   sing N N 122 
GLY CA  C    sing N N 123 
GLY CA  HA2  sing N N 124 
GLY CA  HA3  sing N N 125 
GLY C   O    doub N N 126 
GLY C   OXT  sing N N 127 
GLY OXT HXT  sing N N 128 
HIS N   CA   sing N N 129 
HIS N   H    sing N N 130 
HIS N   H2   sing N N 131 
HIS CA  C    sing N N 132 
HIS CA  CB   sing N N 133 
HIS CA  HA   sing N N 134 
HIS C   O    doub N N 135 
HIS C   OXT  sing N N 136 
HIS CB  CG   sing N N 137 
HIS CB  HB2  sing N N 138 
HIS CB  HB3  sing N N 139 
HIS CG  ND1  sing Y N 140 
HIS CG  CD2  doub Y N 141 
HIS ND1 CE1  doub Y N 142 
HIS ND1 HD1  sing N N 143 
HIS CD2 NE2  sing Y N 144 
HIS CD2 HD2  sing N N 145 
HIS CE1 NE2  sing Y N 146 
HIS CE1 HE1  sing N N 147 
HIS NE2 HE2  sing N N 148 
HIS OXT HXT  sing N N 149 
HOH O   H1   sing N N 150 
HOH O   H2   sing N N 151 
ILE N   CA   sing N N 152 
ILE N   H    sing N N 153 
ILE N   H2   sing N N 154 
ILE CA  C    sing N N 155 
ILE CA  CB   sing N N 156 
ILE CA  HA   sing N N 157 
ILE C   O    doub N N 158 
ILE C   OXT  sing N N 159 
ILE CB  CG1  sing N N 160 
ILE CB  CG2  sing N N 161 
ILE CB  HB   sing N N 162 
ILE CG1 CD1  sing N N 163 
ILE CG1 HG12 sing N N 164 
ILE CG1 HG13 sing N N 165 
ILE CG2 HG21 sing N N 166 
ILE CG2 HG22 sing N N 167 
ILE CG2 HG23 sing N N 168 
ILE CD1 HD11 sing N N 169 
ILE CD1 HD12 sing N N 170 
ILE CD1 HD13 sing N N 171 
ILE OXT HXT  sing N N 172 
LEU N   CA   sing N N 173 
LEU N   H    sing N N 174 
LEU N   H2   sing N N 175 
LEU CA  C    sing N N 176 
LEU CA  CB   sing N N 177 
LEU CA  HA   sing N N 178 
LEU C   O    doub N N 179 
LEU C   OXT  sing N N 180 
LEU CB  CG   sing N N 181 
LEU CB  HB2  sing N N 182 
LEU CB  HB3  sing N N 183 
LEU CG  CD1  sing N N 184 
LEU CG  CD2  sing N N 185 
LEU CG  HG   sing N N 186 
LEU CD1 HD11 sing N N 187 
LEU CD1 HD12 sing N N 188 
LEU CD1 HD13 sing N N 189 
LEU CD2 HD21 sing N N 190 
LEU CD2 HD22 sing N N 191 
LEU CD2 HD23 sing N N 192 
LEU OXT HXT  sing N N 193 
LYS N   CA   sing N N 194 
LYS N   H    sing N N 195 
LYS N   H2   sing N N 196 
LYS CA  C    sing N N 197 
LYS CA  CB   sing N N 198 
LYS CA  HA   sing N N 199 
LYS C   O    doub N N 200 
LYS C   OXT  sing N N 201 
LYS CB  CG   sing N N 202 
LYS CB  HB2  sing N N 203 
LYS CB  HB3  sing N N 204 
LYS CG  CD   sing N N 205 
LYS CG  HG2  sing N N 206 
LYS CG  HG3  sing N N 207 
LYS CD  CE   sing N N 208 
LYS CD  HD2  sing N N 209 
LYS CD  HD3  sing N N 210 
LYS CE  NZ   sing N N 211 
LYS CE  HE2  sing N N 212 
LYS CE  HE3  sing N N 213 
LYS NZ  HZ1  sing N N 214 
LYS NZ  HZ2  sing N N 215 
LYS NZ  HZ3  sing N N 216 
LYS OXT HXT  sing N N 217 
MSE N   CA   sing N N 218 
MSE N   H    sing N N 219 
MSE N   H2   sing N N 220 
MSE CA  C    sing N N 221 
MSE CA  CB   sing N N 222 
MSE CA  HA   sing N N 223 
MSE C   O    doub N N 224 
MSE C   OXT  sing N N 225 
MSE OXT HXT  sing N N 226 
MSE CB  CG   sing N N 227 
MSE CB  HB2  sing N N 228 
MSE CB  HB3  sing N N 229 
MSE CG  SE   sing N N 230 
MSE CG  HG2  sing N N 231 
MSE CG  HG3  sing N N 232 
MSE SE  CE   sing N N 233 
MSE CE  HE1  sing N N 234 
MSE CE  HE2  sing N N 235 
MSE CE  HE3  sing N N 236 
PHE N   CA   sing N N 237 
PHE N   H    sing N N 238 
PHE N   H2   sing N N 239 
PHE CA  C    sing N N 240 
PHE CA  CB   sing N N 241 
PHE CA  HA   sing N N 242 
PHE C   O    doub N N 243 
PHE C   OXT  sing N N 244 
PHE CB  CG   sing N N 245 
PHE CB  HB2  sing N N 246 
PHE CB  HB3  sing N N 247 
PHE CG  CD1  doub Y N 248 
PHE CG  CD2  sing Y N 249 
PHE CD1 CE1  sing Y N 250 
PHE CD1 HD1  sing N N 251 
PHE CD2 CE2  doub Y N 252 
PHE CD2 HD2  sing N N 253 
PHE CE1 CZ   doub Y N 254 
PHE CE1 HE1  sing N N 255 
PHE CE2 CZ   sing Y N 256 
PHE CE2 HE2  sing N N 257 
PHE CZ  HZ   sing N N 258 
PHE OXT HXT  sing N N 259 
PRO N   CA   sing N N 260 
PRO N   CD   sing N N 261 
PRO N   H    sing N N 262 
PRO CA  C    sing N N 263 
PRO CA  CB   sing N N 264 
PRO CA  HA   sing N N 265 
PRO C   O    doub N N 266 
PRO C   OXT  sing N N 267 
PRO CB  CG   sing N N 268 
PRO CB  HB2  sing N N 269 
PRO CB  HB3  sing N N 270 
PRO CG  CD   sing N N 271 
PRO CG  HG2  sing N N 272 
PRO CG  HG3  sing N N 273 
PRO CD  HD2  sing N N 274 
PRO CD  HD3  sing N N 275 
PRO OXT HXT  sing N N 276 
SER N   CA   sing N N 277 
SER N   H    sing N N 278 
SER N   H2   sing N N 279 
SER CA  C    sing N N 280 
SER CA  CB   sing N N 281 
SER CA  HA   sing N N 282 
SER C   O    doub N N 283 
SER C   OXT  sing N N 284 
SER CB  OG   sing N N 285 
SER CB  HB2  sing N N 286 
SER CB  HB3  sing N N 287 
SER OG  HG   sing N N 288 
SER OXT HXT  sing N N 289 
THR N   CA   sing N N 290 
THR N   H    sing N N 291 
THR N   H2   sing N N 292 
THR CA  C    sing N N 293 
THR CA  CB   sing N N 294 
THR CA  HA   sing N N 295 
THR C   O    doub N N 296 
THR C   OXT  sing N N 297 
THR CB  OG1  sing N N 298 
THR CB  CG2  sing N N 299 
THR CB  HB   sing N N 300 
THR OG1 HG1  sing N N 301 
THR CG2 HG21 sing N N 302 
THR CG2 HG22 sing N N 303 
THR CG2 HG23 sing N N 304 
THR OXT HXT  sing N N 305 
TRP N   CA   sing N N 306 
TRP N   H    sing N N 307 
TRP N   H2   sing N N 308 
TRP CA  C    sing N N 309 
TRP CA  CB   sing N N 310 
TRP CA  HA   sing N N 311 
TRP C   O    doub N N 312 
TRP C   OXT  sing N N 313 
TRP CB  CG   sing N N 314 
TRP CB  HB2  sing N N 315 
TRP CB  HB3  sing N N 316 
TRP CG  CD1  doub Y N 317 
TRP CG  CD2  sing Y N 318 
TRP CD1 NE1  sing Y N 319 
TRP CD1 HD1  sing N N 320 
TRP CD2 CE2  doub Y N 321 
TRP CD2 CE3  sing Y N 322 
TRP NE1 CE2  sing Y N 323 
TRP NE1 HE1  sing N N 324 
TRP CE2 CZ2  sing Y N 325 
TRP CE3 CZ3  doub Y N 326 
TRP CE3 HE3  sing N N 327 
TRP CZ2 CH2  doub Y N 328 
TRP CZ2 HZ2  sing N N 329 
TRP CZ3 CH2  sing Y N 330 
TRP CZ3 HZ3  sing N N 331 
TRP CH2 HH2  sing N N 332 
TRP OXT HXT  sing N N 333 
TYR N   CA   sing N N 334 
TYR N   H    sing N N 335 
TYR N   H2   sing N N 336 
TYR CA  C    sing N N 337 
TYR CA  CB   sing N N 338 
TYR CA  HA   sing N N 339 
TYR C   O    doub N N 340 
TYR C   OXT  sing N N 341 
TYR CB  CG   sing N N 342 
TYR CB  HB2  sing N N 343 
TYR CB  HB3  sing N N 344 
TYR CG  CD1  doub Y N 345 
TYR CG  CD2  sing Y N 346 
TYR CD1 CE1  sing Y N 347 
TYR CD1 HD1  sing N N 348 
TYR CD2 CE2  doub Y N 349 
TYR CD2 HD2  sing N N 350 
TYR CE1 CZ   doub Y N 351 
TYR CE1 HE1  sing N N 352 
TYR CE2 CZ   sing Y N 353 
TYR CE2 HE2  sing N N 354 
TYR CZ  OH   sing N N 355 
TYR OH  HH   sing N N 356 
TYR OXT HXT  sing N N 357 
VAL N   CA   sing N N 358 
VAL N   H    sing N N 359 
VAL N   H2   sing N N 360 
VAL CA  C    sing N N 361 
VAL CA  CB   sing N N 362 
VAL CA  HA   sing N N 363 
VAL C   O    doub N N 364 
VAL C   OXT  sing N N 365 
VAL CB  CG1  sing N N 366 
VAL CB  CG2  sing N N 367 
VAL CB  HB   sing N N 368 
VAL CG1 HG11 sing N N 369 
VAL CG1 HG12 sing N N 370 
VAL CG1 HG13 sing N N 371 
VAL CG2 HG21 sing N N 372 
VAL CG2 HG22 sing N N 373 
VAL CG2 HG23 sing N N 374 
VAL OXT HXT  sing N N 375 
# 
_atom_sites.entry_id                    3HVW 
_atom_sites.fract_transf_matrix[1][1]   0.01167199 
_atom_sites.fract_transf_matrix[1][2]   0.00305371 
_atom_sites.fract_transf_matrix[1][3]   -0.01626850 
_atom_sites.fract_transf_matrix[2][1]   0.01111084 
_atom_sites.fract_transf_matrix[2][2]   0.01103315 
_atom_sites.fract_transf_matrix[2][3]   0.01004258 
_atom_sites.fract_transf_matrix[3][1]   0.00726368 
_atom_sites.fract_transf_matrix[3][2]   -0.01029876 
_atom_sites.fract_transf_matrix[3][3]   0.00327825 
_atom_sites.fract_transf_vector[1]      0.603960 
_atom_sites.fract_transf_vector[2]      0.935755 
_atom_sites.fract_transf_vector[3]      0.087280 
# 
loop_
_atom_type.symbol 
C  
N  
O  
S  
SE 
# 
loop_
_atom_site.group_PDB 
_atom_site.id 
_atom_site.type_symbol 
_atom_site.label_atom_id 
_atom_site.label_alt_id 
_atom_site.label_comp_id 
_atom_site.label_asym_id 
_atom_site.label_entity_id 
_atom_site.label_seq_id 
_atom_site.pdbx_PDB_ins_code 
_atom_site.Cartn_x 
_atom_site.Cartn_y 
_atom_site.Cartn_z 
_atom_site.occupancy 
_atom_site.B_iso_or_equiv 
_atom_site.pdbx_formal_charge 
_atom_site.auth_seq_id 
_atom_site.auth_comp_id 
_atom_site.auth_asym_id 
_atom_site.auth_atom_id 
_atom_site.pdbx_PDB_model_num 
ATOM   1    N  N   . TYR A 1 9   ? 2.141   11.851  6.530   1.00 34.91 ? 175 TYR A N   1 
ATOM   2    C  CA  . TYR A 1 9   ? 3.297   11.060  7.040   1.00 30.77 ? 175 TYR A CA  1 
ATOM   3    C  C   . TYR A 1 9   ? 4.044   10.397  5.892   1.00 27.82 ? 175 TYR A C   1 
ATOM   4    O  O   . TYR A 1 9   ? 3.432   9.860   4.967   1.00 25.88 ? 175 TYR A O   1 
ATOM   5    C  CB  . TYR A 1 9   ? 2.803   9.997   8.023   1.00 35.02 ? 175 TYR A CB  1 
ATOM   6    C  CG  . TYR A 1 9   ? 2.260   10.557  9.319   1.00 43.67 ? 175 TYR A CG  1 
ATOM   7    C  CD1 . TYR A 1 9   ? 1.463   9.776   10.153  1.00 47.03 ? 175 TYR A CD1 1 
ATOM   8    C  CD2 . TYR A 1 9   ? 2.561   11.859  9.727   1.00 49.25 ? 175 TYR A CD2 1 
ATOM   9    C  CE1 . TYR A 1 9   ? 0.977   10.271  11.359  1.00 46.32 ? 175 TYR A CE1 1 
ATOM   10   C  CE2 . TYR A 1 9   ? 2.082   12.365  10.932  1.00 45.77 ? 175 TYR A CE2 1 
ATOM   11   C  CZ  . TYR A 1 9   ? 1.290   11.565  11.742  1.00 47.69 ? 175 TYR A CZ  1 
ATOM   12   O  OH  . TYR A 1 9   ? 0.816   12.055  12.938  1.00 50.34 ? 175 TYR A OH  1 
ATOM   13   N  N   . ASN A 1 10  ? 5.371   10.432  5.963   1.00 25.50 ? 176 ASN A N   1 
ATOM   14   C  CA  . ASN A 1 10  ? 6.208   9.854   4.921   1.00 22.85 ? 176 ASN A CA  1 
ATOM   15   C  C   . ASN A 1 10  ? 6.719   8.454   5.250   1.00 17.55 ? 176 ASN A C   1 
ATOM   16   O  O   . ASN A 1 10  ? 6.335   7.858   6.256   1.00 20.67 ? 176 ASN A O   1 
ATOM   17   C  CB  . ASN A 1 10  ? 7.385   10.792  4.623   1.00 26.16 ? 176 ASN A CB  1 
ATOM   18   C  CG  . ASN A 1 10  ? 8.402   10.841  5.750   1.00 38.28 ? 176 ASN A CG  1 
ATOM   19   O  OD1 . ASN A 1 10  ? 8.121   10.447  6.884   1.00 26.64 ? 176 ASN A OD1 1 
ATOM   20   N  ND2 . ASN A 1 10  ? 9.600   11.337  5.440   1.00 37.48 ? 176 ASN A ND2 1 
ATOM   21   N  N   . ARG A 1 11  ? 7.585   7.941   4.382   1.00 20.12 ? 177 ARG A N   1 
ATOM   22   C  CA  . ARG A 1 11  ? 8.164   6.611   4.526   1.00 23.97 ? 177 ARG A CA  1 
ATOM   23   C  C   . ARG A 1 11  ? 8.834   6.366   5.879   1.00 23.91 ? 177 ARG A C   1 
ATOM   24   O  O   . ARG A 1 11  ? 8.590   5.346   6.525   1.00 21.97 ? 177 ARG A O   1 
ATOM   25   C  CB  . ARG A 1 11  ? 9.167   6.374   3.395   1.00 28.20 ? 177 ARG A CB  1 
ATOM   26   C  CG  . ARG A 1 11  ? 9.998   5.119   3.538   1.00 33.72 ? 177 ARG A CG  1 
ATOM   27   C  CD  . ARG A 1 11  ? 10.991  4.998   2.393   1.00 36.32 ? 177 ARG A CD  1 
ATOM   28   N  NE  . ARG A 1 11  ? 12.055  4.048   2.704   1.00 51.11 ? 177 ARG A NE  1 
ATOM   29   C  CZ  . ARG A 1 11  ? 12.971  4.236   3.649   1.00 48.86 ? 177 ARG A CZ  1 
ATOM   30   N  NH1 . ARG A 1 11  ? 13.902  3.316   3.867   1.00 50.64 ? 177 ARG A NH1 1 
ATOM   31   N  NH2 . ARG A 1 11  ? 12.963  5.349   4.373   1.00 47.44 ? 177 ARG A NH2 1 
ATOM   32   N  N   . LEU A 1 12  ? 9.678   7.302   6.301   1.00 24.48 ? 178 LEU A N   1 
ATOM   33   C  CA  . LEU A 1 12  ? 10.381  7.173   7.575   1.00 26.13 ? 178 LEU A CA  1 
ATOM   34   C  C   . LEU A 1 12  ? 9.417   7.109   8.755   1.00 23.34 ? 178 LEU A C   1 
ATOM   35   O  O   . LEU A 1 12  ? 9.596   6.302   9.669   1.00 22.10 ? 178 LEU A O   1 
ATOM   36   C  CB  . LEU A 1 12  ? 11.354  8.342   7.764   1.00 27.66 ? 178 LEU A CB  1 
ATOM   37   C  CG  . LEU A 1 12  ? 12.182  8.326   9.055   1.00 30.08 ? 178 LEU A CG  1 
ATOM   38   C  CD1 . LEU A 1 12  ? 12.998  7.047   9.122   1.00 30.81 ? 178 LEU A CD1 1 
ATOM   39   C  CD2 . LEU A 1 12  ? 13.097  9.544   9.094   1.00 31.70 ? 178 LEU A CD2 1 
ATOM   40   N  N   . ARG A 1 13  ? 8.396   7.960   8.735   1.00 20.51 ? 179 ARG A N   1 
ATOM   41   C  CA  . ARG A 1 13  ? 7.407   7.992   9.805   1.00 19.22 ? 179 ARG A CA  1 
ATOM   42   C  C   . ARG A 1 13  ? 6.695   6.649   9.940   1.00 20.29 ? 179 ARG A C   1 
ATOM   43   O  O   . ARG A 1 13  ? 6.412   6.194   11.050  1.00 17.04 ? 179 ARG A O   1 
ATOM   44   C  CB  . ARG A 1 13  ? 6.378   9.097   9.543   1.00 21.41 ? 179 ARG A CB  1 
ATOM   45   C  CG  . ARG A 1 13  ? 5.146   9.026   10.437  1.00 27.85 ? 179 ARG A CG  1 
ATOM   46   C  CD  . ARG A 1 13  ? 5.128   10.110  11.490  1.00 40.95 ? 179 ARG A CD  1 
ATOM   47   N  NE  . ARG A 1 13  ? 6.317   10.071  12.330  1.00 36.93 ? 179 ARG A NE  1 
ATOM   48   C  CZ  . ARG A 1 13  ? 6.520   10.872  13.372  1.00 41.02 ? 179 ARG A CZ  1 
ATOM   49   N  NH1 . ARG A 1 13  ? 7.636   10.766  14.081  1.00 45.00 ? 179 ARG A NH1 1 
ATOM   50   N  NH2 . ARG A 1 13  ? 5.607   11.769  13.715  1.00 34.35 ? 179 ARG A NH2 1 
ATOM   51   N  N   . LEU A 1 14  ? 6.395   6.020   8.807   1.00 18.26 ? 180 LEU A N   1 
ATOM   52   C  CA  . LEU A 1 14  ? 5.723   4.730   8.829   1.00 14.53 ? 180 LEU A CA  1 
ATOM   53   C  C   . LEU A 1 14  ? 6.617   3.700   9.512   1.00 16.15 ? 180 LEU A C   1 
ATOM   54   O  O   . LEU A 1 14  ? 6.169   2.955   10.385  1.00 17.70 ? 180 LEU A O   1 
ATOM   55   C  CB  . LEU A 1 14  ? 5.395   4.273   7.404   1.00 13.03 ? 180 LEU A CB  1 
ATOM   56   C  CG  . LEU A 1 14  ? 4.763   2.881   7.279   1.00 13.03 ? 180 LEU A CG  1 
ATOM   57   C  CD1 . LEU A 1 14  ? 3.439   2.833   8.031   1.00 12.41 ? 180 LEU A CD1 1 
ATOM   58   C  CD2 . LEU A 1 14  ? 4.535   2.568   5.817   1.00 13.85 ? 180 LEU A CD2 1 
ATOM   59   N  N   . GLN A 1 15  ? 7.885   3.667   9.124   1.00 17.06 ? 181 GLN A N   1 
ATOM   60   C  CA  . GLN A 1 15  ? 8.820   2.723   9.715   1.00 15.50 ? 181 GLN A CA  1 
ATOM   61   C  C   . GLN A 1 15  ? 8.907   2.943   11.219  1.00 17.29 ? 181 GLN A C   1 
ATOM   62   O  O   . GLN A 1 15  ? 8.948   1.987   11.990  1.00 16.45 ? 181 GLN A O   1 
ATOM   63   C  CB  . GLN A 1 15  ? 10.196  2.881   9.071   1.00 15.66 ? 181 GLN A CB  1 
ATOM   64   C  CG  . GLN A 1 15  ? 10.167  2.688   7.563   1.00 21.51 ? 181 GLN A CG  1 
ATOM   65   C  CD  . GLN A 1 15  ? 11.504  2.957   6.910   1.00 29.62 ? 181 GLN A CD  1 
ATOM   66   O  OE1 . GLN A 1 15  ? 12.084  4.028   7.081   1.00 36.85 ? 181 GLN A OE1 1 
ATOM   67   N  NE2 . GLN A 1 15  ? 11.997  1.987   6.151   1.00 29.39 ? 181 GLN A NE2 1 
ATOM   68   N  N   . GLU A 1 16  ? 8.929   4.207   11.632  1.00 14.72 ? 182 GLU A N   1 
ATOM   69   C  CA  . GLU A 1 16  ? 8.999   4.542   13.052  1.00 15.63 ? 182 GLU A CA  1 
ATOM   70   C  C   . GLU A 1 16  ? 7.735   4.135   13.806  1.00 17.50 ? 182 GLU A C   1 
ATOM   71   O  O   . GLU A 1 16  ? 7.818   3.525   14.870  1.00 15.79 ? 182 GLU A O   1 
ATOM   72   C  CB  . GLU A 1 16  ? 9.236   6.044   13.238  1.00 15.67 ? 182 GLU A CB  1 
ATOM   73   C  CG  . GLU A 1 16  ? 10.613  6.523   12.807  1.00 19.20 ? 182 GLU A CG  1 
ATOM   74   C  CD  . GLU A 1 16  ? 10.780  8.026   12.957  1.00 25.89 ? 182 GLU A CD  1 
ATOM   75   O  OE1 . GLU A 1 16  ? 11.894  8.533   12.704  1.00 28.53 ? 182 GLU A OE1 1 
ATOM   76   O  OE2 . GLU A 1 16  ? 9.794   8.699   13.325  1.00 26.66 ? 182 GLU A OE2 1 
ATOM   77   N  N   . ASP A 1 17  ? 6.568   4.469   13.260  1.00 16.25 ? 183 ASP A N   1 
ATOM   78   C  CA  . ASP A 1 17  ? 5.313   4.120   13.916  1.00 14.39 ? 183 ASP A CA  1 
ATOM   79   C  C   . ASP A 1 17  ? 5.138   2.606   13.994  1.00 13.75 ? 183 ASP A C   1 
ATOM   80   O  O   . ASP A 1 17  ? 4.626   2.088   14.985  1.00 18.63 ? 183 ASP A O   1 
ATOM   81   C  CB  . ASP A 1 17  ? 4.124   4.758   13.184  1.00 19.36 ? 183 ASP A CB  1 
ATOM   82   C  CG  . ASP A 1 17  ? 4.099   6.276   13.315  1.00 27.68 ? 183 ASP A CG  1 
ATOM   83   O  OD1 . ASP A 1 17  ? 4.846   6.820   14.154  1.00 21.01 ? 183 ASP A OD1 1 
ATOM   84   O  OD2 . ASP A 1 17  ? 3.318   6.932   12.588  1.00 23.73 ? 183 ASP A OD2 1 
ATOM   85   N  N   . VAL A 1 18  ? 5.562   1.895   12.953  1.00 12.82 ? 184 VAL A N   1 
ATOM   86   C  CA  . VAL A 1 18  ? 5.452   0.442   12.958  1.00 10.14 ? 184 VAL A CA  1 
ATOM   87   C  C   . VAL A 1 18  ? 6.337   -0.110  14.074  1.00 10.66 ? 184 VAL A C   1 
ATOM   88   O  O   . VAL A 1 18  ? 5.926   -0.995  14.820  1.00 12.50 ? 184 VAL A O   1 
ATOM   89   C  CB  . VAL A 1 18  ? 5.869   -0.158  11.584  1.00 10.54 ? 184 VAL A CB  1 
ATOM   90   C  CG1 . VAL A 1 18  ? 6.179   -1.646  11.723  1.00 9.71  ? 184 VAL A CG1 1 
ATOM   91   C  CG2 . VAL A 1 18  ? 4.738   0.040   10.581  1.00 14.88 ? 184 VAL A CG2 1 
ATOM   92   N  N   . SER A 1 19  ? 7.545   0.432   14.206  1.00 12.59 ? 185 SER A N   1 
ATOM   93   C  CA  . SER A 1 19  ? 8.442   -0.032  15.257  1.00 12.57 ? 185 SER A CA  1 
ATOM   94   C  C   . SER A 1 19  ? 7.819   0.180   16.639  1.00 13.93 ? 185 SER A C   1 
ATOM   95   O  O   . SER A 1 19  ? 7.895   -0.695  17.507  1.00 15.51 ? 185 SER A O   1 
ATOM   96   C  CB  . SER A 1 19  ? 9.785   0.697   15.176  1.00 15.18 ? 185 SER A CB  1 
ATOM   97   O  OG  . SER A 1 19  ? 10.656  0.263   16.209  1.00 26.71 ? 185 SER A OG  1 
ATOM   98   N  N   . LEU A 1 20  ? 7.193   1.335   16.845  1.00 16.17 ? 186 LEU A N   1 
ATOM   99   C  CA  . LEU A 1 20  ? 6.572   1.630   18.135  1.00 14.91 ? 186 LEU A CA  1 
ATOM   100  C  C   . LEU A 1 20  ? 5.361   0.762   18.450  1.00 17.95 ? 186 LEU A C   1 
ATOM   101  O  O   . LEU A 1 20  ? 5.183   0.318   19.586  1.00 16.79 ? 186 LEU A O   1 
ATOM   102  C  CB  . LEU A 1 20  ? 6.157   3.101   18.216  1.00 19.70 ? 186 LEU A CB  1 
ATOM   103  C  CG  . LEU A 1 20  ? 7.127   4.129   18.794  1.00 37.49 ? 186 LEU A CG  1 
ATOM   104  C  CD1 . LEU A 1 20  ? 6.273   5.176   19.505  1.00 38.13 ? 186 LEU A CD1 1 
ATOM   105  C  CD2 . LEU A 1 20  ? 8.088   3.506   19.805  1.00 35.84 ? 186 LEU A CD2 1 
ATOM   106  N  N   . ARG A 1 21  ? 4.518   0.526   17.450  1.00 18.25 ? 187 ARG A N   1 
ATOM   107  C  CA  . ARG A 1 21  ? 3.336   -0.292  17.668  1.00 14.81 ? 187 ARG A CA  1 
ATOM   108  C  C   . ARG A 1 21  ? 3.705   -1.749  17.896  1.00 11.73 ? 187 ARG A C   1 
ATOM   109  O  O   . ARG A 1 21  ? 3.068   -2.431  18.692  1.00 15.52 ? 187 ARG A O   1 
ATOM   110  C  CB  . ARG A 1 21  ? 2.370   -0.165  16.486  1.00 15.80 ? 187 ARG A CB  1 
ATOM   111  C  CG  . ARG A 1 21  ? 1.833   1.244   16.296  1.00 28.63 ? 187 ARG A CG  1 
ATOM   112  C  CD  . ARG A 1 21  ? 1.216   1.777   17.581  1.00 42.26 ? 187 ARG A CD  1 
ATOM   113  N  NE  . ARG A 1 21  ? 0.072   0.980   18.013  1.00 46.97 ? 187 ARG A NE  1 
ATOM   114  C  CZ  . ARG A 1 21  ? -1.098  0.952   17.385  1.00 49.14 ? 187 ARG A CZ  1 
ATOM   115  N  NH1 . ARG A 1 21  ? -1.283  1.683   16.294  1.00 53.84 ? 187 ARG A NH1 1 
ATOM   116  N  NH2 . ARG A 1 21  ? -2.084  0.193   17.847  1.00 52.25 ? 187 ARG A NH2 1 
ATOM   117  N  N   . LEU A 1 22  ? 4.735   -2.236  17.212  1.00 15.75 ? 188 LEU A N   1 
ATOM   118  C  CA  . LEU A 1 22  ? 5.134   -3.625  17.398  1.00 12.19 ? 188 LEU A CA  1 
ATOM   119  C  C   . LEU A 1 22  ? 5.661   -3.872  18.807  1.00 13.86 ? 188 LEU A C   1 
ATOM   120  O  O   . LEU A 1 22  ? 5.307   -4.863  19.439  1.00 16.02 ? 188 LEU A O   1 
ATOM   121  C  CB  . LEU A 1 22  ? 6.195   -4.024  16.370  1.00 11.98 ? 188 LEU A CB  1 
ATOM   122  C  CG  . LEU A 1 22  ? 5.641   -4.328  14.972  1.00 11.36 ? 188 LEU A CG  1 
ATOM   123  C  CD1 . LEU A 1 22  ? 6.781   -4.628  14.016  1.00 12.20 ? 188 LEU A CD1 1 
ATOM   124  C  CD2 . LEU A 1 22  ? 4.688   -5.524  15.048  1.00 10.57 ? 188 LEU A CD2 1 
ATOM   125  N  N   . GLN A 1 23  ? 6.501   -2.968  19.298  1.00 14.34 ? 189 GLN A N   1 
ATOM   126  C  CA  . GLN A 1 23  ? 7.062   -3.117  20.637  1.00 19.10 ? 189 GLN A CA  1 
ATOM   127  C  C   . GLN A 1 23  ? 5.983   -3.097  21.710  1.00 17.36 ? 189 GLN A C   1 
ATOM   128  O  O   . GLN A 1 23  ? 6.081   -3.796  22.720  1.00 20.64 ? 189 GLN A O   1 
ATOM   129  C  CB  . GLN A 1 23  ? 8.060   -1.994  20.910  1.00 21.80 ? 189 GLN A CB  1 
ATOM   130  C  CG  . GLN A 1 23  ? 9.253   -1.997  19.984  1.00 36.92 ? 189 GLN A CG  1 
ATOM   131  C  CD  . GLN A 1 23  ? 10.128  -0.780  20.176  1.00 44.18 ? 189 GLN A CD  1 
ATOM   132  O  OE1 . GLN A 1 23  ? 10.583  -0.498  21.283  1.00 44.04 ? 189 GLN A OE1 1 
ATOM   133  N  NE2 . GLN A 1 23  ? 10.371  -0.050  19.094  1.00 48.40 ? 189 GLN A NE2 1 
ATOM   134  N  N   . ARG A 1 24  ? 4.944   -2.305  21.477  1.00 18.52 ? 190 ARG A N   1 
ATOM   135  C  CA  . ARG A 1 24  ? 3.854   -2.158  22.429  1.00 19.55 ? 190 ARG A CA  1 
ATOM   136  C  C   . ARG A 1 24  ? 2.734   -3.189  22.312  1.00 21.05 ? 190 ARG A C   1 
ATOM   137  O  O   . ARG A 1 24  ? 2.235   -3.683  23.327  1.00 21.21 ? 190 ARG A O   1 
ATOM   138  C  CB  . ARG A 1 24  ? 3.277   -0.746  22.297  1.00 21.14 ? 190 ARG A CB  1 
ATOM   139  C  CG  . ARG A 1 24  ? 2.216   -0.379  23.312  1.00 32.99 ? 190 ARG A CG  1 
ATOM   140  C  CD  . ARG A 1 24  ? 2.457   1.040   23.792  1.00 42.40 ? 190 ARG A CD  1 
ATOM   141  N  NE  . ARG A 1 24  ? 2.850   1.919   22.692  1.00 44.80 ? 190 ARG A NE  1 
ATOM   142  C  CZ  . ARG A 1 24  ? 3.408   3.115   22.850  1.00 39.29 ? 190 ARG A CZ  1 
ATOM   143  N  NH1 . ARG A 1 24  ? 3.731   3.845   21.789  1.00 39.99 ? 190 ARG A NH1 1 
ATOM   144  N  NH2 . ARG A 1 24  ? 3.647   3.580   24.069  1.00 39.76 ? 190 ARG A NH2 1 
ATOM   145  N  N   . ASP A 1 25  ? 2.353   -3.525  21.081  1.00 18.56 ? 191 ASP A N   1 
ATOM   146  C  CA  . ASP A 1 25  ? 1.266   -4.477  20.842  1.00 16.06 ? 191 ASP A CA  1 
ATOM   147  C  C   . ASP A 1 25  ? 1.679   -5.890  20.440  1.00 17.23 ? 191 ASP A C   1 
ATOM   148  O  O   . ASP A 1 25  ? 0.890   -6.827  20.564  1.00 17.36 ? 191 ASP A O   1 
ATOM   149  C  CB  . ASP A 1 25  ? 0.315   -3.938  19.771  1.00 17.48 ? 191 ASP A CB  1 
ATOM   150  C  CG  . ASP A 1 25  ? -0.231  -2.569  20.106  1.00 26.16 ? 191 ASP A CG  1 
ATOM   151  O  OD1 . ASP A 1 25  ? -0.260  -2.211  21.302  1.00 28.73 ? 191 ASP A OD1 1 
ATOM   152  O  OD2 . ASP A 1 25  ? -0.647  -1.856  19.168  1.00 24.61 ? 191 ASP A OD2 1 
ATOM   153  N  N   . GLY A 1 26  ? 2.896   -6.039  19.929  1.00 16.17 ? 192 GLY A N   1 
ATOM   154  C  CA  . GLY A 1 26  ? 3.376   -7.352  19.531  1.00 13.09 ? 192 GLY A CA  1 
ATOM   155  C  C   . GLY A 1 26  ? 3.073   -7.776  18.105  1.00 14.58 ? 192 GLY A C   1 
ATOM   156  O  O   . GLY A 1 26  ? 3.661   -8.737  17.607  1.00 13.80 ? 192 GLY A O   1 
ATOM   157  N  N   . ALA A 1 27  ? 2.169   -7.065  17.440  1.00 14.81 ? 193 ALA A N   1 
ATOM   158  C  CA  . ALA A 1 27  ? 1.808   -7.405  16.066  1.00 13.75 ? 193 ALA A CA  1 
ATOM   159  C  C   . ALA A 1 27  ? 1.002   -6.289  15.415  1.00 15.13 ? 193 ALA A C   1 
ATOM   160  O  O   . ALA A 1 27  ? 0.450   -5.432  16.100  1.00 13.03 ? 193 ALA A O   1 
ATOM   161  C  CB  . ALA A 1 27  ? 1.000   -8.701  16.051  1.00 14.78 ? 193 ALA A CB  1 
ATOM   162  N  N   . LEU A 1 28  ? 0.957   -6.306  14.084  1.00 11.48 ? 194 LEU A N   1 
ATOM   163  C  CA  . LEU A 1 28  ? 0.207   -5.330  13.298  1.00 10.82 ? 194 LEU A CA  1 
ATOM   164  C  C   . LEU A 1 28  ? 0.332   -5.739  11.841  1.00 11.05 ? 194 LEU A C   1 
ATOM   165  O  O   . LEU A 1 28  ? 1.141   -6.599  11.505  1.00 11.29 ? 194 LEU A O   1 
ATOM   166  C  CB  . LEU A 1 28  ? 0.770   -3.916  13.485  1.00 14.48 ? 194 LEU A CB  1 
ATOM   167  C  CG  . LEU A 1 28  ? 2.219   -3.642  13.073  1.00 11.60 ? 194 LEU A CG  1 
ATOM   168  C  CD1 . LEU A 1 28  ? 2.319   -3.357  11.568  1.00 12.09 ? 194 LEU A CD1 1 
ATOM   169  C  CD2 . LEU A 1 28  ? 2.711   -2.438  13.855  1.00 15.46 ? 194 LEU A CD2 1 
ATOM   170  N  N   . THR A 1 29  ? -0.486  -5.143  10.982  1.00 12.24 ? 195 THR A N   1 
ATOM   171  C  CA  . THR A 1 29  ? -0.413  -5.456  9.566   1.00 12.01 ? 195 THR A CA  1 
ATOM   172  C  C   . THR A 1 29  ? -0.265  -4.167  8.779   1.00 10.28 ? 195 THR A C   1 
ATOM   173  O  O   . THR A 1 29  ? -0.932  -3.175  9.062   1.00 11.49 ? 195 THR A O   1 
ATOM   174  C  CB  . THR A 1 29  ? -1.677  -6.207  9.080   1.00 8.18  ? 195 THR A CB  1 
ATOM   175  O  OG1 . THR A 1 29  ? -1.720  -7.507  9.680   1.00 11.92 ? 195 THR A OG1 1 
ATOM   176  C  CG2 . THR A 1 29  ? -1.659  -6.367  7.562   1.00 11.14 ? 195 THR A CG2 1 
ATOM   177  N  N   . VAL A 1 30  ? 0.646   -4.171  7.813   1.00 11.41 ? 196 VAL A N   1 
ATOM   178  C  CA  . VAL A 1 30  ? 0.847   -3.008  6.965   1.00 12.81 ? 196 VAL A CA  1 
ATOM   179  C  C   . VAL A 1 30  ? 0.268   -3.356  5.608   1.00 8.18  ? 196 VAL A C   1 
ATOM   180  O  O   . VAL A 1 30  ? 0.436   -4.472  5.125   1.00 10.33 ? 196 VAL A O   1 
ATOM   181  C  CB  . VAL A 1 30  ? 2.343   -2.670  6.767   1.00 13.88 ? 196 VAL A CB  1 
ATOM   182  C  CG1 . VAL A 1 30  ? 2.490   -1.520  5.772   1.00 15.66 ? 196 VAL A CG1 1 
ATOM   183  C  CG2 . VAL A 1 30  ? 2.979   -2.286  8.099   1.00 14.92 ? 196 VAL A CG2 1 
ATOM   184  N  N   . ILE A 1 31  ? -0.428  -2.403  5.004   1.00 10.34 ? 197 ILE A N   1 
ATOM   185  C  CA  . ILE A 1 31  ? -0.994  -2.606  3.683   1.00 9.95  ? 197 ILE A CA  1 
ATOM   186  C  C   . ILE A 1 31  ? -0.373  -1.549  2.777   1.00 7.96  ? 197 ILE A C   1 
ATOM   187  O  O   . ILE A 1 31  ? -0.334  -0.370  3.119   1.00 9.80  ? 197 ILE A O   1 
ATOM   188  C  CB  . ILE A 1 31  ? -2.538  -2.435  3.679   1.00 10.34 ? 197 ILE A CB  1 
ATOM   189  C  CG1 . ILE A 1 31  ? -3.191  -3.546  4.507   1.00 9.75  ? 197 ILE A CG1 1 
ATOM   190  C  CG2 . ILE A 1 31  ? -3.064  -2.475  2.243   1.00 11.68 ? 197 ILE A CG2 1 
ATOM   191  C  CD1 . ILE A 1 31  ? -4.714  -3.439  4.618   1.00 14.25 ? 197 ILE A CD1 1 
ATOM   192  N  N   . ALA A 1 32  ? 0.147   -1.979  1.637   1.00 10.88 ? 198 ALA A N   1 
ATOM   193  C  CA  . ALA A 1 32  ? 0.732   -1.048  0.691   1.00 9.63  ? 198 ALA A CA  1 
ATOM   194  C  C   . ALA A 1 32  ? -0.203  -0.999  -0.507  1.00 9.95  ? 198 ALA A C   1 
ATOM   195  O  O   . ALA A 1 32  ? -0.569  -2.038  -1.069  1.00 10.71 ? 198 ALA A O   1 
ATOM   196  C  CB  . ALA A 1 32  ? 2.126   -1.526  0.254   1.00 12.35 ? 198 ALA A CB  1 
ATOM   197  N  N   . ALA A 1 33  ? -0.594  0.209   -0.897  1.00 8.13  ? 199 ALA A N   1 
ATOM   198  C  CA  . ALA A 1 33  ? -1.477  0.383   -2.043  1.00 6.93  ? 199 ALA A CA  1 
ATOM   199  C  C   . ALA A 1 33  ? -0.659  1.055   -3.135  1.00 9.59  ? 199 ALA A C   1 
ATOM   200  O  O   . ALA A 1 33  ? -0.293  2.223   -3.023  1.00 11.58 ? 199 ALA A O   1 
ATOM   201  C  CB  . ALA A 1 33  ? -2.688  1.242   -1.659  1.00 7.69  ? 199 ALA A CB  1 
ATOM   202  N  N   . ASP A 1 34  ? -0.355  0.291   -4.178  1.00 10.16 ? 200 ASP A N   1 
ATOM   203  C  CA  . ASP A 1 34  ? 0.435   0.770   -5.310  1.00 10.14 ? 200 ASP A CA  1 
ATOM   204  C  C   . ASP A 1 34  ? -0.545  1.151   -6.431  1.00 11.91 ? 200 ASP A C   1 
ATOM   205  O  O   . ASP A 1 34  ? -1.155  0.283   -7.042  1.00 11.90 ? 200 ASP A O   1 
ATOM   206  C  CB  . ASP A 1 34  ? 1.378   -0.358  -5.755  1.00 12.58 ? 200 ASP A CB  1 
ATOM   207  C  CG  . ASP A 1 34  ? 2.333   0.065   -6.855  1.00 22.98 ? 200 ASP A CG  1 
ATOM   208  O  OD1 . ASP A 1 34  ? 1.859   0.540   -7.903  1.00 22.87 ? 200 ASP A OD1 1 
ATOM   209  O  OD2 . ASP A 1 34  ? 3.560   -0.091  -6.671  1.00 21.98 ? 200 ASP A OD2 1 
ATOM   210  N  N   . LEU A 1 35  ? -0.692  2.449   -6.692  1.00 12.14 ? 201 LEU A N   1 
ATOM   211  C  CA  . LEU A 1 35  ? -1.631  2.936   -7.705  1.00 10.83 ? 201 LEU A CA  1 
ATOM   212  C  C   . LEU A 1 35  ? -1.313  2.566   -9.146  1.00 9.30  ? 201 LEU A C   1 
ATOM   213  O  O   . LEU A 1 35  ? -2.217  2.331   -9.944  1.00 12.08 ? 201 LEU A O   1 
ATOM   214  C  CB  . LEU A 1 35  ? -1.778  4.458   -7.595  1.00 11.24 ? 201 LEU A CB  1 
ATOM   215  C  CG  . LEU A 1 35  ? -2.807  5.007   -6.600  1.00 24.73 ? 201 LEU A CG  1 
ATOM   216  C  CD1 . LEU A 1 35  ? -4.212  4.688   -7.094  1.00 24.18 ? 201 LEU A CD1 1 
ATOM   217  C  CD2 . LEU A 1 35  ? -2.567  4.418   -5.220  1.00 22.24 ? 201 LEU A CD2 1 
ATOM   218  N  N   . LEU A 1 36  ? -0.034  2.529   -9.486  1.00 11.95 ? 202 LEU A N   1 
ATOM   219  C  CA  . LEU A 1 36  ? 0.370   2.176   -10.839 1.00 11.02 ? 202 LEU A CA  1 
ATOM   220  C  C   . LEU A 1 36  ? 1.877   1.993   -10.883 1.00 7.70  ? 202 LEU A C   1 
ATOM   221  O  O   . LEU A 1 36  ? 2.604   2.521   -10.042 1.00 14.92 ? 202 LEU A O   1 
ATOM   222  C  CB  . LEU A 1 36  ? -0.040  3.270   -11.836 1.00 15.63 ? 202 LEU A CB  1 
ATOM   223  C  CG  . LEU A 1 36  ? 0.757   4.576   -11.837 1.00 16.40 ? 202 LEU A CG  1 
ATOM   224  C  CD1 . LEU A 1 36  ? 0.307   5.426   -13.025 1.00 18.28 ? 202 LEU A CD1 1 
ATOM   225  C  CD2 . LEU A 1 36  ? 0.539   5.331   -10.532 1.00 18.33 ? 202 LEU A CD2 1 
ATOM   226  N  N   . PRO A 1 37  ? 2.367   1.223   -11.860 1.00 12.19 ? 203 PRO A N   1 
ATOM   227  C  CA  . PRO A 1 37  ? 3.806   0.987   -11.993 1.00 12.80 ? 203 PRO A CA  1 
ATOM   228  C  C   . PRO A 1 37  ? 4.532   2.307   -12.213 1.00 14.66 ? 203 PRO A C   1 
ATOM   229  O  O   . PRO A 1 37  ? 4.000   3.216   -12.856 1.00 13.66 ? 203 PRO A O   1 
ATOM   230  C  CB  . PRO A 1 37  ? 3.899   0.087   -13.223 1.00 21.19 ? 203 PRO A CB  1 
ATOM   231  C  CG  . PRO A 1 37  ? 2.588   -0.633  -13.225 1.00 14.78 ? 203 PRO A CG  1 
ATOM   232  C  CD  . PRO A 1 37  ? 1.614   0.462   -12.868 1.00 11.81 ? 203 PRO A CD  1 
ATOM   233  N  N   . LEU A 1 38  ? 5.746   2.411   -11.684 1.00 11.42 ? 204 LEU A N   1 
ATOM   234  C  CA  . LEU A 1 38  ? 6.531   3.626   -11.841 1.00 14.64 ? 204 LEU A CA  1 
ATOM   235  C  C   . LEU A 1 38  ? 6.667   3.964   -13.324 1.00 13.21 ? 204 LEU A C   1 
ATOM   236  O  O   . LEU A 1 38  ? 6.573   5.124   -13.714 1.00 13.56 ? 204 LEU A O   1 
ATOM   237  C  CB  . LEU A 1 38  ? 7.921   3.447   -11.222 1.00 17.74 ? 204 LEU A CB  1 
ATOM   238  C  CG  . LEU A 1 38  ? 8.824   4.685   -11.219 1.00 21.50 ? 204 LEU A CG  1 
ATOM   239  C  CD1 . LEU A 1 38  ? 8.167   5.790   -10.399 1.00 28.53 ? 204 LEU A CD1 1 
ATOM   240  C  CD2 . LEU A 1 38  ? 10.182  4.328   -10.632 1.00 25.92 ? 204 LEU A CD2 1 
ATOM   241  N  N   . ALA A 1 39  ? 6.869   2.946   -14.153 1.00 13.60 ? 205 ALA A N   1 
ATOM   242  C  CA  . ALA A 1 39  ? 7.018   3.165   -15.589 1.00 13.34 ? 205 ALA A CA  1 
ATOM   243  C  C   . ALA A 1 39  ? 5.796   3.836   -16.199 1.00 14.28 ? 205 ALA A C   1 
ATOM   244  O  O   . ALA A 1 39  ? 5.925   4.688   -17.080 1.00 12.59 ? 205 ALA A O   1 
ATOM   245  C  CB  . ALA A 1 39  ? 7.289   1.838   -16.294 1.00 15.68 ? 205 ALA A CB  1 
ATOM   246  N  N   . LEU A 1 40  ? 4.610   3.438   -15.748 1.00 12.53 ? 206 LEU A N   1 
ATOM   247  C  CA  . LEU A 1 40  ? 3.371   4.013   -16.271 1.00 11.26 ? 206 LEU A CA  1 
ATOM   248  C  C   . LEU A 1 40  ? 3.230   5.449   -15.791 1.00 7.55  ? 206 LEU A C   1 
ATOM   249  O  O   . LEU A 1 40  ? 2.714   6.306   -16.511 1.00 9.12  ? 206 LEU A O   1 
ATOM   250  C  CB  . LEU A 1 40  ? 2.158   3.187   -15.827 1.00 9.86  ? 206 LEU A CB  1 
ATOM   251  C  CG  . LEU A 1 40  ? 0.801   3.616   -16.393 1.00 14.83 ? 206 LEU A CG  1 
ATOM   252  C  CD1 . LEU A 1 40  ? 0.852   3.652   -17.912 1.00 14.58 ? 206 LEU A CD1 1 
ATOM   253  C  CD2 . LEU A 1 40  ? -0.270  2.649   -15.919 1.00 22.53 ? 206 LEU A CD2 1 
ATOM   254  N  N   . LEU A 1 41  ? 3.684   5.708   -14.566 1.00 8.23  ? 207 LEU A N   1 
ATOM   255  C  CA  . LEU A 1 41  ? 3.628   7.061   -14.031 1.00 7.69  ? 207 LEU A CA  1 
ATOM   256  C  C   . LEU A 1 41  ? 4.527   7.915   -14.919 1.00 6.57  ? 207 LEU A C   1 
ATOM   257  O  O   . LEU A 1 41  ? 4.178   9.035   -15.286 1.00 9.76  ? 207 LEU A O   1 
ATOM   258  C  CB  . LEU A 1 41  ? 4.152   7.109   -12.593 1.00 8.47  ? 207 LEU A CB  1 
ATOM   259  C  CG  . LEU A 1 41  ? 4.250   8.520   -12.007 1.00 10.19 ? 207 LEU A CG  1 
ATOM   260  C  CD1 . LEU A 1 41  ? 2.855   9.092   -11.793 1.00 14.86 ? 207 LEU A CD1 1 
ATOM   261  C  CD2 . LEU A 1 41  ? 5.018   8.470   -10.692 1.00 20.22 ? 207 LEU A CD2 1 
ATOM   262  N  N   . ASN A 1 42  ? 5.691   7.379   -15.268 1.00 10.46 ? 208 ASN A N   1 
ATOM   263  C  CA  . ASN A 1 42  ? 6.602   8.130   -16.116 1.00 12.40 ? 208 ASN A CA  1 
ATOM   264  C  C   . ASN A 1 42  ? 6.009   8.381   -17.497 1.00 13.02 ? 208 ASN A C   1 
ATOM   265  O  O   . ASN A 1 42  ? 6.244   9.436   -18.086 1.00 9.83  ? 208 ASN A O   1 
ATOM   266  C  CB  . ASN A 1 42  ? 7.955   7.421   -16.223 1.00 10.79 ? 208 ASN A CB  1 
ATOM   267  C  CG  . ASN A 1 42  ? 8.768   7.539   -14.943 1.00 16.43 ? 208 ASN A CG  1 
ATOM   268  O  OD1 . ASN A 1 42  ? 8.619   8.508   -14.194 1.00 17.88 ? 208 ASN A OD1 1 
ATOM   269  N  ND2 . ASN A 1 42  ? 9.633   6.561   -14.688 1.00 18.28 ? 208 ASN A ND2 1 
ATOM   270  N  N   . THR A 1 43  ? 5.236   7.428   -18.013 1.00 7.53  ? 209 THR A N   1 
ATOM   271  C  CA  . THR A 1 43  ? 4.601   7.617   -19.318 1.00 8.75  ? 209 THR A CA  1 
ATOM   272  C  C   . THR A 1 43  ? 3.612   8.775   -19.184 1.00 8.37  ? 209 THR A C   1 
ATOM   273  O  O   . THR A 1 43  ? 3.498   9.620   -20.071 1.00 11.47 ? 209 THR A O   1 
ATOM   274  C  CB  . THR A 1 43  ? 3.856   6.341   -19.775 1.00 9.91  ? 209 THR A CB  1 
ATOM   275  O  OG1 . THR A 1 43  ? 4.798   5.267   -19.910 1.00 12.82 ? 209 THR A OG1 1 
ATOM   276  C  CG2 . THR A 1 43  ? 3.160   6.562   -21.123 1.00 9.51  ? 209 THR A CG2 1 
ATOM   277  N  N   . ILE A 1 44  ? 2.900   8.818   -18.062 1.00 7.21  ? 210 ILE A N   1 
ATOM   278  C  CA  . ILE A 1 44  ? 1.941   9.895   -17.837 1.00 5.37  ? 210 ILE A CA  1 
ATOM   279  C  C   . ILE A 1 44  ? 2.658   11.238  -17.741 1.00 8.41  ? 210 ILE A C   1 
ATOM   280  O  O   . ILE A 1 44  ? 2.193   12.236  -18.285 1.00 10.88 ? 210 ILE A O   1 
ATOM   281  C  CB  . ILE A 1 44  ? 1.128   9.641   -16.558 1.00 8.49  ? 210 ILE A CB  1 
ATOM   282  C  CG1 . ILE A 1 44  ? 0.207   8.441   -16.787 1.00 6.13  ? 210 ILE A CG1 1 
ATOM   283  C  CG2 . ILE A 1 44  ? 0.295   10.871  -16.191 1.00 11.18 ? 210 ILE A CG2 1 
ATOM   284  C  CD1 . ILE A 1 44  ? -0.567  8.001   -15.554 1.00 9.51  ? 210 ILE A CD1 1 
ATOM   285  N  N   . ILE A 1 45  ? 3.795   11.269  -17.056 1.00 10.31 ? 211 ILE A N   1 
ATOM   286  C  CA  . ILE A 1 45  ? 4.535   12.521  -16.928 1.00 8.89  ? 211 ILE A CA  1 
ATOM   287  C  C   . ILE A 1 45  ? 4.999   13.054  -18.279 1.00 14.82 ? 211 ILE A C   1 
ATOM   288  O  O   . ILE A 1 45  ? 4.888   14.249  -18.553 1.00 14.34 ? 211 ILE A O   1 
ATOM   289  C  CB  . ILE A 1 45  ? 5.749   12.344  -16.003 1.00 8.74  ? 211 ILE A CB  1 
ATOM   290  C  CG1 . ILE A 1 45  ? 5.260   12.074  -14.579 1.00 12.06 ? 211 ILE A CG1 1 
ATOM   291  C  CG2 . ILE A 1 45  ? 6.618   13.600  -16.033 1.00 15.82 ? 211 ILE A CG2 1 
ATOM   292  C  CD1 . ILE A 1 45  ? 6.348   11.653  -13.619 1.00 13.70 ? 211 ILE A CD1 1 
ATOM   293  N  N   . ARG A 1 46  ? 5.512   12.170  -19.127 1.00 11.36 ? 212 ARG A N   1 
ATOM   294  C  CA  . ARG A 1 46  ? 5.991   12.582  -20.446 1.00 12.59 ? 212 ARG A CA  1 
ATOM   295  C  C   . ARG A 1 46  ? 4.854   12.979  -21.382 1.00 13.36 ? 212 ARG A C   1 
ATOM   296  O  O   . ARG A 1 46  ? 5.000   13.875  -22.217 1.00 15.12 ? 212 ARG A O   1 
ATOM   297  C  CB  . ARG A 1 46  ? 6.796   11.448  -21.088 1.00 16.64 ? 212 ARG A CB  1 
ATOM   298  C  CG  . ARG A 1 46  ? 7.498   11.856  -22.379 1.00 31.17 ? 212 ARG A CG  1 
ATOM   299  C  CD  . ARG A 1 46  ? 8.385   10.754  -22.954 1.00 34.61 ? 212 ARG A CD  1 
ATOM   300  N  NE  . ARG A 1 46  ? 7.650   9.792   -23.774 1.00 37.40 ? 212 ARG A NE  1 
ATOM   301  C  CZ  . ARG A 1 46  ? 6.967   8.756   -23.298 1.00 35.30 ? 212 ARG A CZ  1 
ATOM   302  N  NH1 . ARG A 1 46  ? 6.920   8.531   -21.993 1.00 40.74 ? 212 ARG A NH1 1 
ATOM   303  N  NH2 . ARG A 1 46  ? 6.331   7.939   -24.131 1.00 32.09 ? 212 ARG A NH2 1 
ATOM   304  N  N   . THR A 1 47  ? 3.716   12.316  -21.235 1.00 11.29 ? 213 THR A N   1 
ATOM   305  C  CA  . THR A 1 47  ? 2.570   12.558  -22.097 1.00 9.91  ? 213 THR A CA  1 
ATOM   306  C  C   . THR A 1 47  ? 1.647   13.713  -21.689 1.00 12.47 ? 213 THR A C   1 
ATOM   307  O  O   . THR A 1 47  ? 1.167   14.457  -22.548 1.00 14.01 ? 213 THR A O   1 
ATOM   308  C  CB  . THR A 1 47  ? 1.734   11.266  -22.211 1.00 13.19 ? 213 THR A CB  1 
ATOM   309  O  OG1 . THR A 1 47  ? 2.585   10.192  -22.643 1.00 13.56 ? 213 THR A OG1 1 
ATOM   310  C  CG2 . THR A 1 47  ? 0.609   11.437  -23.212 1.00 15.77 ? 213 THR A CG2 1 
ATOM   311  N  N   . LEU A 1 48  ? 1.410   13.859  -20.387 1.00 10.06 ? 214 LEU A N   1 
ATOM   312  C  CA  . LEU A 1 48  ? 0.519   14.893  -19.867 1.00 8.84  ? 214 LEU A CA  1 
ATOM   313  C  C   . LEU A 1 48  ? 1.187   15.920  -18.944 1.00 11.09 ? 214 LEU A C   1 
ATOM   314  O  O   . LEU A 1 48  ? 0.561   16.905  -18.553 1.00 10.98 ? 214 LEU A O   1 
ATOM   315  C  CB  . LEU A 1 48  ? -0.657  14.218  -19.146 1.00 5.27  ? 214 LEU A CB  1 
ATOM   316  C  CG  . LEU A 1 48  ? -1.530  13.330  -20.046 1.00 7.68  ? 214 LEU A CG  1 
ATOM   317  C  CD1 . LEU A 1 48  ? -2.495  12.492  -19.212 1.00 9.94  ? 214 LEU A CD1 1 
ATOM   318  C  CD2 . LEU A 1 48  ? -2.298  14.203  -21.022 1.00 11.75 ? 214 LEU A CD2 1 
ATOM   319  N  N   . GLY A 1 49  ? 2.449   15.683  -18.596 1.00 10.70 ? 215 GLY A N   1 
ATOM   320  C  CA  . GLY A 1 49  ? 3.176   16.611  -17.741 1.00 10.88 ? 215 GLY A CA  1 
ATOM   321  C  C   . GLY A 1 49  ? 3.289   16.196  -16.287 1.00 10.65 ? 215 GLY A C   1 
ATOM   322  O  O   . GLY A 1 49  ? 2.442   15.463  -15.772 1.00 9.92  ? 215 GLY A O   1 
ATOM   323  N  N   . TYR A 1 50  ? 4.338   16.665  -15.616 1.00 12.82 ? 216 TYR A N   1 
ATOM   324  C  CA  . TYR A 1 50  ? 4.536   16.329  -14.211 1.00 13.00 ? 216 TYR A CA  1 
ATOM   325  C  C   . TYR A 1 50  ? 3.414   16.858  -13.312 1.00 13.86 ? 216 TYR A C   1 
ATOM   326  O  O   . TYR A 1 50  ? 2.944   16.147  -12.421 1.00 14.21 ? 216 TYR A O   1 
ATOM   327  C  CB  . TYR A 1 50  ? 5.883   16.854  -13.705 1.00 12.48 ? 216 TYR A CB  1 
ATOM   328  C  CG  . TYR A 1 50  ? 6.033   16.692  -12.210 1.00 13.80 ? 216 TYR A CG  1 
ATOM   329  C  CD1 . TYR A 1 50  ? 6.355   15.454  -11.647 1.00 15.24 ? 216 TYR A CD1 1 
ATOM   330  C  CD2 . TYR A 1 50  ? 5.781   17.760  -11.353 1.00 17.89 ? 216 TYR A CD2 1 
ATOM   331  C  CE1 . TYR A 1 50  ? 6.415   15.291  -10.264 1.00 13.85 ? 216 TYR A CE1 1 
ATOM   332  C  CE2 . TYR A 1 50  ? 5.837   17.609  -9.975  1.00 16.23 ? 216 TYR A CE2 1 
ATOM   333  C  CZ  . TYR A 1 50  ? 6.153   16.375  -9.437  1.00 24.20 ? 216 TYR A CZ  1 
ATOM   334  O  OH  . TYR A 1 50  ? 6.200   16.235  -8.069  1.00 29.64 ? 216 TYR A OH  1 
ATOM   335  N  N   . PRO A 1 51  ? 2.985   18.118  -13.516 1.00 11.94 ? 217 PRO A N   1 
ATOM   336  C  CA  . PRO A 1 51  ? 1.910   18.668  -12.682 1.00 12.85 ? 217 PRO A CA  1 
ATOM   337  C  C   . PRO A 1 51  ? 0.667   17.790  -12.739 1.00 10.29 ? 217 PRO A C   1 
ATOM   338  O  O   . PRO A 1 51  ? 0.016   17.546  -11.723 1.00 11.26 ? 217 PRO A O   1 
ATOM   339  C  CB  . PRO A 1 51  ? 1.687   20.051  -13.289 1.00 14.24 ? 217 PRO A CB  1 
ATOM   340  C  CG  . PRO A 1 51  ? 3.065   20.429  -13.718 1.00 11.80 ? 217 PRO A CG  1 
ATOM   341  C  CD  . PRO A 1 51  ? 3.555   19.167  -14.382 1.00 13.03 ? 217 PRO A CD  1 
ATOM   342  N  N   . PHE A 1 52  ? 0.338   17.306  -13.934 1.00 12.81 ? 218 PHE A N   1 
ATOM   343  C  CA  . PHE A 1 52  ? -0.816  16.432  -14.085 1.00 14.23 ? 218 PHE A CA  1 
ATOM   344  C  C   . PHE A 1 52  ? -0.626  15.192  -13.213 1.00 11.04 ? 218 PHE A C   1 
ATOM   345  O  O   . PHE A 1 52  ? -1.547  14.772  -12.513 1.00 11.71 ? 218 PHE A O   1 
ATOM   346  C  CB  . PHE A 1 52  ? -0.972  15.985  -15.540 1.00 10.34 ? 218 PHE A CB  1 
ATOM   347  C  CG  . PHE A 1 52  ? -2.152  15.066  -15.764 1.00 12.76 ? 218 PHE A CG  1 
ATOM   348  C  CD1 . PHE A 1 52  ? -3.369  15.566  -16.226 1.00 13.03 ? 218 PHE A CD1 1 
ATOM   349  C  CD2 . PHE A 1 52  ? -2.057  13.698  -15.504 1.00 13.11 ? 218 PHE A CD2 1 
ATOM   350  C  CE1 . PHE A 1 52  ? -4.457  14.730  -16.428 1.00 13.15 ? 218 PHE A CE1 1 
ATOM   351  C  CE2 . PHE A 1 52  ? -3.143  12.853  -15.700 1.00 8.03  ? 218 PHE A CE2 1 
ATOM   352  C  CZ  . PHE A 1 52  ? -4.340  13.378  -16.166 1.00 9.96  ? 218 PHE A CZ  1 
ATOM   353  N  N   . SER A 1 53  ? 0.571   14.609  -13.253 1.00 10.17 ? 219 SER A N   1 
ATOM   354  C  CA  . SER A 1 53  ? 0.839   13.401  -12.472 1.00 12.01 ? 219 SER A CA  1 
ATOM   355  C  C   . SER A 1 53  ? 0.733   13.641  -10.972 1.00 12.61 ? 219 SER A C   1 
ATOM   356  O  O   . SER A 1 53  ? 0.311   12.753  -10.228 1.00 11.94 ? 219 SER A O   1 
ATOM   357  C  CB  . SER A 1 53  ? 2.217   12.811  -12.818 1.00 11.11 ? 219 SER A CB  1 
ATOM   358  O  OG  . SER A 1 53  ? 3.280   13.519  -12.202 1.00 14.19 ? 219 SER A OG  1 
ATOM   359  N  N   . ASN A 1 54  ? 1.108   14.834  -10.522 1.00 12.90 ? 220 ASN A N   1 
ATOM   360  C  CA  . ASN A 1 54  ? 1.013   15.132  -9.103  1.00 13.00 ? 220 ASN A CA  1 
ATOM   361  C  C   . ASN A 1 54  ? -0.457  15.239  -8.713  1.00 15.49 ? 220 ASN A C   1 
ATOM   362  O  O   . ASN A 1 54  ? -0.878  14.699  -7.687  1.00 14.64 ? 220 ASN A O   1 
ATOM   363  C  CB  . ASN A 1 54  ? 1.742   16.434  -8.762  1.00 16.24 ? 220 ASN A CB  1 
ATOM   364  C  CG  . ASN A 1 54  ? 1.757   16.711  -7.274  1.00 16.67 ? 220 ASN A CG  1 
ATOM   365  O  OD1 . ASN A 1 54  ? 1.097   17.633  -6.790  1.00 23.08 ? 220 ASN A OD1 1 
ATOM   366  N  ND2 . ASN A 1 54  ? 2.499   15.899  -6.534  1.00 16.65 ? 220 ASN A ND2 1 
ATOM   367  N  N   . ASP A 1 55  ? -1.242  15.927  -9.539  1.00 11.70 ? 221 ASP A N   1 
ATOM   368  C  CA  . ASP A 1 55  ? -2.669  16.079  -9.270  1.00 14.48 ? 221 ASP A CA  1 
ATOM   369  C  C   . ASP A 1 55  ? -3.347  14.712  -9.230  1.00 12.22 ? 221 ASP A C   1 
ATOM   370  O  O   . ASP A 1 55  ? -4.256  14.485  -8.432  1.00 12.94 ? 221 ASP A O   1 
ATOM   371  C  CB  . ASP A 1 55  ? -3.341  16.934  -10.352 1.00 16.28 ? 221 ASP A CB  1 
ATOM   372  C  CG  . ASP A 1 55  ? -3.452  18.392  -9.963  1.00 27.44 ? 221 ASP A CG  1 
ATOM   373  O  OD1 . ASP A 1 55  ? -4.001  19.175  -10.766 1.00 26.64 ? 221 ASP A OD1 1 
ATOM   374  O  OD2 . ASP A 1 55  ? -2.999  18.759  -8.857  1.00 26.71 ? 221 ASP A OD2 1 
ATOM   375  N  N   . LEU A 1 56  ? -2.904  13.806  -10.099 1.00 10.61 ? 222 LEU A N   1 
ATOM   376  C  CA  . LEU A 1 56  ? -3.468  12.464  -10.160 1.00 10.89 ? 222 LEU A CA  1 
ATOM   377  C  C   . LEU A 1 56  ? -3.274  11.735  -8.841  1.00 14.41 ? 222 LEU A C   1 
ATOM   378  O  O   . LEU A 1 56  ? -4.205  11.121  -8.314  1.00 15.15 ? 222 LEU A O   1 
ATOM   379  C  CB  . LEU A 1 56  ? -2.807  11.657  -11.282 1.00 14.05 ? 222 LEU A CB  1 
ATOM   380  C  CG  . LEU A 1 56  ? -3.125  10.157  -11.334 1.00 18.87 ? 222 LEU A CG  1 
ATOM   381  C  CD1 . LEU A 1 56  ? -4.609  9.943   -11.553 1.00 24.71 ? 222 LEU A CD1 1 
ATOM   382  C  CD2 . LEU A 1 56  ? -2.324  9.504   -12.461 1.00 20.03 ? 222 LEU A CD2 1 
HETATM 383  N  N   . MSE A 1 57  ? -2.062  11.804  -8.302  1.00 10.53 ? 223 MSE A N   1 
HETATM 384  C  CA  . MSE A 1 57  ? -1.777  11.135  -7.044  1.00 15.65 ? 223 MSE A CA  1 
HETATM 385  C  C   . MSE A 1 57  ? -2.489  11.819  -5.886  1.00 13.13 ? 223 MSE A C   1 
HETATM 386  O  O   . MSE A 1 57  ? -2.843  11.173  -4.899  1.00 12.83 ? 223 MSE A O   1 
HETATM 387  C  CB  . MSE A 1 57  ? -0.264  11.076  -6.805  1.00 17.28 ? 223 MSE A CB  1 
HETATM 388  C  CG  . MSE A 1 57  ? 0.474   10.165  -7.793  1.00 14.88 ? 223 MSE A CG  1 
HETATM 389  SE SE  . MSE A 1 57  ? -0.267  8.351   -7.865  1.00 24.83 ? 223 MSE A SE  1 
HETATM 390  C  CE  . MSE A 1 57  ? 0.002   7.881   -6.017  1.00 16.62 ? 223 MSE A CE  1 
ATOM   391  N  N   . LEU A 1 58  ? -2.712  13.128  -6.001  1.00 9.39  ? 224 LEU A N   1 
ATOM   392  C  CA  . LEU A 1 58  ? -3.420  13.847  -4.945  1.00 12.10 ? 224 LEU A CA  1 
ATOM   393  C  C   . LEU A 1 58  ? -4.879  13.412  -4.956  1.00 13.64 ? 224 LEU A C   1 
ATOM   394  O  O   . LEU A 1 58  ? -5.507  13.278  -3.906  1.00 12.68 ? 224 LEU A O   1 
ATOM   395  C  CB  . LEU A 1 58  ? -3.323  15.361  -5.155  1.00 15.43 ? 224 LEU A CB  1 
ATOM   396  C  CG  . LEU A 1 58  ? -1.952  15.958  -4.836  1.00 19.13 ? 224 LEU A CG  1 
ATOM   397  C  CD1 . LEU A 1 58  ? -1.923  17.422  -5.240  1.00 25.82 ? 224 LEU A CD1 1 
ATOM   398  C  CD2 . LEU A 1 58  ? -1.660  15.804  -3.346  1.00 24.27 ? 224 LEU A CD2 1 
ATOM   399  N  N   . GLU A 1 59  ? -5.422  13.189  -6.150  1.00 13.28 ? 225 GLU A N   1 
ATOM   400  C  CA  . GLU A 1 59  ? -6.804  12.748  -6.259  1.00 14.39 ? 225 GLU A CA  1 
ATOM   401  C  C   . GLU A 1 59  ? -6.938  11.324  -5.730  1.00 12.86 ? 225 GLU A C   1 
ATOM   402  O  O   . GLU A 1 59  ? -7.946  10.979  -5.112  1.00 13.20 ? 225 GLU A O   1 
ATOM   403  C  CB  . GLU A 1 59  ? -7.284  12.830  -7.713  1.00 14.23 ? 225 GLU A CB  1 
ATOM   404  C  CG  . GLU A 1 59  ? -8.012  14.128  -8.030  1.00 31.62 ? 225 GLU A CG  1 
ATOM   405  C  CD  . GLU A 1 59  ? -9.335  14.237  -7.288  1.00 24.58 ? 225 GLU A CD  1 
ATOM   406  O  OE1 . GLU A 1 59  ? -10.269 13.474  -7.618  1.00 40.49 ? 225 GLU A OE1 1 
ATOM   407  O  OE2 . GLU A 1 59  ? -9.439  15.073  -6.370  1.00 41.51 ? 225 GLU A OE2 1 
ATOM   408  N  N   . ALA A 1 60  ? -5.918  10.501  -5.962  1.00 11.10 ? 226 ALA A N   1 
ATOM   409  C  CA  . ALA A 1 60  ? -5.940  9.126   -5.480  1.00 10.13 ? 226 ALA A CA  1 
ATOM   410  C  C   . ALA A 1 60  ? -5.926  9.154   -3.953  1.00 12.46 ? 226 ALA A C   1 
ATOM   411  O  O   . ALA A 1 60  ? -6.647  8.402   -3.297  1.00 12.64 ? 226 ALA A O   1 
ATOM   412  C  CB  . ALA A 1 60  ? -4.727  8.358   -6.005  1.00 12.23 ? 226 ALA A CB  1 
ATOM   413  N  N   . ARG A 1 61  ? -5.104  10.042  -3.401  1.00 10.88 ? 227 ARG A N   1 
ATOM   414  C  CA  . ARG A 1 61  ? -4.987  10.210  -1.953  1.00 11.33 ? 227 ARG A CA  1 
ATOM   415  C  C   . ARG A 1 61  ? -6.331  10.608  -1.353  1.00 13.54 ? 227 ARG A C   1 
ATOM   416  O  O   . ARG A 1 61  ? -6.753  10.059  -0.335  1.00 16.34 ? 227 ARG A O   1 
ATOM   417  C  CB  . ARG A 1 61  ? -3.957  11.299  -1.632  1.00 16.17 ? 227 ARG A CB  1 
ATOM   418  C  CG  . ARG A 1 61  ? -3.884  11.672  -0.151  1.00 20.11 ? 227 ARG A CG  1 
ATOM   419  C  CD  . ARG A 1 61  ? -3.370  13.096  0.036   1.00 28.34 ? 227 ARG A CD  1 
ATOM   420  N  NE  . ARG A 1 61  ? -4.249  14.077  -0.599  1.00 26.67 ? 227 ARG A NE  1 
ATOM   421  C  CZ  . ARG A 1 61  ? -4.051  15.392  -0.577  1.00 29.97 ? 227 ARG A CZ  1 
ATOM   422  N  NH1 . ARG A 1 61  ? -2.998  15.898  0.051   1.00 31.65 ? 227 ARG A NH1 1 
ATOM   423  N  NH2 . ARG A 1 61  ? -4.903  16.204  -1.188  1.00 35.35 ? 227 ARG A NH2 1 
ATOM   424  N  N   . ASP A 1 62  ? -7.003  11.566  -1.981  1.00 16.77 ? 228 ASP A N   1 
ATOM   425  C  CA  . ASP A 1 62  ? -8.293  12.025  -1.476  1.00 17.47 ? 228 ASP A CA  1 
ATOM   426  C  C   . ASP A 1 62  ? -9.345  10.931  -1.490  1.00 16.35 ? 228 ASP A C   1 
ATOM   427  O  O   . ASP A 1 62  ? -10.193 10.868  -0.599  1.00 19.79 ? 228 ASP A O   1 
ATOM   428  C  CB  . ASP A 1 62  ? -8.796  13.224  -2.283  1.00 15.57 ? 228 ASP A CB  1 
ATOM   429  C  CG  . ASP A 1 62  ? -7.940  14.459  -2.087  1.00 18.90 ? 228 ASP A CG  1 
ATOM   430  O  OD1 . ASP A 1 62  ? -7.082  14.459  -1.180  1.00 21.10 ? 228 ASP A OD1 1 
ATOM   431  O  OD2 . ASP A 1 62  ? -8.138  15.439  -2.836  1.00 20.41 ? 228 ASP A OD2 1 
ATOM   432  N  N   . ARG A 1 63  ? -9.301  10.068  -2.499  1.00 12.44 ? 229 ARG A N   1 
ATOM   433  C  CA  . ARG A 1 63  ? -10.275 8.992   -2.576  1.00 13.39 ? 229 ARG A CA  1 
ATOM   434  C  C   . ARG A 1 63  ? -10.042 7.975   -1.463  1.00 13.00 ? 229 ARG A C   1 
ATOM   435  O  O   . ARG A 1 63  ? -10.994 7.458   -0.880  1.00 14.89 ? 229 ARG A O   1 
ATOM   436  C  CB  . ARG A 1 63  ? -10.219 8.303   -3.942  1.00 14.36 ? 229 ARG A CB  1 
ATOM   437  C  CG  . ARG A 1 63  ? -11.277 7.232   -4.101  1.00 17.43 ? 229 ARG A CG  1 
ATOM   438  C  CD  . ARG A 1 63  ? -11.301 6.664   -5.508  1.00 13.95 ? 229 ARG A CD  1 
ATOM   439  N  NE  . ARG A 1 63  ? -11.609 7.676   -6.520  1.00 11.70 ? 229 ARG A NE  1 
ATOM   440  C  CZ  . ARG A 1 63  ? -11.801 7.391   -7.803  1.00 12.67 ? 229 ARG A CZ  1 
ATOM   441  N  NH1 . ARG A 1 63  ? -12.075 8.359   -8.670  1.00 14.80 ? 229 ARG A NH1 1 
ATOM   442  N  NH2 . ARG A 1 63  ? -11.715 6.131   -8.215  1.00 10.02 ? 229 ARG A NH2 1 
ATOM   443  N  N   . ILE A 1 64  ? -8.778  7.688   -1.164  1.00 12.52 ? 230 ILE A N   1 
ATOM   444  C  CA  . ILE A 1 64  ? -8.471  6.741   -0.099  1.00 11.88 ? 230 ILE A CA  1 
ATOM   445  C  C   . ILE A 1 64  ? -8.883  7.361   1.233   1.00 13.73 ? 230 ILE A C   1 
ATOM   446  O  O   . ILE A 1 64  ? -9.461  6.692   2.086   1.00 13.91 ? 230 ILE A O   1 
ATOM   447  C  CB  . ILE A 1 64  ? -6.967  6.397   -0.060  1.00 9.63  ? 230 ILE A CB  1 
ATOM   448  C  CG1 . ILE A 1 64  ? -6.575  5.659   -1.341  1.00 10.36 ? 230 ILE A CG1 1 
ATOM   449  C  CG2 . ILE A 1 64  ? -6.661  5.523   1.165   1.00 10.00 ? 230 ILE A CG2 1 
ATOM   450  C  CD1 . ILE A 1 64  ? -5.084  5.459   -1.501  1.00 10.21 ? 230 ILE A CD1 1 
ATOM   451  N  N   . ARG A 1 65  ? -8.594  8.647   1.397   1.00 15.35 ? 231 ARG A N   1 
ATOM   452  C  CA  . ARG A 1 65  ? -8.950  9.346   2.627   1.00 18.48 ? 231 ARG A CA  1 
ATOM   453  C  C   . ARG A 1 65  ? -10.455 9.355   2.848   1.00 23.24 ? 231 ARG A C   1 
ATOM   454  O  O   . ARG A 1 65  ? -10.929 9.292   3.984   1.00 25.58 ? 231 ARG A O   1 
ATOM   455  C  CB  . ARG A 1 65  ? -8.430  10.782  2.584   1.00 19.86 ? 231 ARG A CB  1 
ATOM   456  C  CG  . ARG A 1 65  ? -6.940  10.906  2.825   1.00 20.34 ? 231 ARG A CG  1 
ATOM   457  C  CD  . ARG A 1 65  ? -6.610  10.509  4.249   1.00 31.71 ? 231 ARG A CD  1 
ATOM   458  N  NE  . ARG A 1 65  ? -7.385  11.298  5.204   1.00 38.54 ? 231 ARG A NE  1 
ATOM   459  C  CZ  . ARG A 1 65  ? -7.435  11.056  6.510   1.00 41.38 ? 231 ARG A CZ  1 
ATOM   460  N  NH1 . ARG A 1 65  ? -6.754  10.042  7.024   1.00 49.03 ? 231 ARG A NH1 1 
ATOM   461  N  NH2 . ARG A 1 65  ? -8.168  11.828  7.302   1.00 48.35 ? 231 ARG A NH2 1 
ATOM   462  N  N   . ALA A 1 66  ? -11.209 9.433   1.757   1.00 14.09 ? 232 ALA A N   1 
ATOM   463  C  CA  . ALA A 1 66  ? -12.663 9.452   1.840   1.00 17.93 ? 232 ALA A CA  1 
ATOM   464  C  C   . ALA A 1 66  ? -13.237 8.072   2.158   1.00 21.22 ? 232 ALA A C   1 
ATOM   465  O  O   . ALA A 1 66  ? -14.241 7.961   2.861   1.00 22.34 ? 232 ALA A O   1 
ATOM   466  C  CB  . ALA A 1 66  ? -13.251 9.976   0.535   1.00 18.92 ? 232 ALA A CB  1 
ATOM   467  N  N   . GLU A 1 67  ? -12.594 7.024   1.649   1.00 17.80 ? 233 GLU A N   1 
ATOM   468  C  CA  . GLU A 1 67  ? -13.051 5.654   1.878   1.00 17.83 ? 233 GLU A CA  1 
ATOM   469  C  C   . GLU A 1 67  ? -12.653 5.118   3.249   1.00 20.54 ? 233 GLU A C   1 
ATOM   470  O  O   . GLU A 1 67  ? -13.384 4.333   3.857   1.00 20.25 ? 233 GLU A O   1 
ATOM   471  C  CB  . GLU A 1 67  ? -12.486 4.723   0.803   1.00 23.95 ? 233 GLU A CB  1 
ATOM   472  C  CG  . GLU A 1 67  ? -13.058 4.946   -0.576  1.00 26.49 ? 233 GLU A CG  1 
ATOM   473  C  CD  . GLU A 1 67  ? -14.556 4.734   -0.614  1.00 37.70 ? 233 GLU A CD  1 
ATOM   474  O  OE1 . GLU A 1 67  ? -15.006 3.621   -0.276  1.00 36.33 ? 233 GLU A OE1 1 
ATOM   475  O  OE2 . GLU A 1 67  ? -15.284 5.683   -0.979  1.00 46.82 ? 233 GLU A OE2 1 
ATOM   476  N  N   . LEU A 1 68  ? -11.489 5.548   3.722   1.00 20.38 ? 234 LEU A N   1 
ATOM   477  C  CA  . LEU A 1 68  ? -10.949 5.122   5.008   1.00 20.46 ? 234 LEU A CA  1 
ATOM   478  C  C   . LEU A 1 68  ? -10.584 6.334   5.861   1.00 22.56 ? 234 LEU A C   1 
ATOM   479  O  O   . LEU A 1 68  ? -9.413  6.567   6.155   1.00 22.17 ? 234 LEU A O   1 
ATOM   480  C  CB  . LEU A 1 68  ? -9.701  4.271   4.776   1.00 21.04 ? 234 LEU A CB  1 
ATOM   481  C  CG  . LEU A 1 68  ? -9.858  3.107   3.797   1.00 16.64 ? 234 LEU A CG  1 
ATOM   482  C  CD1 . LEU A 1 68  ? -8.490  2.556   3.429   1.00 16.91 ? 234 LEU A CD1 1 
ATOM   483  C  CD2 . LEU A 1 68  ? -10.728 2.024   4.420   1.00 19.65 ? 234 LEU A CD2 1 
ATOM   484  N  N   . PRO A 1 69  ? -11.589 7.118   6.280   1.00 22.84 ? 235 PRO A N   1 
ATOM   485  C  CA  . PRO A 1 69  ? -11.344 8.310   7.100   1.00 28.38 ? 235 PRO A CA  1 
ATOM   486  C  C   . PRO A 1 69  ? -10.682 8.052   8.450   1.00 33.97 ? 235 PRO A C   1 
ATOM   487  O  O   . PRO A 1 69  ? -9.908  8.877   8.933   1.00 36.36 ? 235 PRO A O   1 
ATOM   488  C  CB  . PRO A 1 69  ? -12.739 8.913   7.248   1.00 28.10 ? 235 PRO A CB  1 
ATOM   489  C  CG  . PRO A 1 69  ? -13.624 7.706   7.230   1.00 27.44 ? 235 PRO A CG  1 
ATOM   490  C  CD  . PRO A 1 69  ? -13.033 6.898   6.093   1.00 21.34 ? 235 PRO A CD  1 
ATOM   491  N  N   . ASP A 1 70  ? -10.984 6.906   9.050   1.00 36.05 ? 236 ASP A N   1 
ATOM   492  C  CA  . ASP A 1 70  ? -10.428 6.558   10.352  1.00 37.45 ? 236 ASP A CA  1 
ATOM   493  C  C   . ASP A 1 70  ? -9.065  5.879   10.261  1.00 40.72 ? 236 ASP A C   1 
ATOM   494  O  O   . ASP A 1 70  ? -8.633  5.214   11.204  1.00 38.87 ? 236 ASP A O   1 
ATOM   495  C  CB  . ASP A 1 70  ? -11.404 5.658   11.109  1.00 43.63 ? 236 ASP A CB  1 
ATOM   496  C  CG  . ASP A 1 70  ? -12.761 6.309   11.309  1.00 45.14 ? 236 ASP A CG  1 
ATOM   497  O  OD1 . ASP A 1 70  ? -13.438 6.597   10.300  1.00 50.00 ? 236 ASP A OD1 1 
ATOM   498  O  OD2 . ASP A 1 70  ? -13.149 6.533   12.475  1.00 50.25 ? 236 ASP A OD2 1 
ATOM   499  N  N   . PHE A 1 71  ? -8.390  6.043   9.128   1.00 34.96 ? 237 PHE A N   1 
ATOM   500  C  CA  . PHE A 1 71  ? -7.072  5.449   8.941   1.00 31.67 ? 237 PHE A CA  1 
ATOM   501  C  C   . PHE A 1 71  ? -6.020  6.495   8.603   1.00 29.11 ? 237 PHE A C   1 
ATOM   502  O  O   . PHE A 1 71  ? -6.263  7.402   7.806   1.00 31.57 ? 237 PHE A O   1 
ATOM   503  C  CB  . PHE A 1 71  ? -7.089  4.394   7.828   1.00 30.07 ? 237 PHE A CB  1 
ATOM   504  C  CG  . PHE A 1 71  ? -7.722  3.090   8.227   1.00 27.31 ? 237 PHE A CG  1 
ATOM   505  C  CD1 . PHE A 1 71  ? -9.100  2.920   8.174   1.00 30.04 ? 237 PHE A CD1 1 
ATOM   506  C  CD2 . PHE A 1 71  ? -6.933  2.026   8.657   1.00 36.23 ? 237 PHE A CD2 1 
ATOM   507  C  CE1 . PHE A 1 71  ? -9.686  1.710   8.541   1.00 29.15 ? 237 PHE A CE1 1 
ATOM   508  C  CE2 . PHE A 1 71  ? -7.508  0.814   9.028   1.00 28.93 ? 237 PHE A CE2 1 
ATOM   509  C  CZ  . PHE A 1 71  ? -8.887  0.656   8.969   1.00 28.08 ? 237 PHE A CZ  1 
ATOM   510  N  N   . THR A 1 72  ? -4.854  6.368   9.225   1.00 24.37 ? 238 THR A N   1 
ATOM   511  C  CA  . THR A 1 72  ? -3.750  7.278   8.963   1.00 19.75 ? 238 THR A CA  1 
ATOM   512  C  C   . THR A 1 72  ? -3.128  6.821   7.648   1.00 21.89 ? 238 THR A C   1 
ATOM   513  O  O   . THR A 1 72  ? -2.710  5.671   7.524   1.00 21.91 ? 238 THR A O   1 
ATOM   514  C  CB  . THR A 1 72  ? -2.685  7.199   10.071  1.00 26.28 ? 238 THR A CB  1 
ATOM   515  O  OG1 . THR A 1 72  ? -3.263  7.601   11.319  1.00 32.12 ? 238 THR A OG1 1 
ATOM   516  C  CG2 . THR A 1 72  ? -1.512  8.101   9.744   1.00 26.47 ? 238 THR A CG2 1 
ATOM   517  N  N   . LEU A 1 73  ? -3.073  7.717   6.668   1.00 20.17 ? 239 LEU A N   1 
ATOM   518  C  CA  . LEU A 1 73  ? -2.519  7.382   5.361   1.00 19.58 ? 239 LEU A CA  1 
ATOM   519  C  C   . LEU A 1 73  ? -1.075  7.845   5.209   1.00 17.18 ? 239 LEU A C   1 
ATOM   520  O  O   . LEU A 1 73  ? -0.782  9.038   5.309   1.00 26.42 ? 239 LEU A O   1 
ATOM   521  C  CB  . LEU A 1 73  ? -3.378  8.006   4.256   1.00 19.21 ? 239 LEU A CB  1 
ATOM   522  C  CG  . LEU A 1 73  ? -3.025  7.627   2.817   1.00 18.67 ? 239 LEU A CG  1 
ATOM   523  C  CD1 . LEU A 1 73  ? -3.286  6.140   2.606   1.00 14.75 ? 239 LEU A CD1 1 
ATOM   524  C  CD2 . LEU A 1 73  ? -3.864  8.450   1.849   1.00 28.01 ? 239 LEU A CD2 1 
ATOM   525  N  N   . TYR A 1 74  ? -0.172  6.899   4.967   1.00 15.76 ? 240 TYR A N   1 
ATOM   526  C  CA  . TYR A 1 74  ? 1.239   7.227   4.800   1.00 16.13 ? 240 TYR A CA  1 
ATOM   527  C  C   . TYR A 1 74  ? 1.622   7.250   3.328   1.00 17.00 ? 240 TYR A C   1 
ATOM   528  O  O   . TYR A 1 74  ? 1.036   6.539   2.514   1.00 17.67 ? 240 TYR A O   1 
ATOM   529  C  CB  . TYR A 1 74  ? 2.129   6.204   5.516   1.00 15.34 ? 240 TYR A CB  1 
ATOM   530  C  CG  . TYR A 1 74  ? 1.932   6.111   7.015   1.00 14.11 ? 240 TYR A CG  1 
ATOM   531  C  CD1 . TYR A 1 74  ? 0.845   5.425   7.553   1.00 12.66 ? 240 TYR A CD1 1 
ATOM   532  C  CD2 . TYR A 1 74  ? 2.856   6.677   7.896   1.00 20.79 ? 240 TYR A CD2 1 
ATOM   533  C  CE1 . TYR A 1 74  ? 0.684   5.297   8.933   1.00 17.75 ? 240 TYR A CE1 1 
ATOM   534  C  CE2 . TYR A 1 74  ? 2.702   6.556   9.277   1.00 15.21 ? 240 TYR A CE2 1 
ATOM   535  C  CZ  . TYR A 1 74  ? 1.618   5.864   9.785   1.00 14.57 ? 240 TYR A CZ  1 
ATOM   536  O  OH  . TYR A 1 74  ? 1.462   5.723   11.144  1.00 18.03 ? 240 TYR A OH  1 
ATOM   537  N  N   . LYS A 1 75  ? 2.607   8.071   2.987   1.00 16.81 ? 241 LYS A N   1 
ATOM   538  C  CA  . LYS A 1 75  ? 3.073   8.156   1.612   1.00 19.65 ? 241 LYS A CA  1 
ATOM   539  C  C   . LYS A 1 75  ? 4.412   7.428   1.539   1.00 24.69 ? 241 LYS A C   1 
ATOM   540  O  O   . LYS A 1 75  ? 5.420   7.914   2.054   1.00 27.97 ? 241 LYS A O   1 
ATOM   541  C  CB  . LYS A 1 75  ? 3.240   9.621   1.204   1.00 26.30 ? 241 LYS A CB  1 
ATOM   542  C  CG  . LYS A 1 75  ? 3.684   9.823   -0.230  1.00 29.99 ? 241 LYS A CG  1 
ATOM   543  C  CD  . LYS A 1 75  ? 2.612   9.401   -1.215  1.00 30.17 ? 241 LYS A CD  1 
ATOM   544  C  CE  . LYS A 1 75  ? 2.998   9.799   -2.630  1.00 40.78 ? 241 LYS A CE  1 
ATOM   545  N  NZ  . LYS A 1 75  ? 1.974   9.392   -3.623  1.00 42.87 ? 241 LYS A NZ  1 
ATOM   546  N  N   . ILE A 1 76  ? 4.413   6.257   0.907   1.00 20.61 ? 242 ILE A N   1 
ATOM   547  C  CA  . ILE A 1 76  ? 5.613   5.431   0.773   1.00 19.90 ? 242 ILE A CA  1 
ATOM   548  C  C   . ILE A 1 76  ? 6.508   5.879   -0.378  1.00 22.80 ? 242 ILE A C   1 
ATOM   549  O  O   . ILE A 1 76  ? 7.701   6.126   -0.191  1.00 23.34 ? 242 ILE A O   1 
ATOM   550  C  CB  . ILE A 1 76  ? 5.240   3.938   0.553   1.00 18.50 ? 242 ILE A CB  1 
ATOM   551  C  CG1 . ILE A 1 76  ? 4.706   3.336   1.854   1.00 22.83 ? 242 ILE A CG1 1 
ATOM   552  C  CG2 . ILE A 1 76  ? 6.455   3.152   0.067   1.00 23.20 ? 242 ILE A CG2 1 
ATOM   553  C  CD1 . ILE A 1 76  ? 5.734   3.285   2.960   1.00 28.61 ? 242 ILE A CD1 1 
ATOM   554  N  N   . SER A 1 77  ? 5.929   5.964   -1.570  1.00 19.58 ? 243 SER A N   1 
ATOM   555  C  CA  . SER A 1 77  ? 6.665   6.376   -2.761  1.00 22.75 ? 243 SER A CA  1 
ATOM   556  C  C   . SER A 1 77  ? 5.751   7.251   -3.614  1.00 23.93 ? 243 SER A C   1 
ATOM   557  O  O   . SER A 1 77  ? 4.591   7.469   -3.268  1.00 20.82 ? 243 SER A O   1 
ATOM   558  C  CB  . SER A 1 77  ? 7.122   5.142   -3.550  1.00 28.67 ? 243 SER A CB  1 
ATOM   559  O  OG  . SER A 1 77  ? 6.025   4.454   -4.124  1.00 34.17 ? 243 SER A OG  1 
ATOM   560  N  N   . PRO A 1 78  ? 6.262   7.775   -4.741  1.00 28.72 ? 244 PRO A N   1 
ATOM   561  C  CA  . PRO A 1 78  ? 5.419   8.622   -5.587  1.00 31.11 ? 244 PRO A CA  1 
ATOM   562  C  C   . PRO A 1 78  ? 4.172   7.931   -6.141  1.00 23.69 ? 244 PRO A C   1 
ATOM   563  O  O   . PRO A 1 78  ? 3.282   8.593   -6.669  1.00 29.61 ? 244 PRO A O   1 
ATOM   564  C  CB  . PRO A 1 78  ? 6.380   9.073   -6.691  1.00 35.84 ? 244 PRO A CB  1 
ATOM   565  C  CG  . PRO A 1 78  ? 7.361   7.944   -6.769  1.00 38.86 ? 244 PRO A CG  1 
ATOM   566  C  CD  . PRO A 1 78  ? 7.613   7.649   -5.313  1.00 32.08 ? 244 PRO A CD  1 
ATOM   567  N  N   . THR A 1 79  ? 4.097   6.609   -6.017  1.00 22.15 ? 245 THR A N   1 
ATOM   568  C  CA  . THR A 1 79  ? 2.937   5.879   -6.524  1.00 15.28 ? 245 THR A CA  1 
ATOM   569  C  C   . THR A 1 79  ? 2.334   4.960   -5.473  1.00 13.86 ? 245 THR A C   1 
ATOM   570  O  O   . THR A 1 79  ? 1.343   4.280   -5.738  1.00 11.53 ? 245 THR A O   1 
ATOM   571  C  CB  . THR A 1 79  ? 3.306   5.001   -7.732  1.00 23.62 ? 245 THR A CB  1 
ATOM   572  O  OG1 . THR A 1 79  ? 4.156   3.929   -7.302  1.00 24.50 ? 245 THR A OG1 1 
ATOM   573  C  CG2 . THR A 1 79  ? 4.035   5.820   -8.787  1.00 27.34 ? 245 THR A CG2 1 
ATOM   574  N  N   . ARG A 1 80  ? 2.925   4.956   -4.281  1.00 12.08 ? 246 ARG A N   1 
ATOM   575  C  CA  . ARG A 1 80  ? 2.473   4.073   -3.210  1.00 9.61  ? 246 ARG A CA  1 
ATOM   576  C  C   . ARG A 1 80  ? 2.066   4.741   -1.904  1.00 8.61  ? 246 ARG A C   1 
ATOM   577  O  O   . ARG A 1 80  ? 2.715   5.673   -1.435  1.00 13.15 ? 246 ARG A O   1 
ATOM   578  C  CB  . ARG A 1 80  ? 3.574   3.056   -2.905  1.00 13.72 ? 246 ARG A CB  1 
ATOM   579  C  CG  . ARG A 1 80  ? 3.958   2.185   -4.080  1.00 15.39 ? 246 ARG A CG  1 
ATOM   580  C  CD  . ARG A 1 80  ? 5.305   1.519   -3.850  1.00 23.33 ? 246 ARG A CD  1 
ATOM   581  N  NE  . ARG A 1 80  ? 5.794   0.863   -5.060  1.00 26.23 ? 246 ARG A NE  1 
ATOM   582  C  CZ  . ARG A 1 80  ? 7.078   0.759   -5.385  1.00 28.43 ? 246 ARG A CZ  1 
ATOM   583  N  NH1 . ARG A 1 80  ? 8.009   1.270   -4.589  1.00 34.19 ? 246 ARG A NH1 1 
ATOM   584  N  NH2 . ARG A 1 80  ? 7.432   0.145   -6.507  1.00 36.42 ? 246 ARG A NH2 1 
ATOM   585  N  N   . PHE A 1 81  ? 0.984   4.234   -1.321  1.00 12.02 ? 247 PHE A N   1 
ATOM   586  C  CA  . PHE A 1 81  ? 0.483   4.726   -0.045  1.00 11.18 ? 247 PHE A CA  1 
ATOM   587  C  C   . PHE A 1 81  ? 0.547   3.564   0.935   1.00 12.29 ? 247 PHE A C   1 
ATOM   588  O  O   . PHE A 1 81  ? 0.511   2.407   0.526   1.00 10.80 ? 247 PHE A O   1 
ATOM   589  C  CB  . PHE A 1 81  ? -0.963  5.194   -0.179  1.00 10.77 ? 247 PHE A CB  1 
ATOM   590  C  CG  . PHE A 1 81  ? -1.127  6.406   -1.046  1.00 16.21 ? 247 PHE A CG  1 
ATOM   591  C  CD1 . PHE A 1 81  ? -0.773  7.668   -0.575  1.00 23.11 ? 247 PHE A CD1 1 
ATOM   592  C  CD2 . PHE A 1 81  ? -1.619  6.287   -2.339  1.00 15.46 ? 247 PHE A CD2 1 
ATOM   593  C  CE1 . PHE A 1 81  ? -0.911  8.795   -1.384  1.00 27.06 ? 247 PHE A CE1 1 
ATOM   594  C  CE2 . PHE A 1 81  ? -1.761  7.406   -3.154  1.00 17.12 ? 247 PHE A CE2 1 
ATOM   595  C  CZ  . PHE A 1 81  ? -1.406  8.660   -2.674  1.00 24.26 ? 247 PHE A CZ  1 
ATOM   596  N  N   . GLY A 1 82  ? 0.653   3.873   2.221   1.00 10.50 ? 248 GLY A N   1 
ATOM   597  C  CA  . GLY A 1 82  ? 0.710   2.820   3.214   1.00 13.56 ? 248 GLY A CA  1 
ATOM   598  C  C   . GLY A 1 82  ? -0.334  3.000   4.297   1.00 11.66 ? 248 GLY A C   1 
ATOM   599  O  O   . GLY A 1 82  ? -0.705  4.127   4.638   1.00 15.15 ? 248 GLY A O   1 
ATOM   600  N  N   . LEU A 1 83  ? -0.820  1.883   4.827   1.00 10.78 ? 249 LEU A N   1 
ATOM   601  C  CA  . LEU A 1 83  ? -1.812  1.883   5.893   1.00 9.23  ? 249 LEU A CA  1 
ATOM   602  C  C   . LEU A 1 83  ? -1.289  0.971   6.993   1.00 13.45 ? 249 LEU A C   1 
ATOM   603  O  O   . LEU A 1 83  ? -0.707  -0.076  6.713   1.00 15.50 ? 249 LEU A O   1 
ATOM   604  C  CB  . LEU A 1 83  ? -3.158  1.351   5.380   1.00 14.11 ? 249 LEU A CB  1 
ATOM   605  C  CG  . LEU A 1 83  ? -3.899  2.178   4.327   1.00 13.57 ? 249 LEU A CG  1 
ATOM   606  C  CD1 . LEU A 1 83  ? -5.045  1.357   3.743   1.00 16.90 ? 249 LEU A CD1 1 
ATOM   607  C  CD2 . LEU A 1 83  ? -4.420  3.457   4.950   1.00 17.09 ? 249 LEU A CD2 1 
ATOM   608  N  N   . LEU A 1 84  ? -1.485  1.372   8.243   1.00 13.11 ? 250 LEU A N   1 
ATOM   609  C  CA  . LEU A 1 84  ? -1.030  0.577   9.376   1.00 11.22 ? 250 LEU A CA  1 
ATOM   610  C  C   . LEU A 1 84  ? -2.255  0.108   10.148  1.00 14.18 ? 250 LEU A C   1 
ATOM   611  O  O   . LEU A 1 84  ? -3.001  0.922   10.694  1.00 16.61 ? 250 LEU A O   1 
ATOM   612  C  CB  . LEU A 1 84  ? -0.121  1.430   10.282  1.00 12.57 ? 250 LEU A CB  1 
ATOM   613  C  CG  . LEU A 1 84  ? 0.714   0.767   11.386  1.00 15.12 ? 250 LEU A CG  1 
ATOM   614  C  CD1 . LEU A 1 84  ? 1.675   1.799   11.965  1.00 15.76 ? 250 LEU A CD1 1 
ATOM   615  C  CD2 . LEU A 1 84  ? -0.179  0.202   12.476  1.00 15.60 ? 250 LEU A CD2 1 
ATOM   616  N  N   . LEU A 1 85  ? -2.478  -1.201  10.168  1.00 12.71 ? 251 LEU A N   1 
ATOM   617  C  CA  . LEU A 1 85  ? -3.611  -1.760  10.899  1.00 13.21 ? 251 LEU A CA  1 
ATOM   618  C  C   . LEU A 1 85  ? -3.112  -2.371  12.195  1.00 11.68 ? 251 LEU A C   1 
ATOM   619  O  O   . LEU A 1 85  ? -2.373  -3.351  12.184  1.00 12.10 ? 251 LEU A O   1 
ATOM   620  C  CB  . LEU A 1 85  ? -4.327  -2.844  10.077  1.00 11.74 ? 251 LEU A CB  1 
ATOM   621  C  CG  . LEU A 1 85  ? -5.355  -2.399  9.033   1.00 13.87 ? 251 LEU A CG  1 
ATOM   622  C  CD1 . LEU A 1 85  ? -4.666  -1.609  7.928   1.00 16.42 ? 251 LEU A CD1 1 
ATOM   623  C  CD2 . LEU A 1 85  ? -6.050  -3.626  8.458   1.00 16.22 ? 251 LEU A CD2 1 
ATOM   624  N  N   . PRO A 1 86  ? -3.498  -1.784  13.336  1.00 12.98 ? 252 PRO A N   1 
ATOM   625  C  CA  . PRO A 1 86  ? -3.090  -2.279  14.654  1.00 17.84 ? 252 PRO A CA  1 
ATOM   626  C  C   . PRO A 1 86  ? -3.551  -3.712  14.875  1.00 18.19 ? 252 PRO A C   1 
ATOM   627  O  O   . PRO A 1 86  ? -4.475  -4.189  14.212  1.00 17.51 ? 252 PRO A O   1 
ATOM   628  C  CB  . PRO A 1 86  ? -3.768  -1.298  15.606  1.00 18.27 ? 252 PRO A CB  1 
ATOM   629  C  CG  . PRO A 1 86  ? -3.752  -0.031  14.828  1.00 21.17 ? 252 PRO A CG  1 
ATOM   630  C  CD  . PRO A 1 86  ? -4.195  -0.493  13.460  1.00 14.23 ? 252 PRO A CD  1 
ATOM   631  N  N   . ARG A 1 87  ? -2.911  -4.394  15.818  1.00 14.50 ? 253 ARG A N   1 
ATOM   632  C  CA  . ARG A 1 87  ? -3.246  -5.779  16.113  1.00 16.55 ? 253 ARG A CA  1 
ATOM   633  C  C   . ARG A 1 87  ? -4.748  -5.993  16.283  1.00 18.78 ? 253 ARG A C   1 
ATOM   634  O  O   . ARG A 1 87  ? -5.300  -6.971  15.780  1.00 16.80 ? 253 ARG A O   1 
ATOM   635  C  CB  . ARG A 1 87  ? -2.514  -6.236  17.378  1.00 19.42 ? 253 ARG A CB  1 
ATOM   636  C  CG  . ARG A 1 87  ? -2.661  -7.720  17.662  1.00 21.94 ? 253 ARG A CG  1 
ATOM   637  C  CD  . ARG A 1 87  ? -1.629  -8.192  18.667  1.00 32.20 ? 253 ARG A CD  1 
ATOM   638  N  NE  . ARG A 1 87  ? -1.610  -9.648  18.798  1.00 35.98 ? 253 ARG A NE  1 
ATOM   639  C  CZ  . ARG A 1 87  ? -0.651  -10.325 19.420  1.00 39.56 ? 253 ARG A CZ  1 
ATOM   640  N  NH1 . ARG A 1 87  ? 0.370   -9.678  19.969  1.00 29.28 ? 253 ARG A NH1 1 
ATOM   641  N  NH2 . ARG A 1 87  ? -0.709  -11.647 19.493  1.00 43.46 ? 253 ARG A NH2 1 
ATOM   642  N  N   . GLN A 1 88  ? -5.401  -5.068  16.980  1.00 17.59 ? 254 GLN A N   1 
ATOM   643  C  CA  . GLN A 1 88  ? -6.834  -5.156  17.235  1.00 26.10 ? 254 GLN A CA  1 
ATOM   644  C  C   . GLN A 1 88  ? -7.678  -5.209  15.962  1.00 23.55 ? 254 GLN A C   1 
ATOM   645  O  O   . GLN A 1 88  ? -8.726  -5.853  15.935  1.00 27.18 ? 254 GLN A O   1 
ATOM   646  C  CB  . GLN A 1 88  ? -7.299  -3.966  18.082  1.00 33.21 ? 254 GLN A CB  1 
ATOM   647  C  CG  . GLN A 1 88  ? -6.380  -3.613  19.243  1.00 41.67 ? 254 GLN A CG  1 
ATOM   648  C  CD  . GLN A 1 88  ? -5.166  -2.809  18.805  1.00 41.82 ? 254 GLN A CD  1 
ATOM   649  O  OE1 . GLN A 1 88  ? -5.291  -1.668  18.358  1.00 48.82 ? 254 GLN A OE1 1 
ATOM   650  N  NE2 . GLN A 1 88  ? -3.985  -3.402  18.931  1.00 37.74 ? 254 GLN A NE2 1 
ATOM   651  N  N   . GLN A 1 89  ? -7.231  -4.536  14.908  1.00 19.94 ? 255 GLN A N   1 
ATOM   652  C  CA  . GLN A 1 89  ? -8.009  -4.528  13.676  1.00 22.76 ? 255 GLN A CA  1 
ATOM   653  C  C   . GLN A 1 89  ? -7.421  -5.286  12.501  1.00 19.73 ? 255 GLN A C   1 
ATOM   654  O  O   . GLN A 1 89  ? -7.757  -5.011  11.345  1.00 16.41 ? 255 GLN A O   1 
ATOM   655  C  CB  . GLN A 1 89  ? -8.331  -3.090  13.266  1.00 28.20 ? 255 GLN A CB  1 
ATOM   656  C  CG  . GLN A 1 89  ? -7.211  -2.103  13.469  1.00 38.72 ? 255 GLN A CG  1 
ATOM   657  C  CD  . GLN A 1 89  ? -7.707  -0.672  13.420  1.00 38.83 ? 255 GLN A CD  1 
ATOM   658  O  OE1 . GLN A 1 89  ? -8.133  -0.185  12.372  1.00 47.24 ? 255 GLN A OE1 1 
ATOM   659  N  NE2 . GLN A 1 89  ? -7.668  0.007   14.562  1.00 38.70 ? 255 GLN A NE2 1 
ATOM   660  N  N   . GLN A 1 90  ? -6.552  -6.248  12.783  1.00 15.89 ? 256 GLN A N   1 
ATOM   661  C  CA  . GLN A 1 90  ? -5.980  -7.034  11.703  1.00 14.86 ? 256 GLN A CA  1 
ATOM   662  C  C   . GLN A 1 90  ? -7.112  -7.843  11.057  1.00 13.00 ? 256 GLN A C   1 
ATOM   663  O  O   . GLN A 1 90  ? -6.999  -8.270  9.909   1.00 15.80 ? 256 GLN A O   1 
ATOM   664  C  CB  . GLN A 1 90  ? -4.877  -7.960  12.229  1.00 18.13 ? 256 GLN A CB  1 
ATOM   665  C  CG  . GLN A 1 90  ? -3.605  -7.223  12.654  1.00 16.96 ? 256 GLN A CG  1 
ATOM   666  C  CD  . GLN A 1 90  ? -2.489  -8.165  13.065  1.00 14.48 ? 256 GLN A CD  1 
ATOM   667  O  OE1 . GLN A 1 90  ? -1.541  -8.404  12.309  1.00 16.45 ? 256 GLN A OE1 1 
ATOM   668  N  NE2 . GLN A 1 90  ? -2.604  -8.720  14.263  1.00 16.44 ? 256 GLN A NE2 1 
ATOM   669  N  N   . GLU A 1 91  ? -8.211  -8.034  11.788  1.00 14.09 ? 257 GLU A N   1 
ATOM   670  C  CA  . GLU A 1 91  ? -9.346  -8.784  11.248  1.00 10.55 ? 257 GLU A CA  1 
ATOM   671  C  C   . GLU A 1 91  ? -10.035 -7.991  10.135  1.00 13.38 ? 257 GLU A C   1 
ATOM   672  O  O   . GLU A 1 91  ? -10.903 -8.514  9.438   1.00 16.35 ? 257 GLU A O   1 
ATOM   673  C  CB  . GLU A 1 91  ? -10.368 -9.105  12.353  1.00 13.20 ? 257 GLU A CB  1 
ATOM   674  C  CG  . GLU A 1 91  ? -11.120 -7.896  12.895  1.00 14.24 ? 257 GLU A CG  1 
ATOM   675  C  CD  . GLU A 1 91  ? -12.084 -8.243  14.021  1.00 20.69 ? 257 GLU A CD  1 
ATOM   676  O  OE1 . GLU A 1 91  ? -12.325 -9.444  14.262  1.00 22.83 ? 257 GLU A OE1 1 
ATOM   677  O  OE2 . GLU A 1 91  ? -12.609 -7.304  14.654  1.00 21.80 ? 257 GLU A OE2 1 
ATOM   678  N  N   . GLU A 1 92  ? -9.647  -6.730  9.974   1.00 10.59 ? 258 GLU A N   1 
ATOM   679  C  CA  . GLU A 1 92  ? -10.243 -5.879  8.949   1.00 10.68 ? 258 GLU A CA  1 
ATOM   680  C  C   . GLU A 1 92  ? -9.393  -5.801  7.686   1.00 8.30  ? 258 GLU A C   1 
ATOM   681  O  O   . GLU A 1 92  ? -9.776  -5.145  6.715   1.00 11.53 ? 258 GLU A O   1 
ATOM   682  C  CB  . GLU A 1 92  ? -10.464 -4.466  9.499   1.00 14.34 ? 258 GLU A CB  1 
ATOM   683  C  CG  . GLU A 1 92  ? -11.379 -4.417  10.713  1.00 17.83 ? 258 GLU A CG  1 
ATOM   684  C  CD  . GLU A 1 92  ? -11.544 -3.019  11.270  1.00 29.17 ? 258 GLU A CD  1 
ATOM   685  O  OE1 . GLU A 1 92  ? -12.269 -2.865  12.275  1.00 30.46 ? 258 GLU A OE1 1 
ATOM   686  O  OE2 . GLU A 1 92  ? -10.957 -2.072  10.709  1.00 28.16 ? 258 GLU A OE2 1 
ATOM   687  N  N   . THR A 1 93  ? -8.254  -6.486  7.695   1.00 10.65 ? 259 THR A N   1 
ATOM   688  C  CA  . THR A 1 93  ? -7.343  -6.467  6.549   1.00 9.90  ? 259 THR A CA  1 
ATOM   689  C  C   . THR A 1 93  ? -8.023  -6.672  5.196   1.00 9.32  ? 259 THR A C   1 
ATOM   690  O  O   . THR A 1 93  ? -7.950  -5.805  4.326   1.00 8.98  ? 259 THR A O   1 
ATOM   691  C  CB  . THR A 1 93  ? -6.227  -7.519  6.702   1.00 15.04 ? 259 THR A CB  1 
ATOM   692  O  OG1 . THR A 1 93  ? -5.493  -7.262  7.904   1.00 13.29 ? 259 THR A OG1 1 
ATOM   693  C  CG2 . THR A 1 93  ? -5.259  -7.452  5.520   1.00 12.32 ? 259 THR A CG2 1 
ATOM   694  N  N   . GLU A 1 94  ? -8.681  -7.811  5.020   1.00 8.19  ? 260 GLU A N   1 
ATOM   695  C  CA  . GLU A 1 94  ? -9.349  -8.104  3.756   1.00 8.39  ? 260 GLU A CA  1 
ATOM   696  C  C   . GLU A 1 94  ? -10.459 -7.118  3.409   1.00 10.78 ? 260 GLU A C   1 
ATOM   697  O  O   . GLU A 1 94  ? -10.679 -6.801  2.238   1.00 8.98  ? 260 GLU A O   1 
ATOM   698  C  CB  . GLU A 1 94  ? -9.904  -9.535  3.774   1.00 8.97  ? 260 GLU A CB  1 
ATOM   699  C  CG  . GLU A 1 94  ? -8.822  -10.614 3.805   1.00 9.45  ? 260 GLU A CG  1 
ATOM   700  C  CD  . GLU A 1 94  ? -8.342  -10.973 5.203   1.00 12.98 ? 260 GLU A CD  1 
ATOM   701  O  OE1 . GLU A 1 94  ? -8.687  -10.271 6.178   1.00 12.30 ? 260 GLU A OE1 1 
ATOM   702  O  OE2 . GLU A 1 94  ? -7.604  -11.973 5.321   1.00 19.67 ? 260 GLU A OE2 1 
ATOM   703  N  N   . SER A 1 95  ? -11.153 -6.616  4.424   1.00 8.22  ? 261 SER A N   1 
ATOM   704  C  CA  . SER A 1 95  ? -12.231 -5.662  4.197   1.00 8.12  ? 261 SER A CA  1 
ATOM   705  C  C   . SER A 1 95  ? -11.672 -4.341  3.681   1.00 7.13  ? 261 SER A C   1 
ATOM   706  O  O   . SER A 1 95  ? -12.266 -3.699  2.812   1.00 9.87  ? 261 SER A O   1 
ATOM   707  C  CB  . SER A 1 95  ? -13.011 -5.431  5.491   1.00 10.80 ? 261 SER A CB  1 
ATOM   708  O  OG  . SER A 1 95  ? -13.644 -6.631  5.906   1.00 11.79 ? 261 SER A OG  1 
ATOM   709  N  N   . VAL A 1 96  ? -10.526 -3.942  4.225   1.00 8.89  ? 262 VAL A N   1 
ATOM   710  C  CA  . VAL A 1 96  ? -9.879  -2.710  3.796   1.00 9.68  ? 262 VAL A CA  1 
ATOM   711  C  C   . VAL A 1 96  ? -9.431  -2.886  2.347   1.00 10.05 ? 262 VAL A C   1 
ATOM   712  O  O   . VAL A 1 96  ? -9.629  -2.001  1.514   1.00 9.60  ? 262 VAL A O   1 
ATOM   713  C  CB  . VAL A 1 96  ? -8.660  -2.377  4.691   1.00 9.50  ? 262 VAL A CB  1 
ATOM   714  C  CG1 . VAL A 1 96  ? -7.894  -1.184  4.118   1.00 13.06 ? 262 VAL A CG1 1 
ATOM   715  C  CG2 . VAL A 1 96  ? -9.131  -2.053  6.104   1.00 11.41 ? 262 VAL A CG2 1 
ATOM   716  N  N   . CYS A 1 97  ? -8.847  -4.039  2.041   1.00 8.81  ? 263 CYS A N   1 
ATOM   717  C  CA  . CYS A 1 97  ? -8.389  -4.296  0.681   1.00 8.17  ? 263 CYS A CA  1 
ATOM   718  C  C   . CYS A 1 97  ? -9.560  -4.278  -0.298  1.00 7.87  ? 263 CYS A C   1 
ATOM   719  O  O   . CYS A 1 97  ? -9.475  -3.664  -1.368  1.00 8.60  ? 263 CYS A O   1 
ATOM   720  C  CB  . CYS A 1 97  ? -7.649  -5.631  0.604   1.00 5.52  ? 263 CYS A CB  1 
ATOM   721  S  SG  . CYS A 1 97  ? -6.015  -5.599  1.380   1.00 9.71  ? 263 CYS A SG  1 
ATOM   722  N  N   . LEU A 1 98  ? -10.656 -4.938  0.064   1.00 7.50  ? 264 LEU A N   1 
ATOM   723  C  CA  . LEU A 1 98  ? -11.830 -4.966  -0.809  1.00 7.24  ? 264 LEU A CA  1 
ATOM   724  C  C   . LEU A 1 98  ? -12.387 -3.566  -1.030  1.00 8.60  ? 264 LEU A C   1 
ATOM   725  O  O   . LEU A 1 98  ? -12.799 -3.227  -2.143  1.00 9.37  ? 264 LEU A O   1 
ATOM   726  C  CB  . LEU A 1 98  ? -12.909 -5.879  -0.220  1.00 7.93  ? 264 LEU A CB  1 
ATOM   727  C  CG  . LEU A 1 98  ? -12.575 -7.371  -0.290  1.00 8.12  ? 264 LEU A CG  1 
ATOM   728  C  CD1 . LEU A 1 98  ? -13.485 -8.146  0.648   1.00 11.50 ? 264 LEU A CD1 1 
ATOM   729  C  CD2 . LEU A 1 98  ? -12.728 -7.877  -1.724  1.00 9.76  ? 264 LEU A CD2 1 
ATOM   730  N  N   . ARG A 1 99  ? -12.400 -2.750  0.022   1.00 8.18  ? 265 ARG A N   1 
ATOM   731  C  CA  . ARG A 1 99  ? -12.894 -1.380  -0.090  1.00 10.28 ? 265 ARG A CA  1 
ATOM   732  C  C   . ARG A 1 99  ? -12.012 -0.558  -1.026  1.00 8.50  ? 265 ARG A C   1 
ATOM   733  O  O   . ARG A 1 99  ? -12.512 0.262   -1.803  1.00 10.22 ? 265 ARG A O   1 
ATOM   734  C  CB  . ARG A 1 99  ? -12.954 -0.704  1.287   1.00 17.22 ? 265 ARG A CB  1 
ATOM   735  C  CG  . ARG A 1 99  ? -14.358 -0.623  1.882   1.00 33.69 ? 265 ARG A CG  1 
ATOM   736  C  CD  . ARG A 1 99  ? -14.695 -1.803  2.775   1.00 36.19 ? 265 ARG A CD  1 
ATOM   737  N  NE  . ARG A 1 99  ? -16.115 -1.814  3.130   1.00 35.82 ? 265 ARG A NE  1 
ATOM   738  C  CZ  . ARG A 1 99  ? -16.659 -2.621  4.036   1.00 36.16 ? 265 ARG A CZ  1 
ATOM   739  N  NH1 . ARG A 1 99  ? -15.907 -3.492  4.696   1.00 20.01 ? 265 ARG A NH1 1 
ATOM   740  N  NH2 . ARG A 1 99  ? -17.962 -2.563  4.274   1.00 31.18 ? 265 ARG A NH2 1 
ATOM   741  N  N   . LEU A 1 100 ? -10.702 -0.776  -0.951  1.00 8.40  ? 266 LEU A N   1 
ATOM   742  C  CA  . LEU A 1 100 ? -9.782  -0.049  -1.827  1.00 11.69 ? 266 LEU A CA  1 
ATOM   743  C  C   . LEU A 1 100 ? -9.962  -0.503  -3.271  1.00 10.70 ? 266 LEU A C   1 
ATOM   744  O  O   . LEU A 1 100 ? -9.952  0.320   -4.191  1.00 9.76  ? 266 LEU A O   1 
ATOM   745  C  CB  . LEU A 1 100 ? -8.328  -0.261  -1.386  1.00 10.65 ? 266 LEU A CB  1 
ATOM   746  C  CG  . LEU A 1 100 ? -7.944  0.412   -0.058  1.00 10.84 ? 266 LEU A CG  1 
ATOM   747  C  CD1 . LEU A 1 100 ? -6.558  -0.039  0.388   1.00 13.80 ? 266 LEU A CD1 1 
ATOM   748  C  CD2 . LEU A 1 100 ? -7.982  1.926   -0.238  1.00 20.58 ? 266 LEU A CD2 1 
ATOM   749  N  N   . LEU A 1 101 ? -10.123 -1.807  -3.482  1.00 9.36  ? 267 LEU A N   1 
ATOM   750  C  CA  . LEU A 1 101 ? -10.323 -2.311  -4.843  1.00 6.53  ? 267 LEU A CA  1 
ATOM   751  C  C   . LEU A 1 101 ? -11.595 -1.716  -5.435  1.00 11.69 ? 267 LEU A C   1 
ATOM   752  O  O   . LEU A 1 101 ? -11.610 -1.275  -6.584  1.00 11.69 ? 267 LEU A O   1 
ATOM   753  C  CB  . LEU A 1 101 ? -10.422 -3.843  -4.852  1.00 7.30  ? 267 LEU A CB  1 
ATOM   754  C  CG  . LEU A 1 101 ? -9.150  -4.595  -4.475  1.00 7.42  ? 267 LEU A CG  1 
ATOM   755  C  CD1 . LEU A 1 101 ? -9.449  -6.076  -4.329  1.00 12.44 ? 267 LEU A CD1 1 
ATOM   756  C  CD2 . LEU A 1 101 ? -8.075  -4.363  -5.542  1.00 11.09 ? 267 LEU A CD2 1 
ATOM   757  N  N   . ARG A 1 102 ? -12.664 -1.703  -4.645  1.00 9.54  ? 268 ARG A N   1 
ATOM   758  C  CA  . ARG A 1 102 ? -13.931 -1.149  -5.112  1.00 11.63 ? 268 ARG A CA  1 
ATOM   759  C  C   . ARG A 1 102 ? -13.770 0.340   -5.416  1.00 12.25 ? 268 ARG A C   1 
ATOM   760  O  O   . ARG A 1 102 ? -14.256 0.832   -6.444  1.00 12.82 ? 268 ARG A O   1 
ATOM   761  C  CB  . ARG A 1 102 ? -15.024 -1.389  -4.054  1.00 11.65 ? 268 ARG A CB  1 
ATOM   762  C  CG  . ARG A 1 102 ? -16.329 -0.628  -4.277  1.00 20.40 ? 268 ARG A CG  1 
ATOM   763  C  CD  . ARG A 1 102 ? -16.869 -0.788  -5.684  1.00 29.30 ? 268 ARG A CD  1 
ATOM   764  N  NE  . ARG A 1 102 ? -17.977 0.137   -5.917  1.00 33.51 ? 268 ARG A NE  1 
ATOM   765  C  CZ  . ARG A 1 102 ? -18.352 0.571   -7.115  1.00 36.04 ? 268 ARG A CZ  1 
ATOM   766  N  NH1 . ARG A 1 102 ? -19.373 1.410   -7.224  1.00 36.24 ? 268 ARG A NH1 1 
ATOM   767  N  NH2 . ARG A 1 102 ? -17.702 0.173   -8.199  1.00 29.08 ? 268 ARG A NH2 1 
ATOM   768  N  N   . ALA A 1 103 ? -13.064 1.053   -4.545  1.00 8.60  ? 269 ALA A N   1 
ATOM   769  C  CA  . ALA A 1 103 ? -12.857 2.487   -4.731  1.00 8.47  ? 269 ALA A CA  1 
ATOM   770  C  C   . ALA A 1 103 ? -12.119 2.800   -6.022  1.00 12.58 ? 269 ALA A C   1 
ATOM   771  O  O   . ALA A 1 103 ? -12.350 3.840   -6.642  1.00 13.40 ? 269 ALA A O   1 
ATOM   772  C  CB  . ALA A 1 103 ? -12.085 3.072   -3.548  1.00 10.59 ? 269 ALA A CB  1 
ATOM   773  N  N   . PHE A 1 104 ? -11.230 1.912   -6.440  1.00 7.61  ? 270 PHE A N   1 
ATOM   774  C  CA  . PHE A 1 104 ? -10.484 2.188   -7.659  1.00 8.05  ? 270 PHE A CA  1 
ATOM   775  C  C   . PHE A 1 104 ? -10.968 1.481   -8.918  1.00 11.08 ? 270 PHE A C   1 
ATOM   776  O  O   . PHE A 1 104 ? -10.253 1.405   -9.923  1.00 12.42 ? 270 PHE A O   1 
ATOM   777  C  CB  . PHE A 1 104 ? -8.992  1.954   -7.404  1.00 9.62  ? 270 PHE A CB  1 
ATOM   778  C  CG  . PHE A 1 104 ? -8.363  3.041   -6.572  1.00 8.10  ? 270 PHE A CG  1 
ATOM   779  C  CD1 . PHE A 1 104 ? -8.125  4.298   -7.123  1.00 9.62  ? 270 PHE A CD1 1 
ATOM   780  C  CD2 . PHE A 1 104 ? -8.089  2.842   -5.219  1.00 9.88  ? 270 PHE A CD2 1 
ATOM   781  C  CE1 . PHE A 1 104 ? -7.629  5.342   -6.345  1.00 10.28 ? 270 PHE A CE1 1 
ATOM   782  C  CE2 . PHE A 1 104 ? -7.595  3.880   -4.429  1.00 13.01 ? 270 PHE A CE2 1 
ATOM   783  C  CZ  . PHE A 1 104 ? -7.364  5.133   -4.992  1.00 9.64  ? 270 PHE A CZ  1 
ATOM   784  N  N   . GLU A 1 105 ? -12.198 0.982   -8.877  1.00 11.89 ? 271 GLU A N   1 
ATOM   785  C  CA  . GLU A 1 105 ? -12.759 0.349   -10.056 1.00 12.00 ? 271 GLU A CA  1 
ATOM   786  C  C   . GLU A 1 105 ? -13.093 1.459   -11.044 1.00 12.05 ? 271 GLU A C   1 
ATOM   787  O  O   . GLU A 1 105 ? -12.967 1.280   -12.257 1.00 18.01 ? 271 GLU A O   1 
ATOM   788  C  CB  . GLU A 1 105 ? -14.011 -0.452  -9.698  1.00 12.04 ? 271 GLU A CB  1 
ATOM   789  C  CG  . GLU A 1 105 ? -13.710 -1.599  -8.767  1.00 15.30 ? 271 GLU A CG  1 
ATOM   790  C  CD  . GLU A 1 105 ? -14.887 -2.520  -8.568  1.00 21.10 ? 271 GLU A CD  1 
ATOM   791  O  OE1 . GLU A 1 105 ? -16.036 -2.053  -8.721  1.00 17.50 ? 271 GLU A OE1 1 
ATOM   792  O  OE2 . GLU A 1 105 ? -14.653 -3.705  -8.247  1.00 18.20 ? 271 GLU A OE2 1 
ATOM   793  N  N   . SER A 1 106 ? -13.504 2.613   -10.528 1.00 11.17 ? 272 SER A N   1 
ATOM   794  C  CA  . SER A 1 106 ? -13.820 3.751   -11.388 1.00 15.67 ? 272 SER A CA  1 
ATOM   795  C  C   . SER A 1 106 ? -12.553 4.567   -11.617 1.00 11.86 ? 272 SER A C   1 
ATOM   796  O  O   . SER A 1 106 ? -11.718 4.693   -10.726 1.00 11.39 ? 272 SER A O   1 
ATOM   797  C  CB  . SER A 1 106 ? -14.889 4.639   -10.746 1.00 18.15 ? 272 SER A CB  1 
ATOM   798  O  OG  . SER A 1 106 ? -14.448 5.148   -9.500  1.00 21.62 ? 272 SER A OG  1 
ATOM   799  N  N   . PRO A 1 107 ? -12.388 5.120   -12.827 1.00 10.44 ? 273 PRO A N   1 
ATOM   800  C  CA  . PRO A 1 107 ? -11.191 5.917   -13.110 1.00 9.24  ? 273 PRO A CA  1 
ATOM   801  C  C   . PRO A 1 107 ? -11.016 7.093   -12.157 1.00 9.43  ? 273 PRO A C   1 
ATOM   802  O  O   . PRO A 1 107 ? -11.988 7.620   -11.612 1.00 13.07 ? 273 PRO A O   1 
ATOM   803  C  CB  . PRO A 1 107 ? -11.426 6.395   -14.541 1.00 10.88 ? 273 PRO A CB  1 
ATOM   804  C  CG  . PRO A 1 107 ? -12.238 5.278   -15.135 1.00 11.92 ? 273 PRO A CG  1 
ATOM   805  C  CD  . PRO A 1 107 ? -13.222 4.973   -14.034 1.00 13.37 ? 273 PRO A CD  1 
ATOM   806  N  N   . VAL A 1 108 ? -9.766  7.489   -11.949 1.00 8.98  ? 274 VAL A N   1 
ATOM   807  C  CA  . VAL A 1 108 ? -9.459  8.641   -11.116 1.00 9.92  ? 274 VAL A CA  1 
ATOM   808  C  C   . VAL A 1 108 ? -9.446  9.777   -12.129 1.00 11.39 ? 274 VAL A C   1 
ATOM   809  O  O   . VAL A 1 108 ? -8.682  9.745   -13.093 1.00 9.36  ? 274 VAL A O   1 
ATOM   810  C  CB  . VAL A 1 108 ? -8.070  8.505   -10.465 1.00 11.54 ? 274 VAL A CB  1 
ATOM   811  C  CG1 . VAL A 1 108 ? -7.755  9.741   -9.625  1.00 14.17 ? 274 VAL A CG1 1 
ATOM   812  C  CG2 . VAL A 1 108 ? -8.037  7.254   -9.598  1.00 10.57 ? 274 VAL A CG2 1 
ATOM   813  N  N   . VAL A 1 109 ? -10.295 10.773  -11.924 1.00 10.59 ? 275 VAL A N   1 
ATOM   814  C  CA  . VAL A 1 109 ? -10.373 11.886  -12.863 1.00 11.30 ? 275 VAL A CA  1 
ATOM   815  C  C   . VAL A 1 109 ? -9.651  13.115  -12.357 1.00 12.92 ? 275 VAL A C   1 
ATOM   816  O  O   . VAL A 1 109 ? -9.915  13.594  -11.258 1.00 13.89 ? 275 VAL A O   1 
ATOM   817  C  CB  . VAL A 1 109 ? -11.841 12.283  -13.148 1.00 12.60 ? 275 VAL A CB  1 
ATOM   818  C  CG1 . VAL A 1 109 ? -11.888 13.498  -14.075 1.00 14.68 ? 275 VAL A CG1 1 
ATOM   819  C  CG2 . VAL A 1 109 ? -12.588 11.120  -13.770 1.00 14.92 ? 275 VAL A CG2 1 
ATOM   820  N  N   . CYS A 1 110 ? -8.726  13.625  -13.152 1.00 10.63 ? 276 CYS A N   1 
ATOM   821  C  CA  . CYS A 1 110 ? -8.035  14.834  -12.753 1.00 17.25 ? 276 CYS A CA  1 
ATOM   822  C  C   . CYS A 1 110 ? -7.810  15.684  -13.982 1.00 16.90 ? 276 CYS A C   1 
ATOM   823  O  O   . CYS A 1 110 ? -7.440  15.186  -15.048 1.00 13.42 ? 276 CYS A O   1 
ATOM   824  C  CB  . CYS A 1 110 ? -6.721  14.523  -12.024 1.00 29.48 ? 276 CYS A CB  1 
ATOM   825  S  SG  . CYS A 1 110 ? -5.564  13.468  -12.875 1.00 32.08 ? 276 CYS A SG  1 
ATOM   826  N  N   . ARG A 1 111 ? -8.076  16.973  -13.829 1.00 18.01 ? 277 ARG A N   1 
ATOM   827  C  CA  . ARG A 1 111 ? -7.937  17.917  -14.921 1.00 17.54 ? 277 ARG A CA  1 
ATOM   828  C  C   . ARG A 1 111 ? -8.772  17.464  -16.116 1.00 16.85 ? 277 ARG A C   1 
ATOM   829  O  O   . ARG A 1 111 ? -8.378  17.643  -17.266 1.00 19.02 ? 277 ARG A O   1 
ATOM   830  C  CB  . ARG A 1 111 ? -6.461  18.064  -15.304 1.00 18.19 ? 277 ARG A CB  1 
ATOM   831  C  CG  . ARG A 1 111 ? -5.597  18.512  -14.136 1.00 19.27 ? 277 ARG A CG  1 
ATOM   832  C  CD  . ARG A 1 111 ? -4.270  19.098  -14.575 1.00 20.77 ? 277 ARG A CD  1 
ATOM   833  N  NE  . ARG A 1 111 ? -3.489  19.527  -13.420 1.00 21.27 ? 277 ARG A NE  1 
ATOM   834  C  CZ  . ARG A 1 111 ? -2.408  20.298  -13.485 1.00 24.52 ? 277 ARG A CZ  1 
ATOM   835  N  NH1 . ARG A 1 111 ? -1.968  20.735  -14.655 1.00 29.22 ? 277 ARG A NH1 1 
ATOM   836  N  NH2 . ARG A 1 111 ? -1.770  20.635  -12.373 1.00 24.60 ? 277 ARG A NH2 1 
ATOM   837  N  N   . GLY A 1 112 ? -9.927  16.868  -15.824 1.00 18.33 ? 278 GLY A N   1 
ATOM   838  C  CA  . GLY A 1 112 ? -10.839 16.415  -16.862 1.00 16.89 ? 278 GLY A CA  1 
ATOM   839  C  C   . GLY A 1 112 ? -10.511 15.129  -17.601 1.00 17.57 ? 278 GLY A C   1 
ATOM   840  O  O   . GLY A 1 112 ? -11.266 14.716  -18.481 1.00 23.88 ? 278 GLY A O   1 
ATOM   841  N  N   . ILE A 1 113 ? -9.402  14.487  -17.251 1.00 13.00 ? 279 ILE A N   1 
ATOM   842  C  CA  . ILE A 1 113 ? -9.005  13.251  -17.915 1.00 10.40 ? 279 ILE A CA  1 
ATOM   843  C  C   . ILE A 1 113 ? -9.115  12.048  -16.988 1.00 13.56 ? 279 ILE A C   1 
ATOM   844  O  O   . ILE A 1 113 ? -8.531  12.037  -15.906 1.00 11.13 ? 279 ILE A O   1 
ATOM   845  C  CB  . ILE A 1 113 ? -7.541  13.328  -18.428 1.00 11.90 ? 279 ILE A CB  1 
ATOM   846  C  CG1 . ILE A 1 113 ? -7.404  14.421  -19.490 1.00 19.93 ? 279 ILE A CG1 1 
ATOM   847  C  CG2 . ILE A 1 113 ? -7.126  11.998  -19.037 1.00 14.29 ? 279 ILE A CG2 1 
ATOM   848  C  CD1 . ILE A 1 113 ? -7.182  15.792  -18.930 1.00 35.29 ? 279 ILE A CD1 1 
ATOM   849  N  N   . PRO A 1 114 ? -9.881  11.021  -17.391 1.00 10.83 ? 280 PRO A N   1 
ATOM   850  C  CA  . PRO A 1 114 ? -9.987  9.856   -16.516 1.00 11.25 ? 280 PRO A CA  1 
ATOM   851  C  C   . PRO A 1 114 ? -8.776  8.936   -16.680 1.00 11.32 ? 280 PRO A C   1 
ATOM   852  O  O   . PRO A 1 114 ? -8.305  8.701   -17.795 1.00 9.02  ? 280 PRO A O   1 
ATOM   853  C  CB  . PRO A 1 114 ? -11.288 9.200   -16.971 1.00 9.43  ? 280 PRO A CB  1 
ATOM   854  C  CG  . PRO A 1 114 ? -11.300 9.474   -18.434 1.00 11.95 ? 280 PRO A CG  1 
ATOM   855  C  CD  . PRO A 1 114 ? -10.781 10.898  -18.554 1.00 9.69  ? 280 PRO A CD  1 
ATOM   856  N  N   . ILE A 1 115 ? -8.263  8.438   -15.558 1.00 9.35  ? 281 ILE A N   1 
ATOM   857  C  CA  . ILE A 1 115 ? -7.125  7.527   -15.566 1.00 10.06 ? 281 ILE A CA  1 
ATOM   858  C  C   . ILE A 1 115 ? -7.514  6.311   -14.736 1.00 9.97  ? 281 ILE A C   1 
ATOM   859  O  O   . ILE A 1 115 ? -7.759  6.423   -13.537 1.00 9.77  ? 281 ILE A O   1 
ATOM   860  C  CB  . ILE A 1 115 ? -5.854  8.136   -14.909 1.00 8.46  ? 281 ILE A CB  1 
ATOM   861  C  CG1 . ILE A 1 115 ? -5.582  9.537   -15.447 1.00 14.03 ? 281 ILE A CG1 1 
ATOM   862  C  CG2 . ILE A 1 115 ? -4.656  7.233   -15.172 1.00 14.31 ? 281 ILE A CG2 1 
ATOM   863  C  CD1 . ILE A 1 115 ? -6.310  10.613  -14.676 1.00 37.48 ? 281 ILE A CD1 1 
ATOM   864  N  N   . LYS A 1 116 ? -7.573  5.151   -15.376 1.00 8.98  ? 282 LYS A N   1 
ATOM   865  C  CA  . LYS A 1 116 ? -7.932  3.932   -14.673 1.00 11.97 ? 282 LYS A CA  1 
ATOM   866  C  C   . LYS A 1 116 ? -6.721  3.376   -13.944 1.00 12.36 ? 282 LYS A C   1 
ATOM   867  O  O   . LYS A 1 116 ? -5.734  2.977   -14.566 1.00 15.43 ? 282 LYS A O   1 
ATOM   868  C  CB  . LYS A 1 116 ? -8.460  2.884   -15.656 1.00 13.60 ? 282 LYS A CB  1 
ATOM   869  C  CG  . LYS A 1 116 ? -8.806  1.538   -15.021 1.00 22.60 ? 282 LYS A CG  1 
ATOM   870  C  CD  . LYS A 1 116 ? -10.038 1.632   -14.137 1.00 25.93 ? 282 LYS A CD  1 
ATOM   871  C  CE  . LYS A 1 116 ? -10.422 0.270   -13.557 1.00 28.79 ? 282 LYS A CE  1 
ATOM   872  N  NZ  . LYS A 1 116 ? -9.476  -0.191  -12.500 1.00 22.30 ? 282 LYS A NZ  1 
ATOM   873  N  N   . ALA A 1 117 ? -6.794  3.363   -12.620 1.00 13.40 ? 283 ALA A N   1 
ATOM   874  C  CA  . ALA A 1 117 ? -5.706  2.835   -11.826 1.00 11.98 ? 283 ALA A CA  1 
ATOM   875  C  C   . ALA A 1 117 ? -6.068  1.422   -11.396 1.00 19.49 ? 283 ALA A C   1 
ATOM   876  O  O   . ALA A 1 117 ? -7.151  1.185   -10.851 1.00 17.68 ? 283 ALA A O   1 
ATOM   877  C  CB  . ALA A 1 117 ? -5.470  3.714   -10.601 1.00 18.24 ? 283 ALA A CB  1 
ATOM   878  N  N   . ASN A 1 118 ? -5.168  0.487   -11.676 1.00 15.87 ? 284 ASN A N   1 
ATOM   879  C  CA  . ASN A 1 118 ? -5.347  -0.904  -11.285 1.00 18.10 ? 284 ASN A CA  1 
ATOM   880  C  C   . ASN A 1 118 ? -4.433  -1.041  -10.076 1.00 14.09 ? 284 ASN A C   1 
ATOM   881  O  O   . ASN A 1 118 ? -3.274  -1.421  -10.206 1.00 19.25 ? 284 ASN A O   1 
ATOM   882  C  CB  . ASN A 1 118 ? -4.882  -1.862  -12.386 1.00 21.56 ? 284 ASN A CB  1 
ATOM   883  C  CG  . ASN A 1 118 ? -5.678  -1.714  -13.668 1.00 24.35 ? 284 ASN A CG  1 
ATOM   884  O  OD1 . ASN A 1 118 ? -6.910  -1.677  -13.647 1.00 30.57 ? 284 ASN A OD1 1 
ATOM   885  N  ND2 . ASN A 1 118 ? -4.979  -1.642  -14.791 1.00 29.99 ? 284 ASN A ND2 1 
ATOM   886  N  N   . VAL A 1 119 ? -4.967  -0.707  -8.908  1.00 16.92 ? 285 VAL A N   1 
ATOM   887  C  CA  . VAL A 1 119 ? -4.203  -0.741  -7.667  1.00 16.89 ? 285 VAL A CA  1 
ATOM   888  C  C   . VAL A 1 119 ? -3.699  -2.120  -7.250  1.00 18.75 ? 285 VAL A C   1 
ATOM   889  O  O   . VAL A 1 119 ? -4.454  -3.092  -7.219  1.00 16.96 ? 285 VAL A O   1 
ATOM   890  C  CB  . VAL A 1 119 ? -5.023  -0.129  -6.506  1.00 18.98 ? 285 VAL A CB  1 
ATOM   891  C  CG1 . VAL A 1 119 ? -5.375  1.314   -6.828  1.00 28.64 ? 285 VAL A CG1 1 
ATOM   892  C  CG2 . VAL A 1 119 ? -6.289  -0.942  -6.266  1.00 22.58 ? 285 VAL A CG2 1 
ATOM   893  N  N   . GLY A 1 120 ? -2.407  -2.186  -6.944  1.00 14.85 ? 286 GLY A N   1 
ATOM   894  C  CA  . GLY A 1 120 ? -1.796  -3.422  -6.499  1.00 12.67 ? 286 GLY A CA  1 
ATOM   895  C  C   . GLY A 1 120 ? -1.722  -3.326  -4.990  1.00 10.03 ? 286 GLY A C   1 
ATOM   896  O  O   . GLY A 1 120 ? -1.195  -2.350  -4.459  1.00 9.53  ? 286 GLY A O   1 
ATOM   897  N  N   . LEU A 1 121 ? -2.247  -4.327  -4.289  1.00 7.93  ? 287 LEU A N   1 
ATOM   898  C  CA  . LEU A 1 121 ? -2.248  -4.287  -2.832  1.00 6.38  ? 287 LEU A CA  1 
ATOM   899  C  C   . LEU A 1 121 ? -1.362  -5.343  -2.198  1.00 7.74  ? 287 LEU A C   1 
ATOM   900  O  O   . LEU A 1 121 ? -1.544  -6.531  -2.436  1.00 11.50 ? 287 LEU A O   1 
ATOM   901  C  CB  . LEU A 1 121 ? -3.678  -4.455  -2.313  1.00 7.44  ? 287 LEU A CB  1 
ATOM   902  C  CG  . LEU A 1 121 ? -4.690  -3.408  -2.777  1.00 8.63  ? 287 LEU A CG  1 
ATOM   903  C  CD1 . LEU A 1 121 ? -6.089  -3.790  -2.291  1.00 8.93  ? 287 LEU A CD1 1 
ATOM   904  C  CD2 . LEU A 1 121 ? -4.297  -2.042  -2.238  1.00 11.53 ? 287 LEU A CD2 1 
ATOM   905  N  N   . GLY A 1 122 ? -0.394  -4.894  -1.400  1.00 8.66  ? 288 GLY A N   1 
ATOM   906  C  CA  . GLY A 1 122 ? 0.485   -5.820  -0.711  1.00 8.70  ? 288 GLY A CA  1 
ATOM   907  C  C   . GLY A 1 122 ? 0.063   -5.861  0.748   1.00 6.89  ? 288 GLY A C   1 
ATOM   908  O  O   . GLY A 1 122 ? -0.248  -4.825  1.337   1.00 7.21  ? 288 GLY A O   1 
ATOM   909  N  N   . VAL A 1 123 ? 0.044   -7.053  1.337   1.00 9.52  ? 289 VAL A N   1 
ATOM   910  C  CA  . VAL A 1 123 ? -0.358  -7.216  2.729   1.00 7.37  ? 289 VAL A CA  1 
ATOM   911  C  C   . VAL A 1 123 ? 0.783   -7.857  3.496   1.00 8.73  ? 289 VAL A C   1 
ATOM   912  O  O   . VAL A 1 123 ? 1.253   -8.935  3.134   1.00 9.88  ? 289 VAL A O   1 
ATOM   913  C  CB  . VAL A 1 123 ? -1.613  -8.101  2.819   1.00 7.20  ? 289 VAL A CB  1 
ATOM   914  C  CG1 . VAL A 1 123 ? -1.953  -8.404  4.280   1.00 9.95  ? 289 VAL A CG1 1 
ATOM   915  C  CG2 . VAL A 1 123 ? -2.773  -7.392  2.135   1.00 10.55 ? 289 VAL A CG2 1 
ATOM   916  N  N   . LEU A 1 124 ? 1.222   -7.191  4.559   1.00 10.18 ? 290 LEU A N   1 
ATOM   917  C  CA  . LEU A 1 124 ? 2.334   -7.702  5.346   1.00 9.36  ? 290 LEU A CA  1 
ATOM   918  C  C   . LEU A 1 124 ? 2.106   -7.737  6.844   1.00 7.49  ? 290 LEU A C   1 
ATOM   919  O  O   . LEU A 1 124 ? 2.166   -6.712  7.517   1.00 9.95  ? 290 LEU A O   1 
ATOM   920  C  CB  . LEU A 1 124 ? 3.596   -6.877  5.057   1.00 11.59 ? 290 LEU A CB  1 
ATOM   921  C  CG  . LEU A 1 124 ? 4.864   -7.185  5.865   1.00 12.68 ? 290 LEU A CG  1 
ATOM   922  C  CD1 . LEU A 1 124 ? 5.291   -8.621  5.640   1.00 15.36 ? 290 LEU A CD1 1 
ATOM   923  C  CD2 . LEU A 1 124 ? 5.966   -6.227  5.444   1.00 10.31 ? 290 LEU A CD2 1 
ATOM   924  N  N   . PRO A 1 125 ? 1.818   -8.925  7.384   1.00 11.31 ? 291 PRO A N   1 
ATOM   925  C  CA  . PRO A 1 125 ? 1.605   -9.046  8.826   1.00 11.47 ? 291 PRO A CA  1 
ATOM   926  C  C   . PRO A 1 125 ? 3.012   -9.003  9.434   1.00 12.66 ? 291 PRO A C   1 
ATOM   927  O  O   . PRO A 1 125 ? 3.936   -9.609  8.888   1.00 13.45 ? 291 PRO A O   1 
ATOM   928  C  CB  . PRO A 1 125 ? 0.963   -10.431 8.966   1.00 18.33 ? 291 PRO A CB  1 
ATOM   929  C  CG  . PRO A 1 125 ? 0.286   -10.630 7.637   1.00 22.11 ? 291 PRO A CG  1 
ATOM   930  C  CD  . PRO A 1 125 ? 1.334   -10.123 6.680   1.00 15.84 ? 291 PRO A CD  1 
ATOM   931  N  N   . LEU A 1 126 ? 3.181   -8.275  10.530  1.00 10.22 ? 292 LEU A N   1 
ATOM   932  C  CA  . LEU A 1 126 ? 4.485   -8.172  11.184  1.00 8.60  ? 292 LEU A CA  1 
ATOM   933  C  C   . LEU A 1 126 ? 4.379   -8.648  12.626  1.00 8.92  ? 292 LEU A C   1 
ATOM   934  O  O   . LEU A 1 126 ? 3.337   -8.493  13.267  1.00 12.27 ? 292 LEU A O   1 
ATOM   935  C  CB  . LEU A 1 126 ? 4.999   -6.726  11.140  1.00 9.17  ? 292 LEU A CB  1 
ATOM   936  C  CG  . LEU A 1 126 ? 5.336   -6.170  9.755   1.00 9.94  ? 292 LEU A CG  1 
ATOM   937  C  CD1 . LEU A 1 126 ? 5.755   -4.709  9.870   1.00 14.31 ? 292 LEU A CD1 1 
ATOM   938  C  CD2 . LEU A 1 126 ? 6.448   -6.997  9.122   1.00 11.69 ? 292 LEU A CD2 1 
ATOM   939  N  N   . ALA A 1 127 ? 5.466   -9.229  13.128  1.00 11.28 ? 293 ALA A N   1 
ATOM   940  C  CA  . ALA A 1 127 ? 5.510   -9.755  14.488  1.00 13.88 ? 293 ALA A CA  1 
ATOM   941  C  C   . ALA A 1 127 ? 6.700   -9.223  15.262  1.00 10.43 ? 293 ALA A C   1 
ATOM   942  O  O   . ALA A 1 127 ? 7.815   -9.191  14.756  1.00 11.24 ? 293 ALA A O   1 
ATOM   943  C  CB  . ALA A 1 127 ? 5.575   -11.267 14.447  1.00 15.85 ? 293 ALA A CB  1 
ATOM   944  N  N   . ASP A 1 128 ? 6.457   -8.827  16.504  1.00 11.44 ? 294 ASP A N   1 
ATOM   945  C  CA  . ASP A 1 128 ? 7.526   -8.307  17.339  1.00 10.25 ? 294 ASP A CA  1 
ATOM   946  C  C   . ASP A 1 128 ? 8.497   -9.407  17.772  1.00 11.48 ? 294 ASP A C   1 
ATOM   947  O  O   . ASP A 1 128 ? 9.691   -9.151  17.943  1.00 10.67 ? 294 ASP A O   1 
ATOM   948  C  CB  . ASP A 1 128 ? 6.920   -7.619  18.566  1.00 11.54 ? 294 ASP A CB  1 
ATOM   949  C  CG  . ASP A 1 128 ? 7.948   -6.888  19.391  1.00 12.21 ? 294 ASP A CG  1 
ATOM   950  O  OD1 . ASP A 1 128 ? 8.691   -6.064  18.813  1.00 15.99 ? 294 ASP A OD1 1 
ATOM   951  O  OD2 . ASP A 1 128 ? 8.004   -7.138  20.622  1.00 14.50 ? 294 ASP A OD2 1 
ATOM   952  N  N   . ASP A 1 129 ? 7.996   -10.632 17.920  1.00 10.87 ? 295 ASP A N   1 
ATOM   953  C  CA  . ASP A 1 129 ? 8.828   -11.753 18.368  1.00 15.26 ? 295 ASP A CA  1 
ATOM   954  C  C   . ASP A 1 129 ? 10.094  -11.974 17.534  1.00 13.85 ? 295 ASP A C   1 
ATOM   955  O  O   . ASP A 1 129 ? 11.091  -12.466 18.059  1.00 17.04 ? 295 ASP A O   1 
ATOM   956  C  CB  . ASP A 1 129 ? 8.015   -13.052 18.401  1.00 19.70 ? 295 ASP A CB  1 
ATOM   957  C  CG  . ASP A 1 129 ? 7.870   -13.677 17.032  1.00 25.82 ? 295 ASP A CG  1 
ATOM   958  O  OD1 . ASP A 1 129 ? 7.302   -13.023 16.137  1.00 30.69 ? 295 ASP A OD1 1 
ATOM   959  O  OD2 . ASP A 1 129 ? 8.337   -14.823 16.849  1.00 48.23 ? 295 ASP A OD2 1 
ATOM   960  N  N   . THR A 1 130 ? 10.055  -11.644 16.244  1.00 11.45 ? 296 THR A N   1 
ATOM   961  C  CA  . THR A 1 130 ? 11.241  -11.797 15.391  1.00 10.87 ? 296 THR A CA  1 
ATOM   962  C  C   . THR A 1 130 ? 11.848  -10.436 15.046  1.00 10.19 ? 296 THR A C   1 
ATOM   963  O  O   . THR A 1 130 ? 12.589  -10.297 14.073  1.00 10.96 ? 296 THR A O   1 
ATOM   964  C  CB  . THR A 1 130 ? 10.924  -12.550 14.071  1.00 11.00 ? 296 THR A CB  1 
ATOM   965  O  OG1 . THR A 1 130 ? 9.749   -11.999 13.466  1.00 14.46 ? 296 THR A OG1 1 
ATOM   966  C  CG2 . THR A 1 130 ? 10.722  -14.035 14.337  1.00 13.37 ? 296 THR A CG2 1 
ATOM   967  N  N   . LEU A 1 131 ? 11.532  -9.434  15.862  1.00 7.73  ? 297 LEU A N   1 
ATOM   968  C  CA  . LEU A 1 131 ? 12.041  -8.081  15.683  1.00 9.64  ? 297 LEU A CA  1 
ATOM   969  C  C   . LEU A 1 131 ? 11.787  -7.516  14.288  1.00 8.84  ? 297 LEU A C   1 
ATOM   970  O  O   . LEU A 1 131 ? 12.633  -6.822  13.729  1.00 8.66  ? 297 LEU A O   1 
ATOM   971  C  CB  . LEU A 1 131 ? 13.540  -8.034  16.002  1.00 11.18 ? 297 LEU A CB  1 
ATOM   972  C  CG  . LEU A 1 131 ? 13.902  -8.294  17.471  1.00 9.48  ? 297 LEU A CG  1 
ATOM   973  C  CD1 . LEU A 1 131 ? 15.429  -8.348  17.649  1.00 11.21 ? 297 LEU A CD1 1 
ATOM   974  C  CD2 . LEU A 1 131 ? 13.316  -7.187  18.326  1.00 12.03 ? 297 LEU A CD2 1 
ATOM   975  N  N   . ASP A 1 132 ? 10.610  -7.798  13.741  1.00 10.83 ? 298 ASP A N   1 
ATOM   976  C  CA  . ASP A 1 132 ? 10.258  -7.314  12.412  1.00 11.32 ? 298 ASP A CA  1 
ATOM   977  C  C   . ASP A 1 132 ? 10.369  -5.799  12.283  1.00 10.54 ? 298 ASP A C   1 
ATOM   978  O  O   . ASP A 1 132 ? 10.718  -5.288  11.222  1.00 10.79 ? 298 ASP A O   1 
ATOM   979  C  CB  . ASP A 1 132 ? 8.834   -7.745  12.043  1.00 12.40 ? 298 ASP A CB  1 
ATOM   980  C  CG  . ASP A 1 132 ? 8.723   -9.225  11.765  1.00 17.41 ? 298 ASP A CG  1 
ATOM   981  O  OD1 . ASP A 1 132 ? 9.754   -9.931  11.859  1.00 14.29 ? 298 ASP A OD1 1 
ATOM   982  O  OD2 . ASP A 1 132 ? 7.602   -9.683  11.444  1.00 12.49 ? 298 ASP A OD2 1 
ATOM   983  N  N   . GLY A 1 133 ? 10.071  -5.084  13.363  1.00 9.99  ? 299 GLY A N   1 
ATOM   984  C  CA  . GLY A 1 133 ? 10.140  -3.630  13.329  1.00 11.02 ? 299 GLY A CA  1 
ATOM   985  C  C   . GLY A 1 133 ? 11.536  -3.077  13.127  1.00 10.01 ? 299 GLY A C   1 
ATOM   986  O  O   . GLY A 1 133 ? 11.701  -1.929  12.708  1.00 11.74 ? 299 GLY A O   1 
ATOM   987  N  N   . ASP A 1 134 ? 12.544  -3.885  13.444  1.00 9.86  ? 300 ASP A N   1 
ATOM   988  C  CA  . ASP A 1 134 ? 13.945  -3.485  13.292  1.00 10.84 ? 300 ASP A CA  1 
ATOM   989  C  C   . ASP A 1 134 ? 14.464  -3.829  11.905  1.00 11.88 ? 300 ASP A C   1 
ATOM   990  O  O   . ASP A 1 134 ? 15.549  -3.395  11.512  1.00 13.93 ? 300 ASP A O   1 
ATOM   991  C  CB  . ASP A 1 134 ? 14.826  -4.200  14.321  1.00 11.22 ? 300 ASP A CB  1 
ATOM   992  C  CG  . ASP A 1 134 ? 14.738  -3.588  15.706  1.00 19.15 ? 300 ASP A CG  1 
ATOM   993  O  OD1 . ASP A 1 134 ? 13.858  -2.735  15.942  1.00 17.95 ? 300 ASP A OD1 1 
ATOM   994  O  OD2 . ASP A 1 134 ? 15.556  -3.978  16.567  1.00 21.32 ? 300 ASP A OD2 1 
ATOM   995  N  N   . GLN A 1 135 ? 13.691  -4.616  11.166  1.00 8.63  ? 301 GLN A N   1 
ATOM   996  C  CA  . GLN A 1 135 ? 14.090  -5.038  9.830   1.00 8.90  ? 301 GLN A CA  1 
ATOM   997  C  C   . GLN A 1 135 ? 13.543  -4.128  8.736   1.00 12.87 ? 301 GLN A C   1 
ATOM   998  O  O   . GLN A 1 135 ? 12.574  -3.407  8.945   1.00 10.38 ? 301 GLN A O   1 
ATOM   999  C  CB  . GLN A 1 135 ? 13.617  -6.477  9.584   1.00 9.49  ? 301 GLN A CB  1 
ATOM   1000 C  CG  . GLN A 1 135 ? 14.170  -7.486  10.579  1.00 11.95 ? 301 GLN A CG  1 
ATOM   1001 C  CD  . GLN A 1 135 ? 13.779  -8.916  10.251  1.00 13.21 ? 301 GLN A CD  1 
ATOM   1002 O  OE1 . GLN A 1 135 ? 13.802  -9.327  9.091   1.00 13.47 ? 301 GLN A OE1 1 
ATOM   1003 N  NE2 . GLN A 1 135 ? 13.429  -9.687  11.276  1.00 12.22 ? 301 GLN A NE2 1 
ATOM   1004 N  N   . ASP A 1 136 ? 14.179  -4.155  7.567   1.00 13.63 ? 302 ASP A N   1 
ATOM   1005 C  CA  . ASP A 1 136 ? 13.720  -3.329  6.455   1.00 14.10 ? 302 ASP A CA  1 
ATOM   1006 C  C   . ASP A 1 136 ? 12.599  -4.095  5.768   1.00 18.17 ? 302 ASP A C   1 
ATOM   1007 O  O   . ASP A 1 136 ? 12.788  -4.665  4.693   1.00 25.36 ? 302 ASP A O   1 
ATOM   1008 C  CB  . ASP A 1 136 ? 14.852  -3.077  5.457   1.00 19.41 ? 302 ASP A CB  1 
ATOM   1009 C  CG  . ASP A 1 136 ? 14.602  -1.858  4.592   1.00 30.17 ? 302 ASP A CG  1 
ATOM   1010 O  OD1 . ASP A 1 136 ? 13.422  -1.508  4.389   1.00 24.92 ? 302 ASP A OD1 1 
ATOM   1011 O  OD2 . ASP A 1 136 ? 15.587  -1.252  4.112   1.00 34.99 ? 302 ASP A OD2 1 
ATOM   1012 N  N   . TRP A 1 137 ? 11.431  -4.107  6.399   1.00 13.92 ? 303 TRP A N   1 
ATOM   1013 C  CA  . TRP A 1 137 ? 10.274  -4.826  5.875   1.00 15.77 ? 303 TRP A CA  1 
ATOM   1014 C  C   . TRP A 1 137 ? 9.572   -4.147  4.704   1.00 17.80 ? 303 TRP A C   1 
ATOM   1015 O  O   . TRP A 1 137 ? 8.773   -4.773  4.013   1.00 17.43 ? 303 TRP A O   1 
ATOM   1016 C  CB  . TRP A 1 137 ? 9.261   -5.051  6.996   1.00 14.60 ? 303 TRP A CB  1 
ATOM   1017 C  CG  . TRP A 1 137 ? 8.898   -3.794  7.719   1.00 14.03 ? 303 TRP A CG  1 
ATOM   1018 C  CD1 . TRP A 1 137 ? 9.412   -3.352  8.904   1.00 14.58 ? 303 TRP A CD1 1 
ATOM   1019 C  CD2 . TRP A 1 137 ? 7.972   -2.793  7.285   1.00 13.42 ? 303 TRP A CD2 1 
ATOM   1020 N  NE1 . TRP A 1 137 ? 8.863   -2.136  9.234   1.00 13.08 ? 303 TRP A NE1 1 
ATOM   1021 C  CE2 . TRP A 1 137 ? 7.977   -1.770  8.255   1.00 13.96 ? 303 TRP A CE2 1 
ATOM   1022 C  CE3 . TRP A 1 137 ? 7.138   -2.660  6.163   1.00 14.00 ? 303 TRP A CE3 1 
ATOM   1023 C  CZ2 . TRP A 1 137 ? 7.178   -0.628  8.141   1.00 13.86 ? 303 TRP A CZ2 1 
ATOM   1024 C  CZ3 . TRP A 1 137 ? 6.345   -1.523  6.052   1.00 13.29 ? 303 TRP A CZ3 1 
ATOM   1025 C  CH2 . TRP A 1 137 ? 6.372   -0.524  7.035   1.00 11.81 ? 303 TRP A CH2 1 
ATOM   1026 N  N   . LEU A 1 138 ? 9.854   -2.866  4.485   1.00 14.68 ? 304 LEU A N   1 
ATOM   1027 C  CA  . LEU A 1 138 ? 9.211   -2.134  3.396   1.00 18.06 ? 304 LEU A CA  1 
ATOM   1028 C  C   . LEU A 1 138 ? 9.308   -2.853  2.050   1.00 15.68 ? 304 LEU A C   1 
ATOM   1029 O  O   . LEU A 1 138 ? 8.312   -2.987  1.338   1.00 12.90 ? 304 LEU A O   1 
ATOM   1030 C  CB  . LEU A 1 138 ? 9.814   -0.735  3.277   1.00 20.83 ? 304 LEU A CB  1 
ATOM   1031 C  CG  . LEU A 1 138 ? 9.155   0.208   2.271   1.00 24.41 ? 304 LEU A CG  1 
ATOM   1032 C  CD1 . LEU A 1 138 ? 7.692   0.422   2.638   1.00 25.24 ? 304 LEU A CD1 1 
ATOM   1033 C  CD2 . LEU A 1 138 ? 9.910   1.523   2.270   1.00 29.53 ? 304 LEU A CD2 1 
ATOM   1034 N  N   . ARG A 1 139 ? 10.507  -3.307  1.704   1.00 14.60 ? 305 ARG A N   1 
ATOM   1035 C  CA  . ARG A 1 139 ? 10.734  -4.012  0.449   1.00 15.12 ? 305 ARG A CA  1 
ATOM   1036 C  C   . ARG A 1 139 ? 9.798   -5.207  0.301   1.00 13.74 ? 305 ARG A C   1 
ATOM   1037 O  O   . ARG A 1 139 ? 9.350   -5.531  -0.799  1.00 15.91 ? 305 ARG A O   1 
ATOM   1038 C  CB  . ARG A 1 139 ? 12.190  -4.485  0.377   1.00 19.64 ? 305 ARG A CB  1 
ATOM   1039 C  CG  . ARG A 1 139 ? 12.516  -5.389  -0.800  1.00 36.65 ? 305 ARG A CG  1 
ATOM   1040 C  CD  . ARG A 1 139 ? 14.015  -5.665  -0.872  1.00 37.95 ? 305 ARG A CD  1 
ATOM   1041 N  NE  . ARG A 1 139 ? 14.537  -6.255  0.359   1.00 36.36 ? 305 ARG A NE  1 
ATOM   1042 C  CZ  . ARG A 1 139 ? 14.353  -7.522  0.725   1.00 37.36 ? 305 ARG A CZ  1 
ATOM   1043 N  NH1 . ARG A 1 139 ? 13.656  -8.344  -0.046  1.00 39.05 ? 305 ARG A NH1 1 
ATOM   1044 N  NH2 . ARG A 1 139 ? 14.867  -7.969  1.863   1.00 40.22 ? 305 ARG A NH2 1 
ATOM   1045 N  N   . LEU A 1 140 ? 9.497   -5.857  1.418   1.00 12.76 ? 306 LEU A N   1 
ATOM   1046 C  CA  . LEU A 1 140 ? 8.626   -7.024  1.402   1.00 11.60 ? 306 LEU A CA  1 
ATOM   1047 C  C   . LEU A 1 140 ? 7.181   -6.694  1.046   1.00 10.43 ? 306 LEU A C   1 
ATOM   1048 O  O   . LEU A 1 140 ? 6.557   -7.398  0.250   1.00 12.93 ? 306 LEU A O   1 
ATOM   1049 C  CB  . LEU A 1 140 ? 8.659   -7.723  2.758   1.00 13.91 ? 306 LEU A CB  1 
ATOM   1050 C  CG  . LEU A 1 140 ? 10.049  -8.123  3.264   1.00 13.29 ? 306 LEU A CG  1 
ATOM   1051 C  CD1 . LEU A 1 140 ? 9.915   -8.662  4.672   1.00 12.63 ? 306 LEU A CD1 1 
ATOM   1052 C  CD2 . LEU A 1 140 ? 10.672  -9.158  2.340   1.00 14.20 ? 306 LEU A CD2 1 
ATOM   1053 N  N   . VAL A 1 141 ? 6.641   -5.630  1.627   1.00 10.72 ? 307 VAL A N   1 
ATOM   1054 C  CA  . VAL A 1 141 ? 5.254   -5.281  1.326   1.00 11.23 ? 307 VAL A CA  1 
ATOM   1055 C  C   . VAL A 1 141 ? 5.135   -4.661  -0.069  1.00 13.33 ? 307 VAL A C   1 
ATOM   1056 O  O   . VAL A 1 141 ? 4.102   -4.794  -0.728  1.00 10.54 ? 307 VAL A O   1 
ATOM   1057 C  CB  . VAL A 1 141 ? 4.650   -4.339  2.408   1.00 10.39 ? 307 VAL A CB  1 
ATOM   1058 C  CG1 . VAL A 1 141 ? 5.224   -2.938  2.292   1.00 12.43 ? 307 VAL A CG1 1 
ATOM   1059 C  CG2 . VAL A 1 141 ? 3.131   -4.331  2.288   1.00 12.21 ? 307 VAL A CG2 1 
ATOM   1060 N  N   . VAL A 1 142 ? 6.195   -3.995  -0.520  1.00 13.84 ? 308 VAL A N   1 
ATOM   1061 C  CA  . VAL A 1 142 ? 6.199   -3.402  -1.852  1.00 11.60 ? 308 VAL A CA  1 
ATOM   1062 C  C   . VAL A 1 142 ? 6.267   -4.517  -2.891  1.00 12.43 ? 308 VAL A C   1 
ATOM   1063 O  O   . VAL A 1 142 ? 5.600   -4.453  -3.923  1.00 11.96 ? 308 VAL A O   1 
ATOM   1064 C  CB  . VAL A 1 142 ? 7.408   -2.456  -2.049  1.00 13.39 ? 308 VAL A CB  1 
ATOM   1065 C  CG1 . VAL A 1 142 ? 7.489   -1.996  -3.500  1.00 18.72 ? 308 VAL A CG1 1 
ATOM   1066 C  CG2 . VAL A 1 142 ? 7.273   -1.257  -1.126  1.00 17.79 ? 308 VAL A CG2 1 
ATOM   1067 N  N   . SER A 1 143 ? 7.076   -5.541  -2.619  1.00 13.96 ? 309 SER A N   1 
ATOM   1068 C  CA  . SER A 1 143 ? 7.189   -6.661  -3.545  1.00 12.98 ? 309 SER A CA  1 
ATOM   1069 C  C   . SER A 1 143 ? 5.856   -7.384  -3.592  1.00 10.02 ? 309 SER A C   1 
ATOM   1070 O  O   . SER A 1 143 ? 5.451   -7.894  -4.637  1.00 11.94 ? 309 SER A O   1 
ATOM   1071 C  CB  . SER A 1 143 ? 8.283   -7.636  -3.103  1.00 17.80 ? 309 SER A CB  1 
ATOM   1072 O  OG  . SER A 1 143 ? 9.564   -7.055  -3.244  1.00 21.63 ? 309 SER A OG  1 
ATOM   1073 N  N   . ALA A 1 144 ? 5.173   -7.424  -2.454  1.00 12.19 ? 310 ALA A N   1 
ATOM   1074 C  CA  . ALA A 1 144 ? 3.880   -8.079  -2.396  1.00 12.51 ? 310 ALA A CA  1 
ATOM   1075 C  C   . ALA A 1 144 ? 2.885   -7.297  -3.253  1.00 10.17 ? 310 ALA A C   1 
ATOM   1076 O  O   . ALA A 1 144 ? 2.080   -7.893  -3.958  1.00 10.46 ? 310 ALA A O   1 
ATOM   1077 C  CB  . ALA A 1 144 ? 3.392   -8.170  -0.947  1.00 9.23  ? 310 ALA A CB  1 
ATOM   1078 N  N   . ALA A 1 145 ? 2.941   -5.966  -3.203  1.00 10.13 ? 311 ALA A N   1 
ATOM   1079 C  CA  . ALA A 1 145 ? 2.021   -5.167  -4.011  1.00 9.47  ? 311 ALA A CA  1 
ATOM   1080 C  C   . ALA A 1 145 ? 2.268   -5.426  -5.495  1.00 12.04 ? 311 ALA A C   1 
ATOM   1081 O  O   . ALA A 1 145 ? 1.327   -5.493  -6.285  1.00 12.20 ? 311 ALA A O   1 
ATOM   1082 C  CB  . ALA A 1 145 ? 2.183   -3.683  -3.700  1.00 11.05 ? 311 ALA A CB  1 
ATOM   1083 N  N   . ASP A 1 146 ? 3.534   -5.564  -5.876  1.00 11.66 ? 312 ASP A N   1 
ATOM   1084 C  CA  . ASP A 1 146 ? 3.858   -5.827  -7.277  1.00 9.93  ? 312 ASP A CA  1 
ATOM   1085 C  C   . ASP A 1 146 ? 3.390   -7.233  -7.645  1.00 10.16 ? 312 ASP A C   1 
ATOM   1086 O  O   . ASP A 1 146 ? 2.932   -7.474  -8.762  1.00 12.43 ? 312 ASP A O   1 
ATOM   1087 C  CB  . ASP A 1 146 ? 5.365   -5.708  -7.525  1.00 14.28 ? 312 ASP A CB  1 
ATOM   1088 C  CG  . ASP A 1 146 ? 5.854   -4.275  -7.468  1.00 27.00 ? 312 ASP A CG  1 
ATOM   1089 O  OD1 . ASP A 1 146 ? 5.126   -3.378  -7.938  1.00 29.10 ? 312 ASP A OD1 1 
ATOM   1090 O  OD2 . ASP A 1 146 ? 6.972   -4.047  -6.965  1.00 39.11 ? 312 ASP A OD2 1 
ATOM   1091 N  N   . ASP A 1 147 ? 3.504   -8.154  -6.694  1.00 12.39 ? 313 ASP A N   1 
ATOM   1092 C  CA  . ASP A 1 147 ? 3.095   -9.538  -6.909  1.00 9.60  ? 313 ASP A CA  1 
ATOM   1093 C  C   . ASP A 1 147 ? 1.584   -9.604  -7.138  1.00 11.63 ? 313 ASP A C   1 
ATOM   1094 O  O   . ASP A 1 147 ? 1.114   -10.377 -7.968  1.00 10.83 ? 313 ASP A O   1 
ATOM   1095 C  CB  . ASP A 1 147 ? 3.505   -10.390 -5.696  1.00 10.22 ? 313 ASP A CB  1 
ATOM   1096 C  CG  . ASP A 1 147 ? 3.290   -11.885 -5.916  1.00 15.44 ? 313 ASP A CG  1 
ATOM   1097 O  OD1 . ASP A 1 147 ? 3.677   -12.407 -6.986  1.00 18.29 ? 313 ASP A OD1 1 
ATOM   1098 O  OD2 . ASP A 1 147 ? 2.750   -12.541 -5.000  1.00 16.73 ? 313 ASP A OD2 1 
ATOM   1099 N  N   . ALA A 1 148 ? 0.821   -8.791  -6.413  1.00 10.73 ? 314 ALA A N   1 
ATOM   1100 C  CA  . ALA A 1 148 ? -0.628  -8.795  -6.594  1.00 8.75  ? 314 ALA A CA  1 
ATOM   1101 C  C   . ALA A 1 148 ? -0.960  -8.355  -8.016  1.00 10.57 ? 314 ALA A C   1 
ATOM   1102 O  O   . ALA A 1 148 ? -1.858  -8.905  -8.651  1.00 11.33 ? 314 ALA A O   1 
ATOM   1103 C  CB  . ALA A 1 148 ? -1.299  -7.866  -5.581  1.00 10.01 ? 314 ALA A CB  1 
ATOM   1104 N  N   . ARG A 1 149 ? -0.232  -7.359  -8.514  1.00 12.86 ? 315 ARG A N   1 
ATOM   1105 C  CA  . ARG A 1 149 ? -0.463  -6.867  -9.867  1.00 10.67 ? 315 ARG A CA  1 
ATOM   1106 C  C   . ARG A 1 149 ? -0.061  -7.916  -10.905 1.00 10.86 ? 315 ARG A C   1 
ATOM   1107 O  O   . ARG A 1 149 ? -0.786  -8.155  -11.872 1.00 15.13 ? 315 ARG A O   1 
ATOM   1108 C  CB  . ARG A 1 149 ? 0.323   -5.573  -10.090 1.00 14.20 ? 315 ARG A CB  1 
ATOM   1109 C  CG  . ARG A 1 149 ? 0.236   -5.010  -11.501 1.00 14.94 ? 315 ARG A CG  1 
ATOM   1110 C  CD  . ARG A 1 149 ? 0.856   -3.627  -11.529 1.00 16.62 ? 315 ARG A CD  1 
ATOM   1111 N  NE  . ARG A 1 149 ? 0.009   -2.661  -10.838 1.00 20.47 ? 315 ARG A NE  1 
ATOM   1112 C  CZ  . ARG A 1 149 ? 0.459   -1.710  -10.030 1.00 22.70 ? 315 ARG A CZ  1 
ATOM   1113 N  NH1 . ARG A 1 149 ? 1.760   -1.590  -9.798  1.00 27.47 ? 315 ARG A NH1 1 
ATOM   1114 N  NH2 . ARG A 1 149 ? -0.397  -0.877  -9.454  1.00 15.11 ? 315 ARG A NH2 1 
ATOM   1115 N  N   . ASP A 1 150 ? 1.091   -8.543  -10.697 1.00 12.49 ? 316 ASP A N   1 
ATOM   1116 C  CA  . ASP A 1 150 ? 1.591   -9.568  -11.610 1.00 14.09 ? 316 ASP A CA  1 
ATOM   1117 C  C   . ASP A 1 150 ? 0.642   -10.760 -11.706 1.00 17.15 ? 316 ASP A C   1 
ATOM   1118 O  O   . ASP A 1 150 ? 0.387   -11.273 -12.798 1.00 18.51 ? 316 ASP A O   1 
ATOM   1119 C  CB  . ASP A 1 150 ? 2.970   -10.052 -11.150 1.00 18.97 ? 316 ASP A CB  1 
ATOM   1120 C  CG  . ASP A 1 150 ? 3.539   -11.139 -12.044 1.00 31.30 ? 316 ASP A CG  1 
ATOM   1121 O  OD1 . ASP A 1 150 ? 3.581   -10.936 -13.277 1.00 34.36 ? 316 ASP A OD1 1 
ATOM   1122 O  OD2 . ASP A 1 150 ? 3.949   -12.195 -11.513 1.00 40.05 ? 316 ASP A OD2 1 
ATOM   1123 N  N   . ARG A 1 151 ? 0.124   -11.188 -10.559 1.00 14.58 ? 317 ARG A N   1 
ATOM   1124 C  CA  . ARG A 1 151 ? -0.793  -12.328 -10.483 1.00 13.32 ? 317 ARG A CA  1 
ATOM   1125 C  C   . ARG A 1 151 ? -2.235  -11.962 -10.820 1.00 14.58 ? 317 ARG A C   1 
ATOM   1126 O  O   . ARG A 1 151 ? -3.057  -12.840 -11.089 1.00 17.04 ? 317 ARG A O   1 
ATOM   1127 C  CB  . ARG A 1 151 ? -0.745  -12.941 -9.080  1.00 17.95 ? 317 ARG A CB  1 
ATOM   1128 C  CG  . ARG A 1 151 ? 0.556   -13.667 -8.745  1.00 20.31 ? 317 ARG A CG  1 
ATOM   1129 C  CD  . ARG A 1 151 ? 0.751   -13.774 -7.235  1.00 14.61 ? 317 ARG A CD  1 
ATOM   1130 N  NE  . ARG A 1 151 ? -0.362  -14.441 -6.563  1.00 14.12 ? 317 ARG A NE  1 
ATOM   1131 C  CZ  . ARG A 1 151 ? -0.575  -14.399 -5.250  1.00 13.28 ? 317 ARG A CZ  1 
ATOM   1132 N  NH1 . ARG A 1 151 ? 0.250   -13.719 -4.465  1.00 16.28 ? 317 ARG A NH1 1 
ATOM   1133 N  NH2 . ARG A 1 151 ? -1.613  -15.036 -4.719  1.00 15.06 ? 317 ARG A NH2 1 
ATOM   1134 N  N   . GLY A 1 152 ? -2.541  -10.668 -10.802 1.00 12.64 ? 318 GLY A N   1 
ATOM   1135 C  CA  . GLY A 1 152 ? -3.891  -10.226 -11.096 1.00 14.07 ? 318 GLY A CA  1 
ATOM   1136 C  C   . GLY A 1 152 ? -4.868  -10.567 -9.984  1.00 17.45 ? 318 GLY A C   1 
ATOM   1137 O  O   . GLY A 1 152 ? -6.055  -10.789 -10.240 1.00 20.69 ? 318 GLY A O   1 
ATOM   1138 N  N   . VAL A 1 153 ? -4.378  -10.611 -8.748  1.00 12.31 ? 319 VAL A N   1 
ATOM   1139 C  CA  . VAL A 1 153 ? -5.230  -10.926 -7.601  1.00 11.19 ? 319 VAL A CA  1 
ATOM   1140 C  C   . VAL A 1 153 ? -5.598  -9.660  -6.833  1.00 11.97 ? 319 VAL A C   1 
ATOM   1141 O  O   . VAL A 1 153 ? -4.963  -8.618  -6.993  1.00 10.56 ? 319 VAL A O   1 
ATOM   1142 C  CB  . VAL A 1 153 ? -4.542  -11.926 -6.632  1.00 13.92 ? 319 VAL A CB  1 
ATOM   1143 C  CG1 . VAL A 1 153 ? -4.340  -13.265 -7.324  1.00 16.41 ? 319 VAL A CG1 1 
ATOM   1144 C  CG2 . VAL A 1 153 ? -3.208  -11.365 -6.154  1.00 9.56  ? 319 VAL A CG2 1 
ATOM   1145 N  N   . GLY A 1 154 ? -6.634  -9.755  -6.003  1.00 10.78 ? 320 GLY A N   1 
ATOM   1146 C  CA  . GLY A 1 154 ? -7.076  -8.608  -5.223  1.00 9.90  ? 320 GLY A CA  1 
ATOM   1147 C  C   . GLY A 1 154 ? -6.002  -8.023  -4.328  1.00 12.14 ? 320 GLY A C   1 
ATOM   1148 O  O   . GLY A 1 154 ? -5.853  -6.803  -4.221  1.00 10.97 ? 320 GLY A O   1 
ATOM   1149 N  N   . TRP A 1 155 ? -5.266  -8.901  -3.663  1.00 9.37  ? 321 TRP A N   1 
ATOM   1150 C  CA  . TRP A 1 155 ? -4.186  -8.489  -2.780  1.00 11.34 ? 321 TRP A CA  1 
ATOM   1151 C  C   . TRP A 1 155 ? -3.256  -9.675  -2.599  1.00 12.84 ? 321 TRP A C   1 
ATOM   1152 O  O   . TRP A 1 155 ? -3.664  -10.823 -2.770  1.00 10.44 ? 321 TRP A O   1 
ATOM   1153 C  CB  . TRP A 1 155 ? -4.746  -8.015  -1.431  1.00 14.07 ? 321 TRP A CB  1 
ATOM   1154 C  CG  . TRP A 1 155 ? -5.592  -9.022  -0.711  1.00 10.51 ? 321 TRP A CG  1 
ATOM   1155 C  CD1 . TRP A 1 155 ? -5.157  -10.003 0.134   1.00 12.71 ? 321 TRP A CD1 1 
ATOM   1156 C  CD2 . TRP A 1 155 ? -7.016  -9.153  -0.781  1.00 13.95 ? 321 TRP A CD2 1 
ATOM   1157 N  NE1 . TRP A 1 155 ? -6.225  -10.737 0.597   1.00 14.87 ? 321 TRP A NE1 1 
ATOM   1158 C  CE2 . TRP A 1 155 ? -7.380  -10.236 0.050   1.00 14.24 ? 321 TRP A CE2 1 
ATOM   1159 C  CE3 . TRP A 1 155 ? -8.026  -8.461  -1.466  1.00 16.49 ? 321 TRP A CE3 1 
ATOM   1160 C  CZ2 . TRP A 1 155 ? -8.707  -10.648 0.217   1.00 14.16 ? 321 TRP A CZ2 1 
ATOM   1161 C  CZ3 . TRP A 1 155 ? -9.350  -8.870  -1.300  1.00 18.77 ? 321 TRP A CZ3 1 
ATOM   1162 C  CH2 . TRP A 1 155 ? -9.675  -9.955  -0.465  1.00 13.19 ? 321 TRP A CH2 1 
ATOM   1163 N  N   . ALA A 1 156 ? -1.999  -9.396  -2.282  1.00 9.47  ? 322 ALA A N   1 
ATOM   1164 C  CA  . ALA A 1 156 ? -1.023  -10.458 -2.097  1.00 8.93  ? 322 ALA A CA  1 
ATOM   1165 C  C   . ALA A 1 156 ? -0.386  -10.336 -0.730  1.00 11.63 ? 322 ALA A C   1 
ATOM   1166 O  O   . ALA A 1 156 ? 0.118   -9.276  -0.364  1.00 12.52 ? 322 ALA A O   1 
ATOM   1167 C  CB  . ALA A 1 156 ? 0.045   -10.380 -3.185  1.00 9.67  ? 322 ALA A CB  1 
ATOM   1168 N  N   . ARG A 1 157 ? -0.421  -11.427 0.026   1.00 13.60 ? 323 ARG A N   1 
ATOM   1169 C  CA  . ARG A 1 157 ? 0.167   -11.451 1.355   1.00 12.60 ? 323 ARG A CA  1 
ATOM   1170 C  C   . ARG A 1 157 ? 1.601   -11.943 1.256   1.00 18.07 ? 323 ARG A C   1 
ATOM   1171 O  O   . ARG A 1 157 ? 1.917   -12.807 0.437   1.00 20.66 ? 323 ARG A O   1 
ATOM   1172 C  CB  . ARG A 1 157 ? -0.618  -12.398 2.273   1.00 14.82 ? 323 ARG A CB  1 
ATOM   1173 C  CG  . ARG A 1 157 ? -1.972  -11.883 2.751   1.00 19.59 ? 323 ARG A CG  1 
ATOM   1174 C  CD  . ARG A 1 157 ? -2.760  -12.986 3.463   1.00 21.30 ? 323 ARG A CD  1 
ATOM   1175 N  NE  . ARG A 1 157 ? -3.894  -12.461 4.220   1.00 21.80 ? 323 ARG A NE  1 
ATOM   1176 C  CZ  . ARG A 1 157 ? -3.791  -11.882 5.411   1.00 23.93 ? 323 ARG A CZ  1 
ATOM   1177 N  NH1 . ARG A 1 157 ? -2.604  -11.757 5.988   1.00 24.20 ? 323 ARG A NH1 1 
ATOM   1178 N  NH2 . ARG A 1 157 ? -4.874  -11.421 6.020   1.00 26.70 ? 323 ARG A NH2 1 
ATOM   1179 N  N   . TYR A 1 158 ? 2.473   -11.370 2.073   1.00 16.64 ? 324 TYR A N   1 
ATOM   1180 C  CA  . TYR A 1 158 ? 3.858   -11.802 2.115   1.00 17.73 ? 324 TYR A CA  1 
ATOM   1181 C  C   . TYR A 1 158 ? 3.757   -13.257 2.583   1.00 18.52 ? 324 TYR A C   1 
ATOM   1182 O  O   . TYR A 1 158 ? 3.264   -13.522 3.682   1.00 21.34 ? 324 TYR A O   1 
ATOM   1183 C  CB  . TYR A 1 158 ? 4.626   -10.962 3.134   1.00 17.78 ? 324 TYR A CB  1 
ATOM   1184 C  CG  . TYR A 1 158 ? 6.047   -11.413 3.359   1.00 17.81 ? 324 TYR A CG  1 
ATOM   1185 C  CD1 . TYR A 1 158 ? 6.943   -11.502 2.299   1.00 21.07 ? 324 TYR A CD1 1 
ATOM   1186 C  CD2 . TYR A 1 158 ? 6.493   -11.755 4.635   1.00 23.91 ? 324 TYR A CD2 1 
ATOM   1187 C  CE1 . TYR A 1 158 ? 8.253   -11.923 2.500   1.00 22.15 ? 324 TYR A CE1 1 
ATOM   1188 C  CE2 . TYR A 1 158 ? 7.801   -12.178 4.848   1.00 20.52 ? 324 TYR A CE2 1 
ATOM   1189 C  CZ  . TYR A 1 158 ? 8.673   -12.258 3.774   1.00 18.84 ? 324 TYR A CZ  1 
ATOM   1190 O  OH  . TYR A 1 158 ? 9.966   -12.679 3.972   1.00 26.59 ? 324 TYR A OH  1 
ATOM   1191 N  N   . ASN A 1 159 ? 4.199   -14.193 1.746   1.00 21.25 ? 325 ASN A N   1 
ATOM   1192 C  CA  . ASN A 1 159 ? 4.117   -15.616 2.079   1.00 20.75 ? 325 ASN A CA  1 
ATOM   1193 C  C   . ASN A 1 159 ? 5.393   -16.368 1.717   1.00 20.21 ? 325 ASN A C   1 
ATOM   1194 O  O   . ASN A 1 159 ? 5.425   -17.118 0.748   1.00 22.88 ? 325 ASN A O   1 
ATOM   1195 C  CB  . ASN A 1 159 ? 2.941   -16.259 1.337   1.00 24.74 ? 325 ASN A CB  1 
ATOM   1196 C  CG  . ASN A 1 159 ? 2.622   -17.653 1.846   1.00 22.40 ? 325 ASN A CG  1 
ATOM   1197 O  OD1 . ASN A 1 159 ? 2.048   -18.472 1.129   1.00 37.46 ? 325 ASN A OD1 1 
ATOM   1198 N  ND2 . ASN A 1 159 ? 2.981   -17.923 3.095   1.00 26.43 ? 325 ASN A ND2 1 
ATOM   1199 N  N   . PRO A 1 160 ? 6.458   -16.189 2.507   1.00 18.93 ? 326 PRO A N   1 
ATOM   1200 C  CA  . PRO A 1 160 ? 7.730   -16.863 2.242   1.00 17.69 ? 326 PRO A CA  1 
ATOM   1201 C  C   . PRO A 1 160 ? 7.784   -18.290 2.779   1.00 16.32 ? 326 PRO A C   1 
ATOM   1202 O  O   . PRO A 1 160 ? 7.008   -18.661 3.657   1.00 17.84 ? 326 PRO A O   1 
ATOM   1203 C  CB  . PRO A 1 160 ? 8.728   -15.968 2.952   1.00 19.20 ? 326 PRO A CB  1 
ATOM   1204 C  CG  . PRO A 1 160 ? 7.974   -15.617 4.203   1.00 15.92 ? 326 PRO A CG  1 
ATOM   1205 C  CD  . PRO A 1 160 ? 6.580   -15.273 3.655   1.00 20.12 ? 326 PRO A CD  1 
ATOM   1206 N  N   . PRO A 1 161 ? 8.702   -19.111 2.248   1.00 16.67 ? 327 PRO A N   1 
ATOM   1207 C  CA  . PRO A 1 161 ? 8.826   -20.491 2.722   1.00 16.46 ? 327 PRO A CA  1 
ATOM   1208 C  C   . PRO A 1 161 ? 9.249   -20.452 4.195   1.00 19.57 ? 327 PRO A C   1 
ATOM   1209 O  O   . PRO A 1 161 ? 10.003  -19.565 4.600   1.00 16.71 ? 327 PRO A O   1 
ATOM   1210 C  CB  . PRO A 1 161 ? 9.920   -21.063 1.827   1.00 18.37 ? 327 PRO A CB  1 
ATOM   1211 C  CG  . PRO A 1 161 ? 9.741   -20.303 0.553   1.00 22.89 ? 327 PRO A CG  1 
ATOM   1212 C  CD  . PRO A 1 161 ? 9.526   -18.894 1.047   1.00 23.49 ? 327 PRO A CD  1 
ATOM   1213 N  N   . LEU A 1 162 ? 8.765   -21.410 4.984   1.00 18.58 ? 328 LEU A N   1 
ATOM   1214 C  CA  . LEU A 1 162 ? 9.074   -21.487 6.413   1.00 23.46 ? 328 LEU A CA  1 
ATOM   1215 C  C   . LEU A 1 162 ? 10.276  -22.367 6.743   1.00 22.24 ? 328 LEU A C   1 
ATOM   1216 O  O   . LEU A 1 162 ? 10.800  -22.309 7.855   1.00 31.54 ? 328 LEU A O   1 
ATOM   1217 C  CB  . LEU A 1 162 ? 7.865   -22.005 7.195   1.00 29.99 ? 328 LEU A CB  1 
ATOM   1218 C  CG  . LEU A 1 162 ? 6.801   -21.015 7.668   1.00 40.73 ? 328 LEU A CG  1 
ATOM   1219 C  CD1 . LEU A 1 162 ? 6.231   -20.260 6.490   1.00 42.93 ? 328 LEU A CD1 1 
ATOM   1220 C  CD2 . LEU A 1 162 ? 5.704   -21.772 8.408   1.00 44.02 ? 328 LEU A CD2 1 
ATOM   1221 N  N   . ASP A 1 163 ? 10.691  -23.194 5.790   1.00 25.16 ? 329 ASP A N   1 
ATOM   1222 C  CA  . ASP A 1 163 ? 11.840  -24.072 5.986   1.00 29.86 ? 329 ASP A CA  1 
ATOM   1223 C  C   . ASP A 1 163 ? 12.480  -24.452 4.660   1.00 27.78 ? 329 ASP A C   1 
ATOM   1224 O  O   . ASP A 1 163 ? 11.982  -24.093 3.592   1.00 29.92 ? 329 ASP A O   1 
ATOM   1225 C  CB  . ASP A 1 163 ? 11.442  -25.337 6.756   1.00 32.80 ? 329 ASP A CB  1 
ATOM   1226 C  CG  . ASP A 1 163 ? 10.289  -26.078 6.116   1.00 33.57 ? 329 ASP A CG  1 
ATOM   1227 O  OD1 . ASP A 1 163 ? 10.378  -26.418 4.919   1.00 36.87 ? 329 ASP A OD1 1 
ATOM   1228 O  OD2 . ASP A 1 163 ? 9.288   -26.328 6.822   1.00 49.95 ? 329 ASP A OD2 1 
ATOM   1229 N  N   . GLN A 1 164 ? 13.587  -25.185 4.733   1.00 36.18 ? 330 GLN A N   1 
ATOM   1230 C  CA  . GLN A 1 164 ? 14.313  -25.590 3.534   1.00 36.87 ? 330 GLN A CA  1 
ATOM   1231 C  C   . GLN A 1 164 ? 13.484  -26.404 2.548   1.00 39.11 ? 330 GLN A C   1 
ATOM   1232 O  O   . GLN A 1 164 ? 13.560  -26.188 1.336   1.00 40.79 ? 330 GLN A O   1 
ATOM   1233 C  CB  . GLN A 1 164 ? 15.565  -26.381 3.916   1.00 38.44 ? 330 GLN A CB  1 
ATOM   1234 C  CG  . GLN A 1 164 ? 16.623  -26.358 2.833   1.00 43.11 ? 330 GLN A CG  1 
ATOM   1235 C  CD  . GLN A 1 164 ? 17.133  -24.955 2.570   1.00 41.05 ? 330 GLN A CD  1 
ATOM   1236 O  OE1 . GLN A 1 164 ? 17.561  -24.634 1.459   1.00 48.65 ? 330 GLN A OE1 1 
ATOM   1237 N  NE2 . GLN A 1 164 ? 17.082  -24.103 3.593   1.00 41.02 ? 330 GLN A NE2 1 
ATOM   1238 N  N   . ALA A 1 165 ? 12.703  -27.345 3.071   1.00 42.84 ? 331 ALA A N   1 
ATOM   1239 C  CA  . ALA A 1 165 ? 11.857  -28.201 2.245   1.00 39.89 ? 331 ALA A CA  1 
ATOM   1240 C  C   . ALA A 1 165 ? 10.853  -27.391 1.451   1.00 41.82 ? 331 ALA A C   1 
ATOM   1241 O  O   . ALA A 1 165 ? 10.432  -27.785 0.368   1.00 43.19 ? 331 ALA A O   1 
ATOM   1242 C  CB  . ALA A 1 165 ? 11.128  -29.208 3.123   1.00 40.78 ? 331 ALA A CB  1 
ATOM   1243 N  N   . GLN A 1 166 ? 10.470  -26.248 2.004   1.00 41.07 ? 332 GLN A N   1 
ATOM   1244 C  CA  . GLN A 1 166 ? 9.504   -25.375 1.354   1.00 33.14 ? 332 GLN A CA  1 
ATOM   1245 C  C   . GLN A 1 166 ? 10.194  -24.336 0.479   1.00 32.75 ? 332 GLN A C   1 
ATOM   1246 O  O   . GLN A 1 166 ? 9.587   -23.794 -0.441  1.00 24.71 ? 332 GLN A O   1 
ATOM   1247 C  CB  . GLN A 1 166 ? 8.659   -24.666 2.415   1.00 38.91 ? 332 GLN A CB  1 
ATOM   1248 C  CG  . GLN A 1 166 ? 7.331   -24.148 1.923   1.00 41.06 ? 332 GLN A CG  1 
ATOM   1249 C  CD  . GLN A 1 166 ? 6.780   -23.044 2.804   1.00 43.08 ? 332 GLN A CD  1 
ATOM   1250 O  OE1 . GLN A 1 166 ? 6.818   -23.136 4.036   1.00 28.56 ? 332 GLN A OE1 1 
ATOM   1251 N  NE2 . GLN A 1 166 ? 6.258   -21.993 2.177   1.00 49.81 ? 332 GLN A NE2 1 
ATOM   1252 N  N   . GLN A 1 167 ? 11.460  -24.057 0.780   1.00 30.35 ? 333 GLN A N   1 
ATOM   1253 C  CA  . GLN A 1 167 ? 12.231  -23.071 0.027   1.00 33.08 ? 333 GLN A CA  1 
ATOM   1254 C  C   . GLN A 1 167 ? 12.385  -23.496 -1.434  1.00 35.07 ? 333 GLN A C   1 
ATOM   1255 O  O   . GLN A 1 167 ? 12.863  -22.731 -2.275  1.00 43.20 ? 333 GLN A O   1 
ATOM   1256 C  CB  . GLN A 1 167 ? 13.614  -22.890 0.659   1.00 29.89 ? 333 GLN A CB  1 
ATOM   1257 C  CG  . GLN A 1 167 ? 14.345  -21.646 0.199   1.00 29.93 ? 333 GLN A CG  1 
ATOM   1258 C  CD  . GLN A 1 167 ? 13.567  -20.386 0.502   1.00 29.31 ? 333 GLN A CD  1 
ATOM   1259 O  OE1 . GLN A 1 167 ? 13.182  -19.642 -0.404  1.00 33.61 ? 333 GLN A OE1 1 
ATOM   1260 N  NE2 . GLN A 1 167 ? 13.323  -20.139 1.785   1.00 26.24 ? 333 GLN A NE2 1 
HETATM 1261 O  O   . HOH B 2 .   ? 9.741   -16.185 19.644  1.00 45.93 ? 343 HOH A O   1 
HETATM 1262 O  O   . HOH B 2 .   ? -12.158 15.159  -21.098 1.00 36.90 ? 344 HOH A O   1 
HETATM 1263 O  O   . HOH B 2 .   ? -19.777 0.207   -3.356  1.00 42.30 ? 345 HOH A O   1 
HETATM 1264 O  O   . HOH B 2 .   ? 9.098   2.993   -7.062  1.00 51.73 ? 346 HOH A O   1 
HETATM 1265 O  O   . HOH B 2 .   ? 10.232  0.944   -13.830 1.00 49.09 ? 347 HOH A O   1 
HETATM 1266 O  O   . HOH B 2 .   ? -14.088 -4.991  12.853  1.00 35.78 ? 348 HOH A O   1 
HETATM 1267 O  O   . HOH B 2 .   ? -6.656  2.142   13.450  1.00 50.45 ? 349 HOH A O   1 
HETATM 1268 O  O   . HOH B 2 .   ? 3.937   -6.155  -11.205 1.00 28.56 ? 350 HOH A O   1 
HETATM 1269 O  O   . HOH B 2 .   ? -10.754 -6.927  17.280  1.00 43.76 ? 351 HOH A O   1 
HETATM 1270 O  O   . HOH B 2 .   ? 6.352   1.622   22.075  1.00 32.80 ? 352 HOH A O   1 
HETATM 1271 O  O   . HOH B 2 .   ? -11.274 -4.304  14.542  1.00 35.70 ? 353 HOH A O   1 
HETATM 1272 O  O   . HOH B 2 .   ? 5.286   8.377   -26.809 1.00 49.59 ? 354 HOH A O   1 
HETATM 1273 O  O   . HOH B 2 .   ? 3.900   -8.685  -14.739 1.00 43.57 ? 355 HOH A O   1 
HETATM 1274 O  O   . HOH B 2 .   ? 7.046   -2.031  -11.691 1.00 47.35 ? 356 HOH A O   1 
HETATM 1275 O  O   . HOH B 2 .   ? 0.799   14.060  -5.228  1.00 34.39 ? 357 HOH A O   1 
HETATM 1276 O  O   . HOH B 2 .   ? -12.152 -0.132  13.097  1.00 49.86 ? 358 HOH A O   1 
HETATM 1277 O  O   . HOH B 2 .   ? 9.366   0.940   -8.678  1.00 31.61 ? 359 HOH A O   1 
HETATM 1278 O  O   . HOH B 2 .   ? 4.352   -11.817 7.469   1.00 30.60 ? 360 HOH A O   1 
HETATM 1279 O  O   . HOH B 2 .   ? -7.313  -13.513 7.814   1.00 41.26 ? 361 HOH A O   1 
HETATM 1280 O  O   . HOH B 2 .   ? -17.180 -5.410  2.970   1.00 60.48 ? 362 HOH A O   1 
HETATM 1281 O  O   . HOH B 2 .   ? -2.915  3.966   20.010  1.00 50.54 ? 363 HOH A O   1 
HETATM 1282 O  O   . HOH B 2 .   ? 6.232   -9.159  -9.154  1.00 44.11 ? 364 HOH A O   1 
HETATM 1283 O  O   . HOH B 2 .   ? 4.828   -4.491  25.278  1.00 48.97 ? 365 HOH A O   1 
HETATM 1284 O  O   . HOH B 2 .   ? 2.701   -6.837  -13.428 1.00 30.52 ? 366 HOH A O   1 
HETATM 1285 O  O   . HOH B 2 .   ? -0.542  15.367  1.323   1.00 32.45 ? 367 HOH A O   1 
HETATM 1286 O  O   . HOH B 2 .   ? 3.452   12.998  4.482   1.00 33.65 ? 368 HOH A O   1 
HETATM 1287 O  O   . HOH B 2 .   ? 3.135   6.071   16.641  1.00 40.00 ? 369 HOH A O   1 
HETATM 1288 O  O   . HOH B 2 .   ? -0.498  12.376  -3.158  1.00 41.00 ? 370 HOH A O   1 
HETATM 1289 O  O   . HOH B 2 .   ? -2.992  21.029  -17.215 1.00 46.46 ? 371 HOH A O   1 
HETATM 1290 O  O   . HOH B 2 .   ? 20.308  -23.803 0.399   1.00 48.56 ? 372 HOH A O   1 
HETATM 1291 O  O   . HOH B 2 .   ? -11.603 2.643   10.931  1.00 44.81 ? 373 HOH A O   1 
HETATM 1292 O  O   . HOH B 2 .   ? 6.000   -15.629 17.925  1.00 60.88 ? 374 HOH A O   1 
HETATM 1293 O  O   . HOH B 2 .   ? -11.199 15.441  -4.309  1.00 39.63 ? 375 HOH A O   1 
HETATM 1294 O  O   . HOH B 2 .   ? 7.022   -11.682 8.078   1.00 56.32 ? 376 HOH A O   1 
HETATM 1295 O  O   . HOH B 2 .   ? 9.174   -25.061 -2.962  1.00 50.08 ? 377 HOH A O   1 
HETATM 1296 O  O   . HOH B 2 .   ? 10.912  -0.223  -0.820  1.00 41.47 ? 378 HOH A O   1 
HETATM 1297 O  O   . HOH B 2 .   ? -18.433 0.062   -0.992  1.00 28.00 ? 379 HOH A O   1 
HETATM 1298 O  O   . HOH B 2 .   ? 4.806   -0.960  -9.040  1.00 54.33 ? 380 HOH A O   1 
HETATM 1299 O  O   . HOH B 2 .   ? -1.638  20.981  -5.841  1.00 43.96 ? 381 HOH A O   1 
HETATM 1300 O  O   . HOH B 2 .   ? 1.355   22.741  -6.935  1.00 40.19 ? 382 HOH A O   1 
HETATM 1301 O  O   . HOH B 2 .   ? -15.363 -11.278 16.564  1.00 47.33 ? 383 HOH A O   1 
HETATM 1302 O  O   . HOH B 2 .   ? -11.969 9.075   11.685  1.00 45.18 ? 384 HOH A O   1 
HETATM 1303 O  O   . HOH B 2 .   ? 7.771   -14.777 7.838   1.00 34.53 ? 385 HOH A O   1 
HETATM 1304 O  O   . HOH B 2 .   ? -4.877  -14.490 8.186   1.00 54.14 ? 386 HOH A O   1 
HETATM 1305 O  O   . HOH B 2 .   ? -16.863 1.388   -12.536 1.00 45.66 ? 387 HOH A O   1 
HETATM 1306 O  O   . HOH B 2 .   ? -13.461 3.081   6.621   1.00 46.53 ? 388 HOH A O   1 
HETATM 1307 O  O   . HOH B 2 .   ? 9.136   15.732  -17.718 1.00 40.61 ? 389 HOH A O   1 
HETATM 1308 O  O   . HOH B 2 .   ? 14.717  -25.664 7.164   1.00 50.01 ? 390 HOH A O   1 
HETATM 1309 O  O   . HOH B 2 .   ? 8.798   -2.099  -7.606  1.00 41.92 ? 391 HOH A O   1 
HETATM 1310 O  O   . HOH B 2 .   ? -0.413  9.335   14.618  1.00 39.16 ? 392 HOH A O   1 
HETATM 1311 O  O   . HOH B 2 .   ? 5.295   -13.477 21.607  1.00 38.09 ? 393 HOH A O   1 
HETATM 1312 O  O   . HOH B 2 .   ? -19.943 -5.432  -11.779 1.00 39.81 ? 394 HOH A O   1 
HETATM 1313 O  O   . HOH B 2 .   ? 14.194  7.182   13.113  1.00 39.67 ? 395 HOH A O   1 
HETATM 1314 O  O   . HOH B 2 .   ? -8.102  -12.614 10.557  1.00 44.83 ? 396 HOH A O   1 
HETATM 1315 O  O   . HOH B 2 .   ? -7.550  17.900  -1.773  1.00 44.02 ? 397 HOH A O   1 
HETATM 1316 O  O   . HOH B 2 .   ? 1.413   18.458  -3.902  1.00 31.84 ? 398 HOH A O   1 
HETATM 1317 O  O   . HOH B 2 .   ? 3.974   -3.506  -10.426 1.00 41.04 ? 399 HOH A O   1 
HETATM 1318 O  O   . HOH B 2 .   ? -0.711  21.988  -18.028 1.00 37.53 ? 400 HOH A O   1 
HETATM 1319 O  O   . HOH B 2 .   ? 10.617  -0.838  -6.117  1.00 43.36 ? 401 HOH A O   1 
HETATM 1320 O  O   . HOH B 2 .   ? 0.636   16.455  3.533   1.00 37.36 ? 402 HOH A O   1 
HETATM 1321 O  O   . HOH B 2 .   ? -16.191 -7.782  -13.826 1.00 49.28 ? 403 HOH A O   1 
HETATM 1322 O  O   . HOH B 2 .   ? -3.240  -11.546 10.578  1.00 50.03 ? 404 HOH A O   1 
HETATM 1323 O  O   . HOH B 2 .   ? -6.574  -11.236 12.214  1.00 40.93 ? 405 HOH A O   1 
HETATM 1324 O  O   . HOH B 2 .   ? 12.383  3.109   12.669  1.00 48.13 ? 406 HOH A O   1 
HETATM 1325 O  O   . HOH B 2 .   ? 2.274   8.574   14.680  1.00 46.50 ? 407 HOH A O   1 
HETATM 1326 O  O   . HOH B 2 .   ? -7.344  -0.450  17.239  1.00 49.92 ? 408 HOH A O   1 
HETATM 1327 O  O   . HOH B 2 .   ? 4.300   -16.077 6.848   1.00 44.40 ? 409 HOH A O   1 
HETATM 1328 O  O   . HOH B 2 .   ? 8.545   18.657  -15.711 1.00 39.20 ? 410 HOH A O   1 
HETATM 1329 O  O   . HOH B 2 .   ? -7.278  18.230  0.894   1.00 38.89 ? 411 HOH A O   1 
HETATM 1330 O  O   . HOH B 2 .   ? 4.923   13.099  2.108   1.00 47.51 ? 412 HOH A O   1 
HETATM 1331 O  O   . HOH B 2 .   ? 9.817   7.528   -24.788 1.00 44.91 ? 413 HOH A O   1 
HETATM 1332 O  O   . HOH B 2 .   ? 8.494   12.599  -7.945  1.00 48.94 ? 414 HOH A O   1 
HETATM 1333 O  O   . HOH B 2 .   ? 10.930  9.177   4.594   1.00 29.26 ? 415 HOH A O   1 
HETATM 1334 O  O   . HOH B 2 .   ? -0.583  10.933  2.239   1.00 41.31 ? 416 HOH A O   1 
HETATM 1335 O  O   . HOH B 2 .   ? 4.577   15.931  7.702   1.00 44.13 ? 417 HOH A O   1 
HETATM 1336 O  O   . HOH B 2 .   ? 6.329   15.074  4.704   1.00 44.67 ? 418 HOH A O   1 
HETATM 1337 O  O   . HOH B 2 .   ? 14.109  5.717   15.706  1.00 43.59 ? 419 HOH A O   1 
HETATM 1338 O  O   . HOH B 2 .   ? 11.164  -0.965  -15.361 1.00 45.04 ? 420 HOH A O   1 
HETATM 1339 O  O   . HOH B 2 .   ? 1.822   13.369  0.732   1.00 38.17 ? 421 HOH A O   1 
HETATM 1340 O  O   . HOH B 2 .   ? -4.967  14.140  3.472   1.00 39.43 ? 422 HOH A O   1 
HETATM 1341 O  O   . HOH B 2 .   ? -6.909  14.787  5.681   1.00 46.66 ? 423 HOH A O   1 
HETATM 1342 O  O   . HOH B 2 .   ? -7.263  14.649  1.562   1.00 38.10 ? 424 HOH A O   1 
HETATM 1343 O  O   . HOH B 2 .   ? 10.303  8.377   -2.918  1.00 45.79 ? 425 HOH A O   1 
HETATM 1344 O  O   . HOH B 2 .   ? -13.164 -2.051  6.394   1.00 38.00 ? 426 HOH A O   1 
HETATM 1345 O  O   . HOH B 2 .   ? -14.744 0.840   -14.086 1.00 39.22 ? 427 HOH A O   1 
HETATM 1346 O  O   . HOH B 2 .   ? 13.638  -10.131 -3.357  1.00 44.84 ? 428 HOH A O   1 
HETATM 1347 O  O   . HOH B 2 .   ? 4.764   -2.230  -5.723  1.00 34.33 ? 429 HOH A O   1 
HETATM 1348 O  O   . HOH B 2 .   ? 3.892   -3.918  -14.162 1.00 37.10 ? 430 HOH A O   1 
HETATM 1349 O  O   . HOH B 2 .   ? -4.891  -13.324 -13.096 1.00 41.67 ? 431 HOH A O   1 
HETATM 1350 O  O   . HOH B 2 .   ? 13.014  -2.140  1.989   1.00 28.86 ? 432 HOH A O   1 
HETATM 1351 O  O   . HOH B 2 .   ? 17.170  -3.213  0.189   1.00 41.25 ? 433 HOH A O   1 
HETATM 1352 O  O   . HOH B 2 .   ? 10.044  11.386  -5.345  1.00 40.43 ? 434 HOH A O   1 
HETATM 1353 O  O   . HOH B 2 .   ? 11.831  -25.870 -3.032  1.00 45.82 ? 435 HOH A O   1 
HETATM 1354 O  O   . HOH B 2 .   ? 11.888  -0.741  9.001   1.00 24.85 ? 436 HOH A O   1 
HETATM 1355 O  O   . HOH B 2 .   ? 1.388   14.166  -25.296 1.00 13.18 ? 437 HOH A O   1 
HETATM 1356 O  O   . HOH B 2 .   ? -4.194  -5.627  -5.934  1.00 10.76 ? 438 HOH A O   1 
HETATM 1357 O  O   . HOH B 2 .   ? -9.043  6.568   -19.246 1.00 9.57  ? 439 HOH A O   1 
HETATM 1358 O  O   . HOH B 2 .   ? -8.997  3.867   -10.890 1.00 10.69 ? 440 HOH A O   1 
HETATM 1359 O  O   . HOH B 2 .   ? 9.827   -0.507  11.364  1.00 15.49 ? 441 HOH A O   1 
HETATM 1360 O  O   . HOH B 2 .   ? 11.262  -0.751  6.235   1.00 17.19 ? 442 HOH A O   1 
HETATM 1361 O  O   . HOH B 2 .   ? -12.021 11.063  -9.573  1.00 17.12 ? 443 HOH A O   1 
HETATM 1362 O  O   . HOH B 2 .   ? -15.149 3.024   -7.927  1.00 19.92 ? 444 HOH A O   1 
HETATM 1363 O  O   . HOH B 2 .   ? 0.746   18.656  -16.550 1.00 14.99 ? 445 HOH A O   1 
HETATM 1364 O  O   . HOH B 2 .   ? -18.065 -3.710  -8.413  1.00 17.17 ? 446 HOH A O   1 
HETATM 1365 O  O   . HOH B 2 .   ? -10.161 -2.272  -8.544  1.00 20.04 ? 447 HOH A O   1 
HETATM 1366 O  O   . HOH B 2 .   ? 4.425   12.126  -10.090 1.00 15.86 ? 448 HOH A O   1 
HETATM 1367 O  O   . HOH B 2 .   ? -3.439  -9.220  8.580   1.00 19.67 ? 449 HOH A O   1 
HETATM 1368 O  O   . HOH B 2 .   ? -19.864 -0.294  2.769   1.00 23.97 ? 450 HOH A O   1 
HETATM 1369 O  O   . HOH B 2 .   ? 6.295   18.048  -17.115 1.00 21.76 ? 451 HOH A O   1 
HETATM 1370 O  O   . HOH B 2 .   ? 15.377  -4.224  19.041  1.00 14.47 ? 452 HOH A O   1 
HETATM 1371 O  O   . HOH B 2 .   ? -11.413 17.017  -13.420 1.00 20.33 ? 453 HOH A O   1 
HETATM 1372 O  O   . HOH B 2 .   ? -0.533  -2.948  16.716  1.00 18.00 ? 454 HOH A O   1 
HETATM 1373 O  O   . HOH B 2 .   ? 4.780   -18.052 5.059   1.00 29.17 ? 455 HOH A O   1 
HETATM 1374 O  O   . HOH B 2 .   ? -14.608 8.057   -12.589 1.00 21.02 ? 456 HOH A O   1 
HETATM 1375 O  O   . HOH B 2 .   ? 6.675   16.191  -19.177 1.00 25.39 ? 457 HOH A O   1 
HETATM 1376 O  O   . HOH B 2 .   ? -12.133 4.476   8.299   1.00 29.62 ? 458 HOH A O   1 
HETATM 1377 O  O   . HOH B 2 .   ? 11.432  -8.199  -1.308  1.00 26.32 ? 459 HOH A O   1 
HETATM 1378 O  O   . HOH B 2 .   ? -0.628  19.430  -7.937  1.00 31.13 ? 460 HOH A O   1 
HETATM 1379 O  O   . HOH B 2 .   ? -6.018  -12.931 2.513   1.00 20.69 ? 461 HOH A O   1 
HETATM 1380 O  O   . HOH B 2 .   ? -2.606  1.353   -12.510 1.00 19.24 ? 462 HOH A O   1 
HETATM 1381 O  O   . HOH B 2 .   ? 9.795   -5.304  16.284  1.00 13.46 ? 463 HOH A O   1 
HETATM 1382 O  O   . HOH B 2 .   ? -7.980  -0.888  -9.102  1.00 21.03 ? 464 HOH A O   1 
HETATM 1383 O  O   . HOH B 2 .   ? 7.212   -9.906  -0.556  1.00 20.61 ? 465 HOH A O   1 
HETATM 1384 O  O   . HOH B 2 .   ? 3.616   10.276  -25.296 1.00 28.81 ? 466 HOH A O   1 
HETATM 1385 O  O   . HOH B 2 .   ? 7.587   0.150   -13.398 1.00 17.16 ? 467 HOH A O   1 
HETATM 1386 O  O   . HOH B 2 .   ? -15.106 1.241   -1.584  1.00 22.26 ? 468 HOH A O   1 
HETATM 1387 O  O   . HOH B 2 .   ? 7.453   8.187   14.775  1.00 27.73 ? 469 HOH A O   1 
HETATM 1388 O  O   . HOH B 2 .   ? -3.051  -7.051  -12.288 1.00 33.31 ? 470 HOH A O   1 
HETATM 1389 O  O   . HOH B 2 .   ? 1.186   -10.130 12.710  1.00 26.57 ? 471 HOH A O   1 
HETATM 1390 O  O   . HOH B 2 .   ? 5.419   -6.476  22.158  1.00 24.54 ? 472 HOH A O   1 
HETATM 1391 O  O   . HOH B 2 .   ? -10.639 -2.531  -11.253 1.00 23.30 ? 473 HOH A O   1 
HETATM 1392 O  O   . HOH B 2 .   ? -3.715  2.318   17.950  1.00 48.09 ? 474 HOH A O   1 
HETATM 1393 O  O   . HOH B 2 .   ? 8.724   10.822  -17.712 1.00 25.89 ? 475 HOH A O   1 
HETATM 1394 O  O   . HOH B 2 .   ? -12.266 10.600  -6.270  1.00 25.07 ? 476 HOH A O   1 
HETATM 1395 O  O   . HOH B 2 .   ? 7.277   -9.698  21.468  1.00 22.64 ? 477 HOH A O   1 
HETATM 1396 O  O   . HOH B 2 .   ? -2.735  2.885   12.551  1.00 29.80 ? 478 HOH A O   1 
HETATM 1397 O  O   . HOH B 2 .   ? -0.636  4.790   12.665  1.00 28.91 ? 479 HOH A O   1 
HETATM 1398 O  O   . HOH B 2 .   ? -14.703 5.716   -6.252  1.00 26.21 ? 480 HOH A O   1 
HETATM 1399 O  O   . HOH B 2 .   ? -7.966  -8.318  14.816  1.00 23.24 ? 481 HOH A O   1 
HETATM 1400 O  O   . HOH B 2 .   ? 11.292  -13.512 1.883   1.00 28.14 ? 482 HOH A O   1 
HETATM 1401 O  O   . HOH B 2 .   ? 17.669  -2.196  12.970  1.00 23.88 ? 483 HOH A O   1 
HETATM 1402 O  O   . HOH B 2 .   ? -13.602 7.475   -1.903  1.00 29.13 ? 484 HOH A O   1 
HETATM 1403 O  O   . HOH B 2 .   ? 4.954   -11.345 18.089  1.00 16.99 ? 485 HOH A O   1 
HETATM 1404 O  O   . HOH B 2 .   ? -16.384 -5.504  -9.806  1.00 24.88 ? 486 HOH A O   1 
HETATM 1405 O  O   . HOH B 2 .   ? -13.151 -11.708 12.609  1.00 21.30 ? 487 HOH A O   1 
HETATM 1406 O  O   . HOH B 2 .   ? -2.940  3.733   9.036   1.00 24.55 ? 488 HOH A O   1 
HETATM 1407 O  O   . HOH B 2 .   ? 6.779   4.433   -6.609  1.00 27.30 ? 489 HOH A O   1 
HETATM 1408 O  O   . HOH B 2 .   ? 8.028   -13.685 12.343  1.00 25.19 ? 490 HOH A O   1 
HETATM 1409 O  O   . HOH B 2 .   ? -7.303  -10.651 8.594   1.00 21.92 ? 491 HOH A O   1 
HETATM 1410 O  O   . HOH B 2 .   ? -3.747  -6.534  -8.552  1.00 21.09 ? 492 HOH A O   1 
HETATM 1411 O  O   . HOH B 2 .   ? 1.638   -3.012  -7.632  1.00 28.12 ? 493 HOH A O   1 
HETATM 1412 O  O   . HOH B 2 .   ? 11.769  7.133   -12.607 1.00 37.01 ? 494 HOH A O   1 
HETATM 1413 O  O   . HOH B 2 .   ? 6.212   12.281  7.922   1.00 35.07 ? 495 HOH A O   1 
HETATM 1414 O  O   . HOH B 2 .   ? 3.188   11.500  -5.970  1.00 45.42 ? 496 HOH A O   1 
HETATM 1415 O  O   . HOH B 2 .   ? 6.965   16.117  -21.863 1.00 45.57 ? 497 HOH A O   1 
HETATM 1416 O  O   . HOH B 2 .   ? 6.735   -12.075 10.738  1.00 28.47 ? 498 HOH A O   1 
HETATM 1417 O  O   . HOH B 2 .   ? -1.633  -11.213 15.113  1.00 29.91 ? 499 HOH A O   1 
HETATM 1418 O  O   . HOH B 2 .   ? -10.970 12.976  0.804   1.00 29.52 ? 500 HOH A O   1 
HETATM 1419 O  O   . HOH B 2 .   ? 3.263   -11.524 -2.252  1.00 21.36 ? 501 HOH A O   1 
HETATM 1420 O  O   . HOH B 2 .   ? 6.553   -14.698 14.227  1.00 38.36 ? 502 HOH A O   1 
HETATM 1421 O  O   . HOH B 2 .   ? 2.352   -20.745 3.030   1.00 33.99 ? 503 HOH A O   1 
HETATM 1422 O  O   . HOH B 2 .   ? 11.770  -14.620 19.381  1.00 39.78 ? 504 HOH A O   1 
HETATM 1423 O  O   . HOH B 2 .   ? -7.228  7.482   5.239   1.00 25.27 ? 505 HOH A O   1 
HETATM 1424 O  O   . HOH B 2 .   ? 2.744   -10.164 21.508  1.00 32.43 ? 506 HOH A O   1 
HETATM 1425 O  O   . HOH B 2 .   ? -6.390  -3.986  -9.160  1.00 24.90 ? 507 HOH A O   1 
HETATM 1426 O  O   . HOH B 2 .   ? 13.367  0.320   12.881  1.00 35.72 ? 508 HOH A O   1 
HETATM 1427 O  O   . HOH B 2 .   ? 10.569  -4.454  -3.588  1.00 35.16 ? 509 HOH A O   1 
HETATM 1428 O  O   . HOH B 2 .   ? 5.336   -11.826 -9.148  1.00 34.39 ? 510 HOH A O   1 
HETATM 1429 O  O   . HOH B 2 .   ? -4.848  -10.198 15.576  1.00 34.70 ? 511 HOH A O   1 
HETATM 1430 O  O   . HOH B 2 .   ? -0.790  -13.833 -1.639  1.00 36.52 ? 512 HOH A O   1 
HETATM 1431 O  O   . HOH B 2 .   ? -15.345 9.994   4.279   1.00 33.41 ? 513 HOH A O   1 
HETATM 1432 O  O   . HOH B 2 .   ? -12.911 14.462  -6.976  1.00 45.46 ? 514 HOH A O   1 
HETATM 1433 O  O   . HOH B 2 .   ? -18.218 3.918   -7.995  1.00 49.81 ? 515 HOH A O   1 
HETATM 1434 O  O   . HOH B 2 .   ? -8.542  17.942  -11.272 1.00 22.48 ? 516 HOH A O   1 
HETATM 1435 O  O   . HOH B 2 .   ? -0.518  -13.703 5.822   1.00 38.03 ? 517 HOH A O   1 
HETATM 1436 O  O   . HOH B 2 .   ? 16.651  -2.227  9.380   1.00 35.37 ? 518 HOH A O   1 
HETATM 1437 O  O   . HOH B 2 .   ? -4.634  4.238   11.301  1.00 33.18 ? 519 HOH A O   1 
HETATM 1438 O  O   . HOH B 2 .   ? 5.683   -13.487 -0.849  1.00 40.88 ? 520 HOH A O   1 
HETATM 1439 O  O   . HOH B 2 .   ? 12.184  -18.121 3.232   1.00 18.54 ? 521 HOH A O   1 
HETATM 1440 O  O   . HOH B 2 .   ? 10.031  -11.140 -4.385  1.00 52.53 ? 522 HOH A O   1 
HETATM 1441 O  O   . HOH B 2 .   ? 4.655   1.589   -8.430  1.00 26.94 ? 523 HOH A O   1 
HETATM 1442 O  O   . HOH B 2 .   ? 6.949   0.412   -9.908  1.00 23.68 ? 524 HOH A O   1 
HETATM 1443 O  O   . HOH B 2 .   ? -20.334 -3.631  -9.771  1.00 24.24 ? 525 HOH A O   1 
HETATM 1444 O  O   . HOH B 2 .   ? 9.859   -10.400 -1.310  1.00 23.22 ? 526 HOH A O   1 
HETATM 1445 O  O   . HOH B 2 .   ? -17.726 -7.180  -11.267 1.00 27.23 ? 527 HOH A O   1 
HETATM 1446 O  O   . HOH B 2 .   ? 0.285   3.523   15.028  1.00 40.60 ? 528 HOH A O   1 
HETATM 1447 O  O   . HOH B 2 .   ? 7.108   11.459  -9.836  1.00 28.14 ? 529 HOH A O   1 
HETATM 1448 O  O   . HOH B 2 .   ? -11.163 -13.490 11.923  1.00 32.06 ? 530 HOH A O   1 
HETATM 1449 O  O   . HOH B 2 .   ? 5.196   -11.047 20.706  1.00 20.79 ? 531 HOH A O   1 
HETATM 1450 O  O   . HOH B 2 .   ? 5.951   -11.309 -2.525  1.00 32.46 ? 532 HOH A O   1 
HETATM 1451 O  O   . HOH B 2 .   ? 9.166   9.433   -11.677 1.00 25.55 ? 533 HOH A O   1 
HETATM 1452 O  O   . HOH B 2 .   ? 11.486  -2.107  -2.838  1.00 27.41 ? 534 HOH A O   1 
HETATM 1453 O  O   . HOH B 2 .   ? -14.703 2.386   2.100   1.00 41.09 ? 535 HOH A O   1 
HETATM 1454 O  O   . HOH B 2 .   ? 8.819   -16.124 10.750  1.00 33.34 ? 536 HOH A O   1 
HETATM 1455 O  O   . HOH B 2 .   ? 4.012   -12.479 11.255  1.00 33.29 ? 537 HOH A O   1 
HETATM 1456 O  O   . HOH B 2 .   ? 0.968   21.242  -9.128  1.00 25.02 ? 538 HOH A O   1 
HETATM 1457 O  O   . HOH B 2 .   ? -12.477 11.341  -3.502  1.00 30.01 ? 539 HOH A O   1 
HETATM 1458 O  O   . HOH B 2 .   ? -15.541 -3.929  -11.882 1.00 38.05 ? 540 HOH A O   1 
HETATM 1459 O  O   . HOH B 2 .   ? 7.664   9.425   1.418   1.00 41.42 ? 541 HOH A O   1 
HETATM 1460 O  O   . HOH B 2 .   ? 6.679   -1.557  -15.415 1.00 42.70 ? 542 HOH A O   1 
HETATM 1461 O  O   . HOH B 2 .   ? 15.427  -0.352  8.153   1.00 56.49 ? 543 HOH A O   1 
HETATM 1462 O  O   . HOH B 2 .   ? -11.635 11.705  5.079   1.00 27.72 ? 544 HOH A O   1 
HETATM 1463 O  O   . HOH B 2 .   ? -11.385 15.642  -10.794 1.00 34.60 ? 545 HOH A O   1 
HETATM 1464 O  O   . HOH B 2 .   ? -10.474 12.241  -5.271  1.00 34.75 ? 546 HOH A O   1 
HETATM 1465 O  O   . HOH B 2 .   ? -14.812 10.226  -6.999  1.00 38.98 ? 547 HOH A O   1 
HETATM 1466 O  O   . HOH B 2 .   ? 4.501   12.507  -26.287 1.00 29.63 ? 548 HOH A O   1 
HETATM 1467 O  O   . HOH B 2 .   ? -16.385 5.951   4.014   1.00 37.66 ? 549 HOH A O   1 
HETATM 1468 O  O   . HOH B 2 .   ? -4.226  21.469  -9.171  1.00 37.02 ? 550 HOH A O   1 
HETATM 1469 O  O   . HOH B 2 .   ? -9.680  14.632  2.170   1.00 39.82 ? 551 HOH A O   1 
HETATM 1470 O  O   . HOH B 2 .   ? -17.502 2.375   -9.901  1.00 24.23 ? 552 HOH A O   1 
HETATM 1471 O  O   . HOH B 2 .   ? -1.933  -16.117 -1.763  1.00 33.96 ? 553 HOH A O   1 
HETATM 1472 O  O   . HOH B 2 .   ? 9.931   -2.808  16.767  1.00 35.21 ? 554 HOH A O   1 
HETATM 1473 O  O   . HOH B 2 .   ? 4.770   -21.045 3.958   1.00 29.94 ? 555 HOH A O   1 
HETATM 1474 O  O   . HOH B 2 .   ? 9.157   13.192  -18.799 1.00 39.03 ? 556 HOH A O   1 
HETATM 1475 O  O   . HOH B 2 .   ? -1.139  3.106   22.591  1.00 44.51 ? 557 HOH A O   1 
HETATM 1476 O  O   . HOH B 2 .   ? -4.073  -11.427 17.963  1.00 45.47 ? 558 HOH A O   1 
HETATM 1477 O  O   . HOH B 2 .   ? 9.310   -4.701  -5.919  1.00 35.32 ? 559 HOH A O   1 
HETATM 1478 O  O   . HOH B 2 .   ? -15.559 7.582   -8.354  1.00 36.68 ? 560 HOH A O   1 
HETATM 1479 O  O   . HOH B 2 .   ? -2.906  -4.359  -9.759  1.00 41.52 ? 561 HOH A O   1 
HETATM 1480 O  O   . HOH B 2 .   ? -4.012  10.603  7.250   1.00 41.74 ? 562 HOH A O   1 
HETATM 1481 O  O   . HOH B 2 .   ? -17.137 -1.510  -11.456 1.00 41.37 ? 563 HOH A O   1 
HETATM 1482 O  O   . HOH B 2 .   ? 15.938  -5.178  2.689   1.00 37.52 ? 564 HOH A O   1 
HETATM 1483 O  O   . HOH B 2 .   ? -16.064 3.016   -3.442  1.00 33.22 ? 565 HOH A O   1 
HETATM 1484 O  O   . HOH B 2 .   ? -14.477 5.757   -3.587  1.00 42.19 ? 566 HOH A O   1 
HETATM 1485 O  O   . HOH B 2 .   ? 4.707   -15.131 -6.798  1.00 32.71 ? 567 HOH A O   1 
HETATM 1486 O  O   . HOH B 2 .   ? -14.646 11.124  -10.323 1.00 40.85 ? 568 HOH A O   1 
HETATM 1487 O  O   . HOH B 2 .   ? -7.145  -12.214 -12.548 1.00 45.89 ? 569 HOH A O   1 
HETATM 1488 O  O   . HOH B 2 .   ? -14.506 -8.432  16.266  1.00 30.22 ? 570 HOH A O   1 
HETATM 1489 O  O   . HOH B 2 .   ? -1.873  7.042   13.546  1.00 33.51 ? 571 HOH A O   1 
HETATM 1490 O  O   . HOH B 2 .   ? 11.458  -12.203 -0.296  1.00 37.04 ? 572 HOH A O   1 
HETATM 1491 O  O   . HOH B 2 .   ? 3.904   13.610  -7.450  1.00 36.72 ? 573 HOH A O   1 
HETATM 1492 O  O   . HOH B 2 .   ? 16.041  -0.438  14.059  1.00 39.83 ? 574 HOH A O   1 
HETATM 1493 O  O   . HOH B 2 .   ? 7.079   -9.024  -6.572  1.00 27.80 ? 575 HOH A O   1 
HETATM 1494 O  O   . HOH B 2 .   ? -9.255  2.766   12.249  1.00 46.43 ? 576 HOH A O   1 
HETATM 1495 O  O   . HOH B 2 .   ? -1.646  -6.494  21.788  1.00 36.06 ? 577 HOH A O   1 
# 
